data_7S6R
#
_entry.id   7S6R
#
_cell.length_a   102.655
_cell.length_b   105.907
_cell.length_c   299.120
_cell.angle_alpha   90.000
_cell.angle_beta   90.000
_cell.angle_gamma   90.000
#
_symmetry.space_group_name_H-M   'P 21 21 21'
#
loop_
_entity.id
_entity.type
_entity.pdbx_description
1 polymer 'Methane monooxygenase component A alpha chain'
2 polymer 'Methane monooxygenase beta chain'
3 polymer 'Methane monooxygenase gamma chain'
4 polymer 'Methane monooxygenase regulatory protein B'
5 non-polymer 'FE (III) ION'
6 non-polymer 1,2-ETHANEDIOL
7 non-polymer 'BENZOIC ACID'
8 water water
#
loop_
_entity_poly.entity_id
_entity_poly.type
_entity_poly.pdbx_seq_one_letter_code
_entity_poly.pdbx_strand_id
1 'polypeptide(L)'
;DALKVNRAPVGVEPQEVHKWLQSFNWDFKENRTKYPTKYHMANETKEQFKVIAKEYARMEAAKDERQFGTLLDGLTRLGA
GNKVHPRWGETMKVISNFLEVGEYNAIAASAMLWDSATAAEQKNGYLAQVLDEIRHTHQCAFINHYYSKHYHDPAGHNDA
RRTRAIGPLWKGMKRVFADGFISGDAVECSVNLQLVGEACFTNPLIVAVTEWASANGDEITPTVFLSVETDELRHMANGY
QTVVSIANDPASAKFLNTDLNNAFWTQQKYFTPVLGYLFEYGSKFKVEPWVKTWNRWVYEDWGGIWIGRLGKYGVESPAS
LRDAKRDAYWAHHDLALAAYAMWPLGFARLALPDEEDQAWFEANYPGWADHYGKIFNEWKKLGYEDPKSGFIPYQWLLAN
GHDVYIDRVSQVPFIPSLAKGTGSLRVHEFNGKKHSLTDDWGERQWLIEPERYECHNVFEQYEGRELSEVIAEGHGVRSD
GKTLIAQPHTRGDNLWTLEDIKRAGCVFPDPLAKF
;
A,E
2 'polypeptide(L)'
;PQSSQVTKRGLTDPERAAIIAAAVPDHALDTQRKYHYFIQPRWKRLSEYEQLSCYAQPNPDWIAGGLDWGDWTQKFHGGR
PSWGNESTELRTTDWYRHRDPARRWHHPYVKDKSEEARYTQRFLAAYSSEGSIRTIDPYWRDEILNKYFGALLYSEYGLF
NAHSSVGRDCLSDTIRQTAVFAALDKVDNAQMIQMERLFIAKLVPGFDASTDVPKKIWTTDPIYSGARATVQEIWQGVQD
WNEILWAGHAVYDATFGQFARREFFQRLATVYGDTLTPFFTAQSQTYFQTTRGAIDDLFVYCLANDSEFGAHNRTFLNAW
TEHYLASSVAALKDFVGLYAKVEKVAGATDRAGVSEALQRVFGDWKIDYADKIGFRVDVDQKVDAVLAGYKN
;
B,F
3 'polypeptide(L)'
;AKREPIHDNSIRTEWEAKIAKLTSVDQATKFIQDFRLAYTSPFRKSYDIDVDYQYIERKIEEKLSVLKTEKLPVADLITK
ATTGEDAAAVEATWIAKIKAAKSKYEAERIHIEFRQLYKPPVLPVNVFLRTDAALGTVLMEIRNTDYYGTPLEGLRKERG
VKVLHLQA
;
C,G
4 'polypeptide(L)'
;SSAANAYNAGIMQKTGKAFADEFFAEENQVVHESNAVVLVLMKSDEIDAIIEDIVLKGGKAKNPSIVVEDKAGFWWIKAD
GAIEIDAAEAGELLGKPFSVYDLLINVSSTVGRAYTLGTKFTITSELMGLDR
;
D,H
#
loop_
_chem_comp.id
_chem_comp.type
_chem_comp.name
_chem_comp.formula
BEZ non-polymer 'BENZOIC ACID' 'C7 H6 O2'
EDO non-polymer 1,2-ETHANEDIOL 'C2 H6 O2'
FE non-polymer 'FE (III) ION' 'Fe 3'
#
# COMPACT_ATOMS: atom_id res chain seq x y z
N ASP A 1 42.68 1.01 -0.17
CA ASP A 1 43.25 0.93 -1.51
C ASP A 1 42.32 0.15 -2.44
N ALA A 2 42.89 -0.54 -3.44
CA ALA A 2 42.06 -1.31 -4.36
C ALA A 2 41.70 -2.69 -3.83
N LEU A 3 42.31 -3.14 -2.74
CA LEU A 3 41.99 -4.43 -2.13
C LEU A 3 41.23 -4.32 -0.83
N LYS A 4 41.60 -3.40 0.05
CA LYS A 4 41.07 -3.37 1.42
C LYS A 4 40.04 -2.26 1.56
N VAL A 5 38.88 -2.60 2.12
CA VAL A 5 37.84 -1.61 2.40
C VAL A 5 36.91 -2.20 3.46
N ASN A 6 36.37 -1.33 4.29
CA ASN A 6 35.33 -1.78 5.21
C ASN A 6 34.08 -2.18 4.41
N ARG A 7 33.70 -3.46 4.48
CA ARG A 7 32.50 -3.96 3.83
C ARG A 7 31.34 -4.14 4.81
N ALA A 8 31.35 -3.43 5.93
CA ALA A 8 30.18 -3.48 6.78
C ALA A 8 29.02 -2.85 6.02
N PRO A 9 27.81 -3.40 6.13
CA PRO A 9 26.66 -2.80 5.44
C PRO A 9 26.25 -1.50 6.13
N VAL A 10 26.31 -0.40 5.38
CA VAL A 10 25.87 0.88 5.91
C VAL A 10 25.02 1.58 4.87
N GLY A 11 24.10 2.40 5.34
CA GLY A 11 23.38 3.35 4.46
C GLY A 11 23.54 4.75 5.02
N VAL A 12 22.55 5.62 4.80
CA VAL A 12 22.58 6.98 5.32
C VAL A 12 21.17 7.32 5.76
N GLU A 13 20.99 7.50 7.03
CA GLU A 13 19.67 7.74 7.57
C GLU A 13 19.26 9.21 7.38
N PRO A 14 17.96 9.51 7.49
CA PRO A 14 17.52 10.88 7.14
C PRO A 14 18.16 11.93 8.01
N GLN A 15 18.37 11.64 9.31
CA GLN A 15 18.93 12.66 10.17
C GLN A 15 20.39 12.93 9.86
N GLU A 16 21.09 12.00 9.21
CA GLU A 16 22.48 12.22 8.82
C GLU A 16 22.59 13.23 7.70
N VAL A 17 21.63 13.19 6.75
CA VAL A 17 21.55 14.21 5.72
C VAL A 17 21.06 15.52 6.33
N HIS A 18 20.05 15.45 7.20
CA HIS A 18 19.37 16.65 7.66
C HIS A 18 20.32 17.59 8.38
N LYS A 19 21.29 17.05 9.12
CA LYS A 19 22.17 17.91 9.88
C LYS A 19 23.01 18.81 8.98
N TRP A 20 23.08 18.55 7.69
CA TRP A 20 23.82 19.40 6.76
C TRP A 20 22.93 20.41 6.03
N LEU A 21 21.62 20.33 6.22
CA LEU A 21 20.69 21.20 5.47
C LEU A 21 20.91 22.66 5.80
N GLN A 22 21.20 22.98 7.08
CA GLN A 22 21.36 24.38 7.44
C GLN A 22 22.46 25.02 6.61
N SER A 23 23.49 24.25 6.26
CA SER A 23 24.60 24.76 5.45
C SER A 23 24.27 24.90 3.96
N PHE A 24 23.08 24.48 3.51
CA PHE A 24 22.77 24.61 2.09
C PHE A 24 22.48 26.03 1.66
N ASN A 25 22.19 26.91 2.61
CA ASN A 25 21.94 28.28 2.17
C ASN A 25 23.27 29.01 2.00
N TRP A 26 23.27 30.08 1.20
CA TRP A 26 24.46 30.91 1.11
C TRP A 26 24.06 32.38 1.13
N ASP A 27 25.04 33.23 1.43
CA ASP A 27 24.80 34.66 1.64
C ASP A 27 24.94 35.44 0.34
N PHE A 28 23.92 36.23 0.05
CA PHE A 28 24.00 37.22 -1.02
C PHE A 28 22.98 38.30 -0.71
N LYS A 29 23.20 39.48 -1.30
CA LYS A 29 22.48 40.66 -0.85
C LYS A 29 20.98 40.50 -1.11
N GLU A 30 20.62 39.86 -2.21
CA GLU A 30 19.22 39.75 -2.57
C GLU A 30 18.51 38.61 -1.85
N ASN A 31 19.19 37.90 -0.95
CA ASN A 31 18.59 36.71 -0.34
C ASN A 31 17.68 37.13 0.81
N ARG A 32 16.42 37.42 0.49
CA ARG A 32 15.43 37.82 1.48
C ARG A 32 14.05 37.65 0.86
N THR A 33 13.03 37.65 1.72
CA THR A 33 11.67 37.36 1.27
C THR A 33 11.19 38.41 0.26
N LYS A 34 10.26 37.98 -0.61
CA LYS A 34 9.63 38.86 -1.58
C LYS A 34 8.39 39.55 -1.04
N TYR A 35 7.87 39.10 0.07
CA TYR A 35 6.53 39.49 0.50
C TYR A 35 6.58 40.58 1.57
N PRO A 36 5.61 41.49 1.58
CA PRO A 36 5.58 42.52 2.63
C PRO A 36 5.40 41.90 4.00
N THR A 37 6.21 42.33 4.96
CA THR A 37 6.02 41.85 6.32
C THR A 37 6.45 42.91 7.32
N LYS A 38 5.89 42.83 8.52
CA LYS A 38 6.27 43.70 9.63
C LYS A 38 7.41 43.09 10.45
N TYR A 39 7.69 41.81 10.24
CA TYR A 39 8.51 41.01 11.14
C TYR A 39 9.86 40.79 10.48
N HIS A 40 10.89 41.37 11.07
CA HIS A 40 12.22 41.39 10.47
C HIS A 40 13.25 40.83 11.43
N MET A 41 12.82 40.20 12.52
CA MET A 41 13.71 39.70 13.57
C MET A 41 14.44 38.44 13.11
N ALA A 42 15.53 38.14 13.83
CA ALA A 42 16.29 36.91 13.58
C ALA A 42 15.41 35.69 13.79
N ASN A 43 15.53 34.72 12.87
CA ASN A 43 14.62 33.58 12.87
C ASN A 43 15.37 32.34 12.38
N GLU A 44 16.58 32.11 12.91
CA GLU A 44 17.43 30.99 12.50
C GLU A 44 17.14 29.76 13.36
N THR A 45 15.96 29.18 13.13
CA THR A 45 15.42 28.18 14.03
C THR A 45 15.68 26.77 13.48
N LYS A 46 15.51 25.78 14.34
CA LYS A 46 15.75 24.39 13.95
C LYS A 46 14.43 23.67 13.70
N GLU A 47 14.40 22.87 12.66
CA GLU A 47 13.22 22.07 12.35
C GLU A 47 13.09 20.93 13.37
N GLN A 48 11.90 20.77 13.95
CA GLN A 48 11.69 19.82 15.04
C GLN A 48 11.53 18.38 14.59
N PHE A 49 11.19 18.16 13.31
CA PHE A 49 11.21 16.83 12.71
C PHE A 49 12.19 16.88 11.55
N LYS A 50 13.17 15.98 11.56
CA LYS A 50 14.24 16.04 10.57
C LYS A 50 13.80 15.27 9.33
N VAL A 51 12.95 15.89 8.52
CA VAL A 51 12.50 15.25 7.30
C VAL A 51 13.39 15.68 6.14
N ILE A 52 13.70 14.72 5.27
CA ILE A 52 14.25 15.00 3.94
C ILE A 52 13.24 14.45 2.95
N ALA A 53 13.46 14.76 1.68
CA ALA A 53 12.43 14.52 0.66
C ALA A 53 12.10 13.05 0.55
N LYS A 54 13.12 12.18 0.52
CA LYS A 54 12.86 10.75 0.39
C LYS A 54 12.02 10.23 1.55
N GLU A 55 12.38 10.65 2.77
CA GLU A 55 11.65 10.18 3.96
C GLU A 55 10.26 10.81 4.05
N TYR A 56 10.14 12.09 3.65
CA TYR A 56 8.81 12.67 3.52
C TYR A 56 7.91 11.77 2.67
N ALA A 57 8.39 11.39 1.50
CA ALA A 57 7.57 10.59 0.60
C ALA A 57 7.31 9.22 1.18
N ARG A 58 8.32 8.61 1.82
CA ARG A 58 8.12 7.27 2.40
C ARG A 58 7.04 7.30 3.48
N MET A 59 7.10 8.29 4.36
CA MET A 59 6.11 8.40 5.43
C MET A 59 4.71 8.59 4.88
N GLU A 60 4.56 9.52 3.93
CA GLU A 60 3.23 9.85 3.47
C GLU A 60 2.65 8.73 2.63
N ALA A 61 3.49 8.07 1.82
CA ALA A 61 2.97 6.97 1.01
C ALA A 61 2.48 5.82 1.89
N ALA A 62 3.17 5.57 3.02
CA ALA A 62 2.72 4.51 3.92
C ALA A 62 1.35 4.83 4.49
N LYS A 63 1.13 6.09 4.90
CA LYS A 63 -0.22 6.51 5.35
C LYS A 63 -1.26 6.26 4.26
N ASP A 64 -0.97 6.70 3.02
CA ASP A 64 -1.92 6.58 1.91
C ASP A 64 -2.32 5.12 1.67
N GLU A 65 -1.34 4.20 1.67
CA GLU A 65 -1.66 2.84 1.27
C GLU A 65 -2.72 2.23 2.19
N ARG A 66 -2.58 2.48 3.49
CA ARG A 66 -3.53 2.01 4.47
C ARG A 66 -4.89 2.67 4.26
N GLN A 67 -4.88 3.99 4.10
CA GLN A 67 -6.09 4.75 3.87
C GLN A 67 -6.86 4.26 2.65
N PHE A 68 -6.18 4.16 1.52
CA PHE A 68 -6.87 3.75 0.31
C PHE A 68 -7.20 2.27 0.31
N GLY A 69 -6.41 1.45 1.01
CA GLY A 69 -6.86 0.08 1.23
C GLY A 69 -8.23 0.06 1.93
N THR A 70 -8.36 0.69 3.09
CA THR A 70 -9.65 0.74 3.79
C THR A 70 -10.78 1.23 2.89
N LEU A 71 -10.54 2.27 2.10
CA LEU A 71 -11.62 2.86 1.29
C LEU A 71 -11.98 1.97 0.10
N LEU A 72 -11.00 1.69 -0.76
CA LEU A 72 -11.31 1.04 -2.02
C LEU A 72 -11.60 -0.43 -1.87
N ASP A 73 -11.12 -1.04 -0.80
CA ASP A 73 -11.26 -2.49 -0.63
C ASP A 73 -12.29 -2.74 0.46
N GLY A 74 -11.88 -2.60 1.72
CA GLY A 74 -12.76 -2.94 2.84
C GLY A 74 -14.11 -2.22 2.87
N LEU A 75 -14.10 -0.89 2.99
CA LEU A 75 -15.38 -0.21 3.11
C LEU A 75 -16.25 -0.37 1.87
N THR A 76 -15.63 -0.50 0.68
CA THR A 76 -16.45 -0.70 -0.50
C THR A 76 -17.14 -2.06 -0.45
N ARG A 77 -16.42 -3.11 -0.08
CA ARG A 77 -17.06 -4.41 0.01
C ARG A 77 -18.18 -4.43 1.07
N LEU A 78 -18.08 -3.59 2.10
CA LEU A 78 -19.17 -3.50 3.07
C LEU A 78 -20.34 -2.60 2.60
N GLY A 79 -20.21 -1.93 1.46
CA GLY A 79 -21.27 -1.00 1.08
C GLY A 79 -21.36 0.19 2.02
N ALA A 80 -20.24 0.56 2.67
CA ALA A 80 -20.30 1.58 3.71
C ALA A 80 -20.73 2.94 3.17
N GLY A 81 -20.46 3.20 1.88
CA GLY A 81 -20.73 4.51 1.30
C GLY A 81 -22.20 4.91 1.33
N ASN A 82 -23.10 3.96 1.52
CA ASN A 82 -24.53 4.27 1.57
C ASN A 82 -25.14 3.89 2.91
N LYS A 83 -24.31 3.67 3.93
CA LYS A 83 -24.78 3.38 5.29
C LYS A 83 -24.71 4.61 6.18
N VAL A 84 -24.63 5.79 5.58
CA VAL A 84 -24.55 7.08 6.28
C VAL A 84 -25.95 7.66 6.47
N HIS A 85 -26.24 8.21 7.64
CA HIS A 85 -27.50 8.93 7.77
C HIS A 85 -27.56 10.07 6.75
N PRO A 86 -28.66 10.23 6.02
CA PRO A 86 -28.72 11.33 5.01
C PRO A 86 -28.31 12.71 5.52
N ARG A 87 -28.70 13.13 6.72
CA ARG A 87 -28.25 14.44 7.16
C ARG A 87 -26.72 14.52 7.13
N TRP A 88 -26.04 13.45 7.59
CA TRP A 88 -24.58 13.51 7.67
C TRP A 88 -23.96 13.42 6.28
N GLY A 89 -24.46 12.53 5.41
CA GLY A 89 -23.93 12.51 4.05
C GLY A 89 -24.07 13.86 3.35
N GLU A 90 -25.14 14.60 3.66
CA GLU A 90 -25.30 15.95 3.10
C GLU A 90 -24.32 16.92 3.73
N THR A 91 -24.11 16.80 5.04
CA THR A 91 -23.17 17.66 5.74
C THR A 91 -21.76 17.50 5.17
N MET A 92 -21.38 16.28 4.76
CA MET A 92 -20.03 16.10 4.23
C MET A 92 -19.83 16.76 2.86
N LYS A 93 -20.88 16.96 2.06
CA LYS A 93 -20.73 17.78 0.85
C LYS A 93 -20.10 19.12 1.19
N VAL A 94 -20.57 19.73 2.27
CA VAL A 94 -20.10 21.04 2.69
C VAL A 94 -18.78 20.93 3.46
N ILE A 95 -18.73 20.10 4.52
CA ILE A 95 -17.52 20.06 5.33
C ILE A 95 -16.31 19.73 4.46
N SER A 96 -16.42 18.71 3.63
CA SER A 96 -15.21 18.29 2.92
C SER A 96 -14.84 19.28 1.83
N ASN A 97 -15.83 19.81 1.09
CA ASN A 97 -15.44 20.69 0.01
C ASN A 97 -15.02 22.06 0.54
N PHE A 98 -15.68 22.55 1.60
CA PHE A 98 -15.20 23.78 2.23
C PHE A 98 -13.81 23.61 2.84
N LEU A 99 -13.60 22.52 3.61
CA LEU A 99 -12.25 22.25 4.10
C LEU A 99 -11.25 22.16 2.95
N GLU A 100 -11.67 21.60 1.80
CA GLU A 100 -10.79 21.51 0.66
C GLU A 100 -10.16 22.86 0.30
N VAL A 101 -10.96 23.94 0.27
CA VAL A 101 -10.40 25.23 -0.11
C VAL A 101 -9.49 25.78 1.00
N GLY A 102 -9.82 25.47 2.26
CA GLY A 102 -8.92 25.79 3.36
C GLY A 102 -7.57 25.13 3.17
N GLU A 103 -7.56 23.84 2.86
CA GLU A 103 -6.29 23.15 2.59
C GLU A 103 -5.61 23.72 1.37
N TYR A 104 -6.39 24.04 0.33
CA TYR A 104 -5.79 24.60 -0.88
C TYR A 104 -5.15 25.95 -0.59
N ASN A 105 -5.84 26.82 0.16
CA ASN A 105 -5.20 28.07 0.53
C ASN A 105 -4.02 27.86 1.48
N ALA A 106 -4.02 26.76 2.23
CA ALA A 106 -2.89 26.53 3.10
C ALA A 106 -1.65 26.14 2.32
N ILE A 107 -1.79 25.60 1.11
CA ILE A 107 -0.62 25.38 0.26
C ILE A 107 0.06 26.72 0.02
N ALA A 108 -0.72 27.69 -0.41
CA ALA A 108 -0.18 29.02 -0.74
C ALA A 108 0.34 29.74 0.49
N ALA A 109 -0.41 29.71 1.62
CA ALA A 109 0.10 30.33 2.85
C ALA A 109 1.41 29.68 3.28
N SER A 110 1.52 28.37 3.16
CA SER A 110 2.77 27.72 3.58
C SER A 110 3.90 28.08 2.63
N ALA A 111 3.58 28.33 1.35
CA ALA A 111 4.60 28.81 0.42
C ALA A 111 5.10 30.20 0.80
N MET A 112 4.21 31.06 1.32
CA MET A 112 4.63 32.34 1.87
C MET A 112 5.54 32.16 3.08
N LEU A 113 5.24 31.18 3.95
CA LEU A 113 6.11 30.94 5.09
C LEU A 113 7.46 30.38 4.66
N TRP A 114 7.44 29.50 3.65
CA TRP A 114 8.67 29.07 2.98
C TRP A 114 9.47 30.25 2.45
N ASP A 115 8.81 31.15 1.70
CA ASP A 115 9.50 32.30 1.14
C ASP A 115 10.06 33.22 2.23
N SER A 116 9.28 33.51 3.28
CA SER A 116 9.79 34.43 4.29
C SER A 116 10.71 33.77 5.33
N ALA A 117 10.83 32.45 5.35
CA ALA A 117 11.80 31.82 6.23
C ALA A 117 13.22 32.16 5.79
N THR A 118 14.14 32.21 6.74
CA THR A 118 15.54 32.50 6.45
C THR A 118 16.48 31.35 6.73
N ALA A 119 16.09 30.41 7.58
CA ALA A 119 16.87 29.21 7.87
C ALA A 119 16.50 28.12 6.88
N ALA A 120 17.52 27.52 6.26
CA ALA A 120 17.29 26.40 5.34
C ALA A 120 16.43 25.32 5.97
N GLU A 121 16.63 25.04 7.28
CA GLU A 121 15.84 23.99 7.92
C GLU A 121 14.36 24.36 7.93
N GLN A 122 14.07 25.64 8.10
CA GLN A 122 12.67 26.04 8.12
C GLN A 122 12.11 26.15 6.72
N LYS A 123 12.94 26.54 5.75
CA LYS A 123 12.50 26.45 4.35
C LYS A 123 12.21 25.00 3.98
N ASN A 124 13.04 24.08 4.47
CA ASN A 124 12.80 22.67 4.24
C ASN A 124 11.48 22.23 4.86
N GLY A 125 11.24 22.62 6.12
CA GLY A 125 10.02 22.23 6.79
C GLY A 125 8.78 22.80 6.14
N TYR A 126 8.84 24.05 5.71
CA TYR A 126 7.63 24.62 5.11
C TYR A 126 7.34 23.97 3.78
N LEU A 127 8.36 23.51 3.05
CA LEU A 127 8.10 22.77 1.83
C LEU A 127 7.33 21.48 2.12
N ALA A 128 7.78 20.71 3.13
CA ALA A 128 7.05 19.52 3.54
C ALA A 128 5.59 19.87 3.85
N GLN A 129 5.37 20.99 4.54
CA GLN A 129 4.01 21.45 4.82
C GLN A 129 3.24 21.78 3.54
N VAL A 130 3.88 22.54 2.64
CA VAL A 130 3.25 22.83 1.35
C VAL A 130 2.79 21.53 0.70
N LEU A 131 3.66 20.52 0.70
CA LEU A 131 3.29 19.22 0.15
C LEU A 131 2.10 18.62 0.87
N ASP A 132 2.12 18.64 2.21
CA ASP A 132 1.00 18.08 2.99
C ASP A 132 -0.30 18.77 2.64
N GLU A 133 -0.28 20.09 2.49
CA GLU A 133 -1.53 20.78 2.18
C GLU A 133 -2.08 20.39 0.80
N ILE A 134 -1.20 20.06 -0.15
CA ILE A 134 -1.67 19.46 -1.41
C ILE A 134 -2.26 18.08 -1.14
N ARG A 135 -1.55 17.28 -0.33
CA ARG A 135 -2.11 16.00 0.09
C ARG A 135 -3.52 16.17 0.67
N HIS A 136 -3.71 17.16 1.54
CA HIS A 136 -5.01 17.30 2.18
C HIS A 136 -6.08 17.79 1.20
N THR A 137 -5.70 18.68 0.27
CA THR A 137 -6.63 19.03 -0.79
C THR A 137 -7.13 17.78 -1.52
N HIS A 138 -6.22 16.88 -1.87
CA HIS A 138 -6.66 15.71 -2.65
C HIS A 138 -7.43 14.71 -1.79
N GLN A 139 -7.13 14.65 -0.49
CA GLN A 139 -7.90 13.84 0.44
C GLN A 139 -9.34 14.35 0.57
N CYS A 140 -9.51 15.67 0.73
CA CYS A 140 -10.89 16.19 0.82
C CYS A 140 -11.64 15.92 -0.46
N ALA A 141 -10.98 16.12 -1.60
CA ALA A 141 -11.60 15.79 -2.87
C ALA A 141 -11.95 14.31 -2.95
N PHE A 142 -11.05 13.44 -2.43
CA PHE A 142 -11.31 12.01 -2.53
C PHE A 142 -12.52 11.62 -1.71
N ILE A 143 -12.75 12.27 -0.58
CA ILE A 143 -13.97 11.99 0.17
C ILE A 143 -15.20 12.25 -0.70
N ASN A 144 -15.26 13.43 -1.32
CA ASN A 144 -16.46 13.71 -2.09
C ASN A 144 -16.52 12.86 -3.36
N HIS A 145 -15.36 12.54 -3.91
CA HIS A 145 -15.28 11.62 -5.06
C HIS A 145 -15.84 10.25 -4.70
N TYR A 146 -15.54 9.79 -3.51
CA TYR A 146 -16.02 8.48 -3.07
C TYR A 146 -17.52 8.52 -2.80
N TYR A 147 -17.97 9.55 -2.09
CA TYR A 147 -19.41 9.74 -1.90
C TYR A 147 -20.13 9.81 -3.24
N SER A 148 -19.55 10.50 -4.23
CA SER A 148 -20.19 10.58 -5.55
C SER A 148 -20.45 9.20 -6.12
N LYS A 149 -19.49 8.28 -5.92
CA LYS A 149 -19.60 6.92 -6.46
C LYS A 149 -20.53 6.05 -5.63
N HIS A 150 -20.59 6.23 -4.31
CA HIS A 150 -21.19 5.20 -3.48
C HIS A 150 -22.39 5.62 -2.65
N TYR A 151 -22.73 6.90 -2.59
CA TYR A 151 -23.76 7.40 -1.69
C TYR A 151 -25.04 7.74 -2.48
N HIS A 152 -26.18 7.68 -1.80
CA HIS A 152 -27.44 7.71 -2.54
C HIS A 152 -27.71 9.06 -3.18
N ASP A 153 -27.01 10.14 -2.78
CA ASP A 153 -27.14 11.43 -3.47
C ASP A 153 -25.80 12.04 -3.89
N PRO A 154 -25.34 11.74 -5.11
CA PRO A 154 -24.07 12.31 -5.59
C PRO A 154 -24.13 13.78 -5.96
N ALA A 155 -25.31 14.34 -6.21
CA ALA A 155 -25.38 15.73 -6.62
C ALA A 155 -24.88 16.62 -5.49
N GLY A 156 -23.95 17.52 -5.77
CA GLY A 156 -23.42 18.35 -4.71
C GLY A 156 -22.17 17.78 -4.05
N HIS A 157 -22.07 16.45 -3.93
CA HIS A 157 -20.76 15.82 -3.77
C HIS A 157 -19.97 15.89 -5.07
N ASN A 158 -20.67 15.90 -6.22
CA ASN A 158 -19.99 15.75 -7.51
C ASN A 158 -19.67 17.07 -8.23
N ASP A 159 -20.00 18.24 -7.65
CA ASP A 159 -19.75 19.47 -8.41
C ASP A 159 -19.63 20.73 -7.56
N ALA A 160 -19.22 20.59 -6.29
CA ALA A 160 -19.22 21.73 -5.39
C ALA A 160 -18.25 22.82 -5.84
N ARG A 161 -17.19 22.47 -6.57
CA ARG A 161 -16.26 23.50 -7.00
C ARG A 161 -16.88 24.52 -7.96
N ARG A 162 -18.03 24.22 -8.57
CA ARG A 162 -18.82 25.31 -9.14
C ARG A 162 -20.08 25.60 -8.34
N THR A 163 -20.80 24.60 -7.81
CA THR A 163 -22.10 24.93 -7.23
C THR A 163 -21.97 25.67 -5.91
N ARG A 164 -20.80 25.63 -5.26
CA ARG A 164 -20.63 26.43 -4.06
C ARG A 164 -20.75 27.92 -4.33
N ALA A 165 -20.47 28.38 -5.56
CA ALA A 165 -20.47 29.81 -5.83
C ALA A 165 -21.86 30.43 -5.72
N ILE A 166 -22.91 29.61 -5.69
CA ILE A 166 -24.27 30.16 -5.67
C ILE A 166 -24.56 30.82 -4.32
N GLY A 167 -24.08 30.22 -3.23
CA GLY A 167 -24.62 30.54 -1.93
C GLY A 167 -23.75 31.43 -1.07
N PRO A 168 -24.40 32.01 -0.06
CA PRO A 168 -23.72 32.98 0.81
C PRO A 168 -22.82 32.35 1.89
N LEU A 169 -23.03 31.11 2.31
CA LEU A 169 -22.12 30.54 3.31
C LEU A 169 -20.74 30.30 2.73
N TRP A 170 -20.66 30.08 1.40
CA TRP A 170 -19.36 29.92 0.77
C TRP A 170 -18.51 31.19 0.87
N LYS A 171 -19.12 32.38 0.75
CA LYS A 171 -18.35 33.62 0.82
C LYS A 171 -17.48 33.67 2.09
N GLY A 172 -18.06 33.37 3.25
CA GLY A 172 -17.26 33.45 4.46
C GLY A 172 -16.20 32.36 4.53
N MET A 173 -16.42 31.24 3.82
CA MET A 173 -15.41 30.19 3.83
C MET A 173 -14.16 30.64 3.08
N LYS A 174 -14.33 31.48 2.07
CA LYS A 174 -13.18 32.02 1.38
C LYS A 174 -12.37 32.98 2.23
N ARG A 175 -12.93 33.49 3.31
CA ARG A 175 -12.08 34.28 4.19
C ARG A 175 -11.46 33.43 5.32
N VAL A 176 -12.29 32.63 6.00
CA VAL A 176 -11.97 32.13 7.35
C VAL A 176 -10.62 31.42 7.37
N PHE A 177 -10.40 30.49 6.44
CA PHE A 177 -9.19 29.70 6.40
C PHE A 177 -8.56 29.81 5.02
N ALA A 178 -8.70 30.97 4.37
CA ALA A 178 -8.35 31.14 2.96
C ALA A 178 -7.73 32.52 2.70
N ASP A 179 -8.54 33.49 2.22
CA ASP A 179 -8.02 34.85 2.08
C ASP A 179 -7.36 35.33 3.36
N GLY A 180 -7.95 35.01 4.52
CA GLY A 180 -7.40 35.46 5.79
C GLY A 180 -6.01 34.91 6.12
N PHE A 181 -5.60 33.82 5.49
CA PHE A 181 -4.20 33.41 5.59
C PHE A 181 -3.32 34.12 4.54
N ILE A 182 -3.69 34.00 3.26
CA ILE A 182 -2.74 34.28 2.18
C ILE A 182 -2.67 35.76 1.77
N SER A 183 -3.62 36.59 2.20
CA SER A 183 -3.65 38.00 1.79
C SER A 183 -3.29 38.86 3.00
N GLY A 184 -1.99 38.98 3.25
CA GLY A 184 -1.51 39.68 4.42
C GLY A 184 -0.03 39.42 4.62
N ASP A 185 0.42 39.85 5.78
CA ASP A 185 1.82 39.67 6.21
C ASP A 185 2.22 38.19 6.20
N ALA A 186 3.30 37.86 5.49
CA ALA A 186 3.70 36.46 5.28
C ALA A 186 4.28 35.83 6.54
N VAL A 187 5.08 36.59 7.30
CA VAL A 187 5.59 36.05 8.54
C VAL A 187 4.46 35.89 9.55
N GLU A 188 3.44 36.76 9.46
CA GLU A 188 2.24 36.66 10.28
C GLU A 188 1.49 35.36 10.11
N CYS A 189 1.67 34.65 8.98
CA CYS A 189 1.04 33.33 8.82
C CYS A 189 1.44 32.37 9.95
N SER A 190 2.61 32.54 10.54
CA SER A 190 2.94 31.70 11.69
C SER A 190 1.99 31.95 12.86
N VAL A 191 1.36 33.12 12.90
CA VAL A 191 0.33 33.42 13.89
C VAL A 191 -1.05 33.00 13.39
N ASN A 192 -1.47 33.43 12.18
CA ASN A 192 -2.89 33.19 11.83
C ASN A 192 -3.14 31.77 11.33
N LEU A 193 -2.43 31.33 10.28
CA LEU A 193 -2.54 29.94 9.82
C LEU A 193 -2.19 28.95 10.93
N GLN A 194 -1.07 29.16 11.61
CA GLN A 194 -0.50 28.07 12.42
C GLN A 194 -0.86 28.16 13.90
N LEU A 195 -0.48 29.23 14.58
CA LEU A 195 -0.78 29.34 16.01
C LEU A 195 -2.28 29.30 16.26
N VAL A 196 -3.07 29.93 15.39
CA VAL A 196 -4.53 29.90 15.54
C VAL A 196 -5.13 28.80 14.68
N GLY A 197 -4.97 28.87 13.36
CA GLY A 197 -5.67 27.93 12.49
C GLY A 197 -5.36 26.46 12.76
N GLU A 198 -4.09 26.09 12.69
CA GLU A 198 -3.73 24.69 12.85
C GLU A 198 -3.78 24.26 14.32
N ALA A 199 -3.21 25.07 15.22
CA ALA A 199 -3.09 24.63 16.62
C ALA A 199 -4.43 24.71 17.37
N CYS A 200 -5.33 25.61 16.95
CA CYS A 200 -6.65 25.70 17.57
C CYS A 200 -7.74 25.01 16.78
N PHE A 201 -8.00 25.45 15.56
CA PHE A 201 -9.28 25.10 14.94
C PHE A 201 -9.26 23.79 14.15
N THR A 202 -8.11 23.35 13.63
CA THR A 202 -8.13 22.06 12.93
C THR A 202 -8.58 20.92 13.84
N ASN A 203 -8.33 20.98 15.17
CA ASN A 203 -8.73 19.85 16.02
C ASN A 203 -10.24 19.63 16.01
N PRO A 204 -11.08 20.62 16.33
CA PRO A 204 -12.52 20.36 16.21
C PRO A 204 -12.93 20.13 14.77
N LEU A 205 -12.35 20.88 13.82
CA LEU A 205 -12.79 20.81 12.43
C LEU A 205 -12.45 19.47 11.77
N ILE A 206 -11.32 18.85 12.12
CA ILE A 206 -10.82 17.69 11.39
C ILE A 206 -10.81 16.45 12.29
N VAL A 207 -10.56 16.61 13.57
CA VAL A 207 -10.50 15.43 14.45
C VAL A 207 -11.84 15.16 15.14
N ALA A 208 -12.38 16.17 15.82
CA ALA A 208 -13.58 15.91 16.61
C ALA A 208 -14.74 15.53 15.72
N VAL A 209 -14.79 16.09 14.49
CA VAL A 209 -15.82 15.75 13.52
C VAL A 209 -15.86 14.27 13.18
N THR A 210 -14.72 13.54 13.23
CA THR A 210 -14.74 12.12 12.86
C THR A 210 -15.64 11.31 13.79
N GLU A 211 -15.78 11.76 15.03
CA GLU A 211 -16.69 11.09 15.95
C GLU A 211 -18.14 11.32 15.54
N TRP A 212 -18.43 12.52 15.02
CA TRP A 212 -19.79 12.75 14.53
C TRP A 212 -20.06 11.94 13.27
N ALA A 213 -19.08 11.88 12.36
CA ALA A 213 -19.20 10.99 11.21
C ALA A 213 -19.53 9.57 11.67
N SER A 214 -18.69 9.02 12.58
CA SER A 214 -18.88 7.65 13.04
C SER A 214 -20.24 7.47 13.65
N ALA A 215 -20.65 8.39 14.50
CA ALA A 215 -21.98 8.27 15.13
C ALA A 215 -23.08 8.18 14.08
N ASN A 216 -22.90 8.86 12.94
CA ASN A 216 -23.92 8.91 11.91
C ASN A 216 -23.65 7.94 10.77
N GLY A 217 -22.79 6.94 10.99
CA GLY A 217 -22.64 5.86 10.04
C GLY A 217 -21.57 6.04 9.01
N ASP A 218 -20.78 7.11 9.08
CA ASP A 218 -19.81 7.46 8.05
C ASP A 218 -18.44 7.03 8.56
N GLU A 219 -17.89 5.97 7.98
CA GLU A 219 -16.53 5.52 8.31
C GLU A 219 -15.55 5.92 7.23
N ILE A 220 -16.04 6.56 6.16
CA ILE A 220 -15.16 7.12 5.13
C ILE A 220 -14.39 8.31 5.69
N THR A 221 -15.13 9.31 6.20
CA THR A 221 -14.49 10.51 6.73
C THR A 221 -13.46 10.22 7.83
N PRO A 222 -13.73 9.36 8.82
CA PRO A 222 -12.66 9.07 9.81
C PRO A 222 -11.42 8.50 9.15
N THR A 223 -11.59 7.59 8.19
CA THR A 223 -10.45 6.98 7.51
C THR A 223 -9.52 8.04 6.91
N VAL A 224 -10.09 9.09 6.32
CA VAL A 224 -9.27 10.10 5.65
C VAL A 224 -8.84 11.20 6.62
N PHE A 225 -9.81 11.82 7.33
CA PHE A 225 -9.54 13.01 8.14
C PHE A 225 -8.51 12.75 9.22
N LEU A 226 -8.55 11.57 9.83
CA LEU A 226 -7.60 11.26 10.89
C LEU A 226 -6.19 11.17 10.32
N SER A 227 -6.06 10.74 9.06
CA SER A 227 -4.77 10.74 8.40
C SER A 227 -4.34 12.15 8.05
N VAL A 228 -5.27 12.98 7.56
CA VAL A 228 -5.01 14.40 7.32
C VAL A 228 -4.32 15.01 8.53
N GLU A 229 -4.91 14.86 9.71
CA GLU A 229 -4.41 15.63 10.84
C GLU A 229 -3.05 15.13 11.31
N THR A 230 -2.67 13.86 11.01
CA THR A 230 -1.31 13.40 11.36
C THR A 230 -0.23 14.35 10.85
N ASP A 231 -0.48 15.03 9.73
CA ASP A 231 0.50 15.97 9.20
C ASP A 231 0.56 17.24 10.02
N GLU A 232 -0.48 17.53 10.81
CA GLU A 232 -0.62 18.85 11.42
C GLU A 232 0.38 19.07 12.55
N LEU A 233 0.81 18.02 13.23
CA LEU A 233 1.75 18.26 14.32
C LEU A 233 3.05 18.84 13.82
N ARG A 234 3.51 18.44 12.63
CA ARG A 234 4.64 19.10 12.01
C ARG A 234 4.32 20.55 11.69
N HIS A 235 3.13 20.83 11.15
CA HIS A 235 2.79 22.21 10.80
C HIS A 235 2.80 23.09 12.05
N MET A 236 2.06 22.69 13.09
CA MET A 236 2.03 23.47 14.34
C MET A 236 3.46 23.72 14.86
N ALA A 237 4.33 22.72 14.79
CA ALA A 237 5.68 22.89 15.32
C ALA A 237 6.49 23.88 14.50
N ASN A 238 6.27 23.92 13.19
CA ASN A 238 6.96 24.90 12.34
C ASN A 238 6.63 26.32 12.79
N GLY A 239 5.34 26.61 12.96
CA GLY A 239 4.95 27.95 13.34
C GLY A 239 5.34 28.32 14.76
N TYR A 240 5.32 27.34 15.68
CA TYR A 240 5.72 27.67 17.04
C TYR A 240 7.13 28.23 17.06
N GLN A 241 8.03 27.65 16.27
CA GLN A 241 9.42 28.11 16.21
C GLN A 241 9.51 29.60 15.87
N THR A 242 8.74 30.03 14.86
CA THR A 242 8.73 31.43 14.48
C THR A 242 8.09 32.30 15.56
N VAL A 243 6.97 31.86 16.12
CA VAL A 243 6.37 32.60 17.23
C VAL A 243 7.40 32.89 18.32
N VAL A 244 8.24 31.89 18.65
CA VAL A 244 9.29 32.11 19.65
C VAL A 244 10.21 33.26 19.23
N SER A 245 10.73 33.19 18.00
CA SER A 245 11.60 34.26 17.50
C SER A 245 10.93 35.63 17.59
N ILE A 246 9.62 35.69 17.29
CA ILE A 246 8.89 36.95 17.42
C ILE A 246 8.86 37.40 18.87
N ALA A 247 8.45 36.49 19.77
CA ALA A 247 8.33 36.87 21.17
C ALA A 247 9.67 37.35 21.72
N ASN A 248 10.78 36.74 21.29
CA ASN A 248 12.07 37.09 21.86
C ASN A 248 12.62 38.42 21.36
N ASP A 249 12.08 38.96 20.27
CA ASP A 249 12.53 40.24 19.75
C ASP A 249 11.59 41.35 20.19
N PRO A 250 12.05 42.33 20.98
CA PRO A 250 11.10 43.34 21.50
C PRO A 250 10.39 44.14 20.40
N ALA A 251 11.06 44.44 19.28
CA ALA A 251 10.43 45.20 18.22
C ALA A 251 9.37 44.38 17.49
N SER A 252 9.62 43.09 17.30
CA SER A 252 8.61 42.28 16.64
C SER A 252 7.51 41.84 17.59
N ALA A 253 7.82 41.68 18.88
CA ALA A 253 6.79 41.25 19.82
C ALA A 253 5.72 42.30 20.04
N LYS A 254 6.00 43.58 19.75
CA LYS A 254 4.96 44.58 19.92
C LYS A 254 3.86 44.51 18.83
N PHE A 255 3.96 43.62 17.83
CA PHE A 255 2.89 43.40 16.84
C PHE A 255 2.05 42.15 17.13
N LEU A 256 2.53 41.25 18.00
CA LEU A 256 2.04 39.88 18.03
C LEU A 256 0.64 39.80 18.63
N ASN A 257 0.37 40.53 19.71
CA ASN A 257 -0.93 40.39 20.36
C ASN A 257 -2.05 40.92 19.49
N THR A 258 -1.79 41.97 18.70
CA THR A 258 -2.83 42.49 17.83
C THR A 258 -3.08 41.54 16.67
N ASP A 259 -2.00 40.96 16.12
CA ASP A 259 -2.16 39.97 15.07
C ASP A 259 -2.87 38.71 15.59
N LEU A 260 -2.51 38.26 16.79
CA LEU A 260 -3.19 37.10 17.35
C LEU A 260 -4.68 37.37 17.55
N ASN A 261 -5.02 38.55 18.10
CA ASN A 261 -6.43 38.81 18.33
C ASN A 261 -7.20 38.93 17.02
N ASN A 262 -6.63 39.60 16.03
CA ASN A 262 -7.31 39.70 14.73
C ASN A 262 -7.46 38.33 14.06
N ALA A 263 -6.42 37.48 14.13
CA ALA A 263 -6.51 36.12 13.60
C ALA A 263 -7.57 35.32 14.33
N PHE A 264 -7.51 35.32 15.66
CA PHE A 264 -8.49 34.58 16.44
C PHE A 264 -9.91 35.02 16.09
N TRP A 265 -10.16 36.33 16.09
CA TRP A 265 -11.52 36.77 15.79
C TRP A 265 -11.91 36.43 14.36
N THR A 266 -11.01 36.64 13.38
CA THR A 266 -11.33 36.34 11.99
C THR A 266 -11.76 34.89 11.84
N GLN A 267 -11.02 33.99 12.45
CA GLN A 267 -11.29 32.57 12.27
C GLN A 267 -12.53 32.15 13.02
N GLN A 268 -12.69 32.58 14.28
CA GLN A 268 -13.83 32.11 15.07
C GLN A 268 -15.13 32.70 14.56
N LYS A 269 -15.08 33.93 14.02
CA LYS A 269 -16.29 34.59 13.50
C LYS A 269 -17.11 33.68 12.58
N TYR A 270 -16.45 32.96 11.69
CA TYR A 270 -17.12 32.04 10.79
C TYR A 270 -17.06 30.61 11.30
N PHE A 271 -15.91 30.15 11.78
CA PHE A 271 -15.80 28.75 12.21
C PHE A 271 -16.81 28.43 13.30
N THR A 272 -16.99 29.33 14.26
CA THR A 272 -17.83 28.98 15.40
C THR A 272 -19.28 28.78 15.00
N PRO A 273 -19.96 29.72 14.30
CA PRO A 273 -21.35 29.44 13.89
C PRO A 273 -21.45 28.36 12.83
N VAL A 274 -20.53 28.28 11.88
CA VAL A 274 -20.81 27.41 10.75
C VAL A 274 -20.55 25.94 11.11
N LEU A 275 -19.46 25.66 11.81
CA LEU A 275 -19.22 24.26 12.18
C LEU A 275 -20.21 23.82 13.26
N GLY A 276 -20.61 24.70 14.16
CA GLY A 276 -21.59 24.30 15.16
C GLY A 276 -22.92 23.97 14.53
N TYR A 277 -23.31 24.75 13.53
CA TYR A 277 -24.51 24.47 12.73
C TYR A 277 -24.40 23.13 12.01
N LEU A 278 -23.29 22.92 11.29
CA LEU A 278 -23.12 21.67 10.55
C LEU A 278 -23.10 20.46 11.51
N PHE A 279 -22.42 20.57 12.65
CA PHE A 279 -22.41 19.44 13.60
C PHE A 279 -23.81 19.15 14.11
N GLU A 280 -24.48 20.17 14.65
CA GLU A 280 -25.71 19.90 15.40
C GLU A 280 -26.93 19.76 14.51
N TYR A 281 -27.03 20.58 13.45
CA TYR A 281 -28.16 20.52 12.55
C TYR A 281 -27.92 19.56 11.39
N GLY A 282 -26.65 19.29 11.04
CA GLY A 282 -26.43 18.38 9.93
C GLY A 282 -26.16 16.96 10.41
N SER A 283 -26.62 16.60 11.61
CA SER A 283 -26.49 15.25 12.15
C SER A 283 -27.87 14.77 12.59
N LYS A 284 -28.05 13.44 12.58
CA LYS A 284 -29.12 12.85 13.40
C LYS A 284 -28.61 12.62 14.82
N PHE A 285 -27.58 11.78 14.98
CA PHE A 285 -27.04 11.45 16.30
C PHE A 285 -25.96 12.46 16.67
N LYS A 286 -26.11 13.10 17.83
CA LYS A 286 -25.16 14.12 18.24
C LYS A 286 -24.19 13.53 19.26
N VAL A 287 -22.94 13.96 19.18
CA VAL A 287 -21.93 13.43 20.08
C VAL A 287 -22.00 14.14 21.42
N GLU A 288 -22.04 15.46 21.39
CA GLU A 288 -22.09 16.34 22.55
C GLU A 288 -22.52 17.70 22.06
N PRO A 289 -22.93 18.60 22.95
CA PRO A 289 -23.24 19.96 22.50
C PRO A 289 -22.00 20.63 21.92
N TRP A 290 -22.20 21.30 20.78
CA TRP A 290 -21.13 22.05 20.14
C TRP A 290 -20.40 22.96 21.10
N VAL A 291 -21.14 23.66 21.95
CA VAL A 291 -20.52 24.61 22.87
C VAL A 291 -19.55 23.89 23.81
N LYS A 292 -19.79 22.60 24.08
CA LYS A 292 -18.84 21.84 24.89
C LYS A 292 -17.60 21.43 24.08
N THR A 293 -17.81 20.96 22.84
CA THR A 293 -16.69 20.71 21.94
C THR A 293 -15.78 21.91 21.87
N TRP A 294 -16.39 23.08 21.74
CA TRP A 294 -15.67 24.34 21.61
C TRP A 294 -14.97 24.69 22.91
N ASN A 295 -15.70 24.57 24.03
CA ASN A 295 -15.09 24.80 25.33
C ASN A 295 -13.87 23.91 25.54
N ARG A 296 -14.00 22.61 25.21
CA ARG A 296 -12.91 21.66 25.39
C ARG A 296 -11.72 22.02 24.50
N TRP A 297 -11.96 22.16 23.20
CA TRP A 297 -10.85 22.30 22.26
C TRP A 297 -10.35 23.73 22.16
N VAL A 298 -11.25 24.71 22.12
CA VAL A 298 -10.87 26.10 21.91
C VAL A 298 -10.52 26.80 23.22
N TYR A 299 -11.48 26.86 24.15
CA TYR A 299 -11.26 27.74 25.29
C TYR A 299 -10.28 27.11 26.30
N GLU A 300 -10.49 25.85 26.66
CA GLU A 300 -9.66 25.25 27.71
C GLU A 300 -8.33 24.75 27.17
N ASP A 301 -8.35 23.89 26.15
CA ASP A 301 -7.12 23.23 25.73
C ASP A 301 -6.22 24.13 24.87
N TRP A 302 -6.69 24.56 23.69
CA TRP A 302 -5.86 25.53 22.97
C TRP A 302 -5.60 26.76 23.81
N GLY A 303 -6.65 27.25 24.49
CA GLY A 303 -6.51 28.52 25.17
C GLY A 303 -5.53 28.45 26.33
N GLY A 304 -5.52 27.32 27.04
CA GLY A 304 -4.67 27.16 28.19
C GLY A 304 -3.32 26.57 27.87
N ILE A 305 -3.27 25.62 26.93
CA ILE A 305 -2.00 24.94 26.66
C ILE A 305 -1.12 25.76 25.74
N TRP A 306 -1.72 26.49 24.80
CA TRP A 306 -0.93 27.39 23.96
C TRP A 306 -0.93 28.82 24.52
N ILE A 307 -2.09 29.47 24.51
CA ILE A 307 -2.12 30.91 24.81
C ILE A 307 -1.83 31.17 26.28
N GLY A 308 -2.46 30.43 27.19
CA GLY A 308 -2.21 30.63 28.61
C GLY A 308 -0.77 30.36 29.03
N ARG A 309 -0.14 29.32 28.47
CA ARG A 309 1.27 29.08 28.72
C ARG A 309 2.13 30.22 28.15
N LEU A 310 1.80 30.68 26.94
CA LEU A 310 2.57 31.77 26.35
C LEU A 310 2.38 33.09 27.08
N GLY A 311 1.33 33.19 27.92
CA GLY A 311 1.10 34.40 28.69
C GLY A 311 2.24 34.74 29.63
N LYS A 312 2.98 33.72 30.08
CA LYS A 312 4.23 33.96 30.80
C LYS A 312 5.21 34.80 29.99
N TYR A 313 5.04 34.86 28.67
CA TYR A 313 5.99 35.52 27.78
C TYR A 313 5.34 36.67 27.01
N GLY A 314 4.34 37.31 27.61
CA GLY A 314 3.77 38.52 27.06
C GLY A 314 2.68 38.34 26.03
N VAL A 315 2.28 37.11 25.73
CA VAL A 315 1.16 36.91 24.81
C VAL A 315 -0.12 37.03 25.61
N GLU A 316 -1.09 37.77 25.10
CA GLU A 316 -2.29 38.06 25.87
C GLU A 316 -3.45 37.19 25.39
N SER A 317 -4.27 36.74 26.35
CA SER A 317 -5.56 36.16 26.04
C SER A 317 -6.29 37.10 25.07
N PRO A 318 -6.81 36.59 23.95
CA PRO A 318 -7.41 37.50 22.95
C PRO A 318 -8.52 38.33 23.56
N ALA A 319 -8.44 39.65 23.38
CA ALA A 319 -9.47 40.53 23.92
C ALA A 319 -10.86 40.16 23.39
N SER A 320 -10.94 39.58 22.18
CA SER A 320 -12.24 39.23 21.61
C SER A 320 -12.82 37.91 22.17
N LEU A 321 -12.18 37.33 23.19
CA LEU A 321 -12.59 36.00 23.64
C LEU A 321 -14.01 35.99 24.19
N ARG A 322 -14.36 36.98 25.03
CA ARG A 322 -15.71 37.02 25.62
C ARG A 322 -16.78 37.03 24.53
N ASP A 323 -16.58 37.88 23.52
CA ASP A 323 -17.50 37.93 22.39
C ASP A 323 -17.57 36.59 21.67
N ALA A 324 -16.44 35.87 21.63
CA ALA A 324 -16.39 34.57 20.97
C ALA A 324 -17.16 33.53 21.76
N LYS A 325 -17.04 33.54 23.09
CA LYS A 325 -17.78 32.55 23.89
C LYS A 325 -19.28 32.70 23.72
N ARG A 326 -19.77 33.94 23.63
CA ARG A 326 -21.17 34.13 23.34
C ARG A 326 -21.54 33.54 21.97
N ASP A 327 -20.65 33.70 20.99
CA ASP A 327 -20.83 33.04 19.70
C ASP A 327 -20.86 31.53 19.83
N ALA A 328 -19.98 30.98 20.66
CA ALA A 328 -19.94 29.53 20.80
C ALA A 328 -21.27 28.99 21.34
N TYR A 329 -21.99 29.80 22.13
CA TYR A 329 -23.23 29.32 22.74
C TYR A 329 -24.42 29.48 21.81
N TRP A 330 -24.57 30.63 21.13
CA TRP A 330 -25.77 30.89 20.35
C TRP A 330 -25.55 31.09 18.86
N ALA A 331 -24.33 31.41 18.39
CA ALA A 331 -24.19 31.91 17.02
C ALA A 331 -24.52 30.86 15.97
N HIS A 332 -24.29 29.57 16.29
CA HIS A 332 -24.64 28.54 15.33
C HIS A 332 -26.14 28.33 15.24
N HIS A 333 -26.90 28.65 16.30
CA HIS A 333 -28.36 28.58 16.18
C HIS A 333 -28.89 29.76 15.36
N ASP A 334 -28.32 30.95 15.59
CA ASP A 334 -28.58 32.08 14.69
C ASP A 334 -28.33 31.71 13.25
N LEU A 335 -27.18 31.06 12.98
CA LEU A 335 -26.79 30.73 11.61
C LEU A 335 -27.76 29.73 11.00
N ALA A 336 -28.22 28.75 11.80
CA ALA A 336 -29.23 27.81 11.34
C ALA A 336 -30.46 28.50 10.76
N LEU A 337 -30.95 29.56 11.43
CA LEU A 337 -32.09 30.32 10.89
C LEU A 337 -31.83 30.77 9.46
N ALA A 338 -30.64 31.34 9.21
CA ALA A 338 -30.27 31.79 7.88
C ALA A 338 -30.06 30.61 6.92
N ALA A 339 -29.36 29.57 7.37
CA ALA A 339 -29.15 28.40 6.52
C ALA A 339 -30.48 27.80 6.09
N TYR A 340 -31.40 27.61 7.05
CA TYR A 340 -32.66 26.97 6.69
C TYR A 340 -33.54 27.92 5.88
N ALA A 341 -33.51 29.20 6.22
CA ALA A 341 -34.35 30.17 5.49
C ALA A 341 -33.91 30.32 4.04
N MET A 342 -32.61 30.20 3.78
CA MET A 342 -32.09 30.43 2.45
C MET A 342 -31.63 29.13 1.79
N TRP A 343 -32.27 28.02 2.13
CA TRP A 343 -31.83 26.72 1.66
C TRP A 343 -31.68 26.56 0.14
N PRO A 344 -32.47 27.26 -0.72
CA PRO A 344 -32.31 27.01 -2.17
C PRO A 344 -30.98 27.45 -2.72
N LEU A 345 -30.23 28.26 -2.00
CA LEU A 345 -28.96 28.75 -2.53
C LEU A 345 -27.78 27.83 -2.23
N GLY A 346 -28.00 26.75 -1.47
CA GLY A 346 -26.93 25.84 -1.09
C GLY A 346 -26.78 24.69 -2.08
N PHE A 347 -26.02 23.68 -1.65
CA PHE A 347 -25.88 22.48 -2.47
C PHE A 347 -26.08 21.21 -1.66
N ALA A 348 -26.84 21.31 -0.56
CA ALA A 348 -27.05 20.18 0.33
C ALA A 348 -28.53 20.11 0.69
N ARG A 349 -28.95 18.93 1.11
CA ARG A 349 -30.34 18.71 1.50
C ARG A 349 -30.43 18.76 3.02
N LEU A 350 -31.34 19.59 3.55
CA LEU A 350 -31.39 19.93 4.96
C LEU A 350 -32.54 19.18 5.62
N ALA A 351 -32.47 19.06 6.93
CA ALA A 351 -33.54 18.44 7.71
C ALA A 351 -33.87 19.32 8.89
N LEU A 352 -35.12 19.77 8.99
CA LEU A 352 -35.57 20.45 10.19
C LEU A 352 -35.37 19.55 11.42
N PRO A 353 -34.96 20.10 12.57
CA PRO A 353 -34.88 19.29 13.79
C PRO A 353 -36.18 18.55 14.05
N ASP A 354 -36.07 17.24 14.32
CA ASP A 354 -37.26 16.45 14.65
C ASP A 354 -37.54 16.58 16.16
N GLU A 355 -38.57 15.86 16.63
CA GLU A 355 -39.01 16.04 18.01
C GLU A 355 -37.90 15.69 18.99
N GLU A 356 -37.15 14.63 18.73
CA GLU A 356 -36.11 14.34 19.69
C GLU A 356 -34.91 15.27 19.52
N ASP A 357 -34.64 15.76 18.31
CA ASP A 357 -33.66 16.82 18.16
C ASP A 357 -34.05 18.05 18.99
N GLN A 358 -35.32 18.47 18.88
CA GLN A 358 -35.75 19.69 19.56
C GLN A 358 -35.60 19.56 21.07
N ALA A 359 -35.90 18.38 21.63
CA ALA A 359 -35.72 18.17 23.06
C ALA A 359 -34.25 18.27 23.43
N TRP A 360 -33.37 17.75 22.58
CA TRP A 360 -31.94 17.80 22.85
C TRP A 360 -31.43 19.25 22.77
N PHE A 361 -31.84 19.99 21.73
CA PHE A 361 -31.49 21.42 21.66
C PHE A 361 -31.93 22.17 22.92
N GLU A 362 -33.18 21.95 23.38
CA GLU A 362 -33.68 22.69 24.55
C GLU A 362 -32.99 22.24 25.84
N ALA A 363 -32.77 20.94 26.00
CA ALA A 363 -32.02 20.46 27.16
C ALA A 363 -30.63 21.11 27.23
N ASN A 364 -29.93 21.20 26.09
CA ASN A 364 -28.57 21.67 26.14
C ASN A 364 -28.43 23.16 25.97
N TYR A 365 -29.43 23.82 25.39
CA TYR A 365 -29.43 25.28 25.25
C TYR A 365 -30.78 25.79 25.70
N PRO A 366 -31.01 25.91 27.01
CA PRO A 366 -32.33 26.36 27.49
C PRO A 366 -32.67 27.72 26.90
N GLY A 367 -33.90 27.85 26.44
CA GLY A 367 -34.32 28.99 25.64
C GLY A 367 -34.43 28.70 24.16
N TRP A 368 -33.80 27.62 23.68
CA TRP A 368 -33.86 27.30 22.26
C TRP A 368 -35.30 27.04 21.80
N ALA A 369 -36.07 26.26 22.58
CA ALA A 369 -37.41 25.88 22.14
C ALA A 369 -38.28 27.11 21.87
N ASP A 370 -38.20 28.11 22.74
CA ASP A 370 -39.12 29.23 22.64
C ASP A 370 -38.73 30.22 21.56
N HIS A 371 -37.50 30.13 21.04
CA HIS A 371 -37.02 31.06 20.05
C HIS A 371 -36.89 30.34 18.73
N TYR A 372 -35.77 29.63 18.54
CA TYR A 372 -35.56 28.90 17.30
C TYR A 372 -36.60 27.81 17.12
N GLY A 373 -36.88 27.02 18.18
CA GLY A 373 -37.83 25.92 18.02
C GLY A 373 -39.17 26.35 17.45
N LYS A 374 -39.74 27.45 17.98
CA LYS A 374 -41.05 27.88 17.51
C LYS A 374 -41.00 28.37 16.07
N ILE A 375 -39.88 28.95 15.65
CA ILE A 375 -39.77 29.39 14.27
C ILE A 375 -39.73 28.19 13.33
N PHE A 376 -38.86 27.21 13.63
CA PHE A 376 -38.76 26.05 12.75
C PHE A 376 -40.10 25.34 12.64
N ASN A 377 -40.84 25.26 13.76
CA ASN A 377 -42.13 24.57 13.71
C ASN A 377 -43.17 25.35 12.92
N GLU A 378 -43.13 26.70 12.98
CA GLU A 378 -44.04 27.45 12.13
C GLU A 378 -43.69 27.27 10.66
N TRP A 379 -42.39 27.30 10.30
CA TRP A 379 -42.02 27.04 8.92
C TRP A 379 -42.51 25.68 8.45
N LYS A 380 -42.40 24.65 9.31
CA LYS A 380 -42.88 23.34 8.88
C LYS A 380 -44.37 23.38 8.59
N LYS A 381 -45.16 24.03 9.47
CA LYS A 381 -46.61 24.15 9.27
C LYS A 381 -46.94 24.90 8.00
N LEU A 382 -46.10 25.84 7.61
CA LEU A 382 -46.34 26.59 6.38
C LEU A 382 -45.95 25.82 5.14
N GLY A 383 -45.32 24.65 5.28
CA GLY A 383 -44.96 23.85 4.13
C GLY A 383 -43.52 23.95 3.72
N TYR A 384 -42.61 24.24 4.66
CA TYR A 384 -41.17 24.33 4.43
C TYR A 384 -40.67 23.19 3.53
N GLU A 385 -41.13 21.98 3.79
CA GLU A 385 -40.66 20.79 3.10
C GLU A 385 -41.41 20.51 1.81
N ASP A 386 -42.59 21.12 1.62
CA ASP A 386 -43.53 20.68 0.60
C ASP A 386 -43.33 21.48 -0.68
N PRO A 387 -42.88 20.88 -1.78
CA PRO A 387 -42.59 21.67 -2.98
C PRO A 387 -43.84 22.35 -3.55
N LYS A 388 -45.03 21.91 -3.18
CA LYS A 388 -46.24 22.55 -3.68
C LYS A 388 -46.66 23.72 -2.79
N SER A 389 -45.92 24.01 -1.72
CA SER A 389 -46.37 25.02 -0.75
C SER A 389 -46.22 26.44 -1.27
N GLY A 390 -45.27 26.68 -2.18
CA GLY A 390 -44.92 28.04 -2.52
C GLY A 390 -44.25 28.82 -1.41
N PHE A 391 -43.66 28.14 -0.41
CA PHE A 391 -43.16 28.81 0.78
C PHE A 391 -41.65 28.67 0.87
N ILE A 392 -40.99 29.80 0.99
CA ILE A 392 -39.55 29.82 1.24
C ILE A 392 -39.32 30.83 2.36
N PRO A 393 -38.65 30.45 3.45
CA PRO A 393 -38.67 31.32 4.64
C PRO A 393 -37.95 32.64 4.49
N TYR A 394 -37.04 32.80 3.54
CA TYR A 394 -36.42 34.12 3.42
C TYR A 394 -37.47 35.23 3.20
N GLN A 395 -38.49 34.99 2.38
CA GLN A 395 -39.51 36.02 2.16
C GLN A 395 -40.35 36.24 3.41
N TRP A 396 -40.57 35.17 4.18
CA TRP A 396 -41.26 35.30 5.45
C TRP A 396 -40.46 36.15 6.43
N LEU A 397 -39.12 36.01 6.41
CA LEU A 397 -38.30 36.85 7.29
C LEU A 397 -38.55 38.32 6.99
N LEU A 398 -38.54 38.69 5.72
CA LEU A 398 -38.69 40.10 5.36
C LEU A 398 -40.07 40.62 5.72
N ALA A 399 -41.12 39.86 5.46
CA ALA A 399 -42.48 40.27 5.80
C ALA A 399 -42.71 40.46 7.30
N ASN A 400 -41.80 39.99 8.16
CA ASN A 400 -41.89 40.24 9.59
C ASN A 400 -40.72 41.07 10.12
N GLY A 401 -40.03 41.80 9.24
CA GLY A 401 -38.97 42.70 9.66
C GLY A 401 -37.68 42.03 10.08
N HIS A 402 -37.48 40.78 9.68
CA HIS A 402 -36.26 40.07 10.07
C HIS A 402 -35.25 40.08 8.92
N ASP A 403 -34.81 41.30 8.57
CA ASP A 403 -33.84 41.45 7.48
C ASP A 403 -32.56 40.64 7.75
N VAL A 404 -31.98 40.15 6.66
CA VAL A 404 -30.68 39.48 6.68
C VAL A 404 -29.63 40.41 6.10
N TYR A 405 -28.53 40.63 6.84
CA TYR A 405 -27.43 41.45 6.37
C TYR A 405 -26.20 40.58 6.20
N ILE A 406 -25.28 41.03 5.34
CA ILE A 406 -23.98 40.39 5.18
C ILE A 406 -22.90 41.31 5.73
N ASP A 407 -22.07 40.79 6.65
CA ASP A 407 -20.92 41.53 7.16
C ASP A 407 -19.93 41.77 6.03
N ARG A 408 -19.56 43.04 5.81
CA ARG A 408 -18.65 43.36 4.71
C ARG A 408 -17.27 42.74 4.92
N VAL A 409 -16.88 42.51 6.17
CA VAL A 409 -15.58 41.92 6.46
C VAL A 409 -15.62 40.39 6.47
N SER A 410 -16.38 39.76 7.39
CA SER A 410 -16.36 38.31 7.52
C SER A 410 -17.27 37.59 6.52
N GLN A 411 -18.23 38.29 5.89
CA GLN A 411 -19.26 37.71 5.02
C GLN A 411 -20.23 36.83 5.76
N VAL A 412 -20.17 36.77 7.09
CA VAL A 412 -21.13 35.98 7.86
C VAL A 412 -22.48 36.69 7.87
N PRO A 413 -23.59 36.01 7.55
CA PRO A 413 -24.90 36.65 7.64
C PRO A 413 -25.26 37.01 9.08
N PHE A 414 -26.10 38.03 9.22
CA PHE A 414 -26.53 38.56 10.51
C PHE A 414 -28.00 38.94 10.45
N ILE A 415 -28.78 38.42 11.40
CA ILE A 415 -30.18 38.75 11.51
C ILE A 415 -30.37 39.45 12.84
N PRO A 416 -30.16 40.76 12.92
CA PRO A 416 -30.11 41.41 14.24
C PRO A 416 -31.38 41.26 15.03
N SER A 417 -32.55 41.20 14.39
CA SER A 417 -33.81 41.08 15.13
C SER A 417 -34.05 39.69 15.71
N LEU A 418 -33.30 38.68 15.26
CA LEU A 418 -33.45 37.32 15.79
C LEU A 418 -32.18 36.77 16.46
N ALA A 419 -31.03 37.42 16.29
CA ALA A 419 -29.77 36.85 16.74
C ALA A 419 -29.65 36.87 18.26
N LYS A 420 -29.10 35.79 18.83
CA LYS A 420 -28.67 35.77 20.22
C LYS A 420 -27.15 35.74 20.36
N GLY A 421 -26.43 35.46 19.28
CA GLY A 421 -24.99 35.57 19.30
C GLY A 421 -24.52 37.01 19.39
N THR A 422 -23.18 37.15 19.40
CA THR A 422 -22.57 38.47 19.42
C THR A 422 -22.86 39.18 18.11
N GLY A 423 -23.31 40.42 18.21
CA GLY A 423 -23.36 41.28 17.04
C GLY A 423 -24.27 42.47 17.21
N SER A 424 -23.97 43.57 16.52
CA SER A 424 -24.94 44.65 16.37
C SER A 424 -24.65 45.31 15.05
N LEU A 425 -25.70 45.79 14.39
CA LEU A 425 -25.56 46.27 13.03
C LEU A 425 -24.98 47.69 13.04
N ARG A 426 -23.94 47.91 12.25
CA ARG A 426 -23.43 49.25 11.95
C ARG A 426 -23.53 49.44 10.45
N VAL A 427 -24.16 50.52 10.01
CA VAL A 427 -24.29 50.82 8.58
C VAL A 427 -23.66 52.17 8.33
N HIS A 428 -22.65 52.19 7.47
CA HIS A 428 -21.94 53.40 7.09
C HIS A 428 -22.05 53.63 5.61
N GLU A 429 -22.08 54.90 5.22
CA GLU A 429 -21.85 55.32 3.84
C GLU A 429 -20.44 55.85 3.73
N PHE A 430 -19.75 55.44 2.66
CA PHE A 430 -18.40 55.95 2.40
C PHE A 430 -18.24 56.06 0.90
N ASN A 431 -18.01 57.28 0.43
CA ASN A 431 -17.75 57.51 -0.97
C ASN A 431 -18.85 56.93 -1.85
N GLY A 432 -20.10 57.06 -1.39
CA GLY A 432 -21.24 56.70 -2.20
C GLY A 432 -21.65 55.24 -2.14
N LYS A 433 -21.08 54.44 -1.24
CA LYS A 433 -21.43 53.04 -1.12
C LYS A 433 -21.77 52.78 0.32
N LYS A 434 -22.80 51.97 0.58
CA LYS A 434 -23.22 51.62 1.93
C LYS A 434 -22.61 50.29 2.34
N HIS A 435 -22.23 50.19 3.60
CA HIS A 435 -21.53 49.02 4.14
C HIS A 435 -22.17 48.63 5.46
N SER A 436 -22.41 47.33 5.65
CA SER A 436 -22.93 46.82 6.92
C SER A 436 -21.84 46.03 7.62
N LEU A 437 -21.51 46.43 8.83
CA LEU A 437 -20.56 45.75 9.70
C LEU A 437 -21.34 45.23 10.91
N THR A 438 -20.81 44.18 11.58
CA THR A 438 -21.65 43.49 12.56
C THR A 438 -21.03 43.27 13.93
N ASP A 439 -19.77 43.66 14.16
CA ASP A 439 -19.18 43.53 15.49
C ASP A 439 -18.05 44.56 15.60
N ASP A 440 -17.58 44.78 16.83
CA ASP A 440 -16.54 45.78 17.08
C ASP A 440 -15.20 45.44 16.43
N TRP A 441 -14.89 44.15 16.29
CA TRP A 441 -13.57 43.76 15.81
C TRP A 441 -13.44 43.89 14.30
N GLY A 442 -14.44 43.39 13.57
CA GLY A 442 -14.48 43.59 12.12
C GLY A 442 -14.76 45.03 11.71
N GLU A 443 -15.54 45.77 12.49
CA GLU A 443 -15.75 47.18 12.13
C GLU A 443 -14.44 47.96 12.18
N ARG A 444 -13.59 47.69 13.19
CA ARG A 444 -12.27 48.33 13.23
C ARG A 444 -11.42 47.93 12.03
N GLN A 445 -11.43 46.65 11.66
CA GLN A 445 -10.69 46.18 10.50
C GLN A 445 -11.13 46.92 9.25
N TRP A 446 -12.43 47.09 9.08
CA TRP A 446 -12.91 47.77 7.88
C TRP A 446 -12.58 49.26 7.91
N LEU A 447 -12.73 49.88 9.08
CA LEU A 447 -12.48 51.32 9.18
C LEU A 447 -11.00 51.64 8.94
N ILE A 448 -10.12 50.77 9.40
CA ILE A 448 -8.69 51.02 9.22
C ILE A 448 -8.24 50.60 7.83
N GLU A 449 -8.87 49.57 7.24
CA GLU A 449 -8.34 48.92 6.04
C GLU A 449 -9.44 48.71 4.99
N PRO A 450 -10.12 49.78 4.55
CA PRO A 450 -11.24 49.55 3.60
C PRO A 450 -10.83 48.89 2.31
N GLU A 451 -9.63 49.15 1.80
CA GLU A 451 -9.25 48.60 0.51
C GLU A 451 -8.91 47.12 0.58
N ARG A 452 -8.83 46.52 1.77
CA ARG A 452 -8.67 45.06 1.89
C ARG A 452 -10.01 44.34 1.82
N TYR A 453 -11.10 45.06 2.01
CA TYR A 453 -12.42 44.49 2.26
C TYR A 453 -13.44 45.09 1.30
N GLU A 454 -13.39 44.68 0.03
CA GLU A 454 -14.35 45.11 -0.97
C GLU A 454 -15.17 43.95 -1.53
N CYS A 455 -15.39 42.91 -0.72
CA CYS A 455 -16.07 41.71 -1.18
C CYS A 455 -17.53 41.99 -1.56
N HIS A 456 -17.89 41.76 -2.84
CA HIS A 456 -19.29 41.85 -3.23
C HIS A 456 -20.12 40.81 -2.49
N ASN A 457 -21.31 41.19 -2.03
CA ASN A 457 -22.17 40.21 -1.36
C ASN A 457 -23.29 39.75 -2.29
N VAL A 458 -23.97 38.65 -1.87
CA VAL A 458 -24.98 38.04 -2.72
C VAL A 458 -26.11 39.01 -3.03
N PHE A 459 -26.42 39.92 -2.11
CA PHE A 459 -27.52 40.83 -2.42
C PHE A 459 -27.11 41.84 -3.46
N GLU A 460 -25.83 42.23 -3.46
CA GLU A 460 -25.31 43.15 -4.47
C GLU A 460 -25.26 42.50 -5.85
N GLN A 461 -24.81 41.25 -5.93
CA GLN A 461 -24.77 40.58 -7.23
C GLN A 461 -26.16 40.17 -7.70
N TYR A 462 -27.04 39.71 -6.79
CA TYR A 462 -28.34 39.18 -7.19
C TYR A 462 -29.49 40.19 -7.13
N GLU A 463 -29.20 41.46 -6.85
CA GLU A 463 -30.26 42.44 -6.60
C GLU A 463 -31.33 42.40 -7.70
N GLY A 464 -32.58 42.27 -7.27
CA GLY A 464 -33.73 42.36 -8.18
C GLY A 464 -33.97 41.14 -9.02
N ARG A 465 -33.15 40.10 -8.88
CA ARG A 465 -33.29 38.88 -9.67
C ARG A 465 -34.08 37.85 -8.88
N GLU A 466 -34.78 37.00 -9.62
CA GLU A 466 -35.62 36.00 -9.01
C GLU A 466 -34.79 34.77 -8.68
N LEU A 467 -35.17 34.11 -7.60
CA LEU A 467 -34.30 33.12 -6.98
C LEU A 467 -34.00 31.95 -7.93
N SER A 468 -35.01 31.43 -8.62
CA SER A 468 -34.78 30.27 -9.48
C SER A 468 -33.83 30.60 -10.64
N GLU A 469 -33.88 31.83 -11.17
CA GLU A 469 -32.95 32.19 -12.22
C GLU A 469 -31.51 32.17 -11.73
N VAL A 470 -31.26 32.66 -10.52
CA VAL A 470 -29.90 32.63 -10.00
C VAL A 470 -29.41 31.19 -9.86
N ILE A 471 -30.27 30.31 -9.35
CA ILE A 471 -29.89 28.91 -9.15
C ILE A 471 -29.60 28.24 -10.49
N ALA A 472 -30.48 28.45 -11.47
CA ALA A 472 -30.28 27.82 -12.77
C ALA A 472 -28.99 28.31 -13.40
N GLU A 473 -28.74 29.62 -13.34
CA GLU A 473 -27.54 30.19 -13.92
C GLU A 473 -26.29 29.59 -13.26
N GLY A 474 -26.34 29.37 -11.94
CA GLY A 474 -25.17 28.80 -11.27
C GLY A 474 -25.06 27.28 -11.31
N HIS A 475 -25.91 26.60 -12.10
CA HIS A 475 -25.89 25.14 -12.26
C HIS A 475 -26.31 24.38 -10.99
N GLY A 476 -27.16 24.97 -10.15
CA GLY A 476 -27.59 24.33 -8.91
C GLY A 476 -28.69 23.30 -9.12
N VAL A 477 -28.54 22.48 -10.16
CA VAL A 477 -29.56 21.50 -10.51
C VAL A 477 -28.89 20.15 -10.67
N ARG A 478 -29.72 19.10 -10.53
CA ARG A 478 -29.32 17.72 -10.78
C ARG A 478 -29.22 17.49 -12.28
N SER A 479 -28.86 16.26 -12.67
CA SER A 479 -28.58 16.00 -14.07
C SER A 479 -29.82 16.17 -14.96
N ASP A 480 -31.05 16.15 -14.41
CA ASP A 480 -32.21 16.37 -15.25
C ASP A 480 -32.38 17.85 -15.60
N GLY A 481 -31.53 18.73 -15.07
CA GLY A 481 -31.55 20.14 -15.38
C GLY A 481 -32.66 20.93 -14.72
N LYS A 482 -33.48 20.30 -13.89
N LYS A 482 -33.46 20.31 -13.85
CA LYS A 482 -34.62 20.99 -13.27
CA LYS A 482 -34.62 20.96 -13.27
C LYS A 482 -34.78 20.75 -11.78
C LYS A 482 -34.76 20.76 -11.77
N THR A 483 -34.42 19.59 -11.25
CA THR A 483 -34.57 19.33 -9.81
C THR A 483 -33.40 19.98 -9.09
N LEU A 484 -33.69 20.78 -8.05
CA LEU A 484 -32.61 21.43 -7.31
C LEU A 484 -31.68 20.41 -6.63
N ILE A 485 -30.37 20.72 -6.61
CA ILE A 485 -29.45 20.00 -5.73
C ILE A 485 -29.88 20.19 -4.28
N ALA A 486 -30.01 21.45 -3.87
CA ALA A 486 -30.49 21.78 -2.53
C ALA A 486 -31.93 21.29 -2.32
N GLN A 487 -32.24 20.91 -1.08
CA GLN A 487 -33.59 20.49 -0.70
C GLN A 487 -33.85 20.88 0.74
N PRO A 488 -35.11 21.10 1.12
CA PRO A 488 -35.45 21.41 2.51
C PRO A 488 -35.85 20.18 3.34
N HIS A 489 -35.62 18.99 2.80
CA HIS A 489 -35.88 17.73 3.52
C HIS A 489 -34.89 16.72 2.97
N THR A 490 -34.74 15.59 3.67
CA THR A 490 -33.77 14.59 3.26
C THR A 490 -34.44 13.31 2.75
N ARG A 491 -35.70 13.37 2.35
CA ARG A 491 -36.40 12.19 1.85
C ARG A 491 -36.19 12.00 0.35
N GLY A 492 -36.55 10.82 -0.14
CA GLY A 492 -36.37 10.53 -1.55
C GLY A 492 -37.49 10.99 -2.45
N ASP A 493 -38.57 11.48 -1.89
CA ASP A 493 -39.79 11.83 -2.60
C ASP A 493 -39.99 13.33 -2.53
N ASN A 494 -40.80 13.88 -3.44
CA ASN A 494 -41.22 15.29 -3.42
C ASN A 494 -40.02 16.22 -3.37
N LEU A 495 -39.11 16.03 -4.32
CA LEU A 495 -37.98 16.93 -4.45
C LEU A 495 -38.42 18.21 -5.17
N TRP A 496 -37.88 19.34 -4.74
CA TRP A 496 -38.19 20.63 -5.34
C TRP A 496 -37.46 20.84 -6.65
N THR A 497 -38.12 21.53 -7.59
CA THR A 497 -37.58 21.86 -8.89
C THR A 497 -37.50 23.37 -9.04
N LEU A 498 -36.85 23.82 -10.12
CA LEU A 498 -36.76 25.25 -10.37
C LEU A 498 -38.15 25.89 -10.49
N GLU A 499 -39.13 25.18 -11.04
CA GLU A 499 -40.46 25.77 -11.16
C GLU A 499 -41.11 25.89 -9.79
N ASP A 500 -40.84 24.93 -8.91
CA ASP A 500 -41.34 25.03 -7.53
C ASP A 500 -40.79 26.26 -6.83
N ILE A 501 -39.50 26.58 -7.02
CA ILE A 501 -38.92 27.78 -6.43
C ILE A 501 -39.57 29.02 -7.06
N LYS A 502 -39.65 29.01 -8.38
CA LYS A 502 -40.18 30.15 -9.12
C LYS A 502 -41.57 30.57 -8.62
N ARG A 503 -42.41 29.59 -8.27
CA ARG A 503 -43.76 29.92 -7.81
C ARG A 503 -43.77 30.73 -6.52
N ALA A 504 -42.71 30.63 -5.71
CA ALA A 504 -42.61 31.46 -4.52
C ALA A 504 -42.41 32.93 -4.83
N GLY A 505 -41.88 33.28 -6.01
CA GLY A 505 -41.68 34.68 -6.38
C GLY A 505 -40.68 35.41 -5.50
N CYS A 506 -39.63 34.73 -5.06
CA CYS A 506 -38.59 35.34 -4.22
C CYS A 506 -37.61 36.15 -5.07
N VAL A 507 -37.52 37.45 -4.82
CA VAL A 507 -36.63 38.35 -5.54
C VAL A 507 -35.68 39.00 -4.53
N PHE A 508 -34.41 39.15 -4.89
CA PHE A 508 -33.44 39.64 -3.91
C PHE A 508 -33.57 41.14 -3.71
N PRO A 509 -33.71 41.63 -2.47
CA PRO A 509 -33.72 43.07 -2.23
C PRO A 509 -32.32 43.63 -2.06
N ASP A 510 -32.26 44.93 -1.77
CA ASP A 510 -31.08 45.63 -1.29
C ASP A 510 -31.30 45.85 0.20
N PRO A 511 -30.70 45.04 1.08
CA PRO A 511 -30.96 45.20 2.51
C PRO A 511 -30.62 46.57 3.05
N LEU A 512 -29.72 47.32 2.41
CA LEU A 512 -29.35 48.61 2.97
C LEU A 512 -30.13 49.77 2.35
N ALA A 513 -31.10 49.48 1.47
CA ALA A 513 -31.94 50.54 0.89
C ALA A 513 -32.66 51.36 1.96
N LYS A 514 -32.99 50.76 3.09
CA LYS A 514 -33.75 51.43 4.15
C LYS A 514 -32.92 52.43 4.94
N PHE A 515 -31.59 52.47 4.76
CA PHE A 515 -30.72 53.38 5.47
C PHE A 515 -30.31 54.55 4.60
N PRO B 1 -13.61 2.53 32.92
CA PRO B 1 -14.57 3.50 32.37
C PRO B 1 -13.89 4.76 31.86
N GLN B 2 -14.71 5.72 31.40
CA GLN B 2 -14.18 7.00 30.95
C GLN B 2 -15.26 8.06 31.17
N SER B 3 -14.81 9.31 31.27
CA SER B 3 -15.71 10.39 31.67
C SER B 3 -16.73 10.73 30.59
N SER B 4 -16.41 10.48 29.32
CA SER B 4 -17.30 10.88 28.22
C SER B 4 -17.96 9.65 27.61
N GLN B 5 -19.07 9.90 26.92
CA GLN B 5 -19.82 8.82 26.29
C GLN B 5 -18.93 8.03 25.33
N VAL B 6 -19.10 6.70 25.32
CA VAL B 6 -18.52 5.89 24.27
C VAL B 6 -19.55 5.89 23.14
N THR B 7 -19.32 6.74 22.13
CA THR B 7 -20.27 6.92 21.04
C THR B 7 -20.51 5.60 20.31
N LYS B 8 -21.77 5.26 20.07
CA LYS B 8 -22.06 4.09 19.26
C LYS B 8 -21.93 4.42 17.77
N ARG B 9 -21.31 3.51 17.01
CA ARG B 9 -21.09 3.69 15.57
C ARG B 9 -22.35 3.37 14.76
N GLY B 10 -22.79 4.33 13.93
CA GLY B 10 -23.95 4.07 13.12
C GLY B 10 -23.79 2.91 12.15
N LEU B 11 -22.55 2.59 11.77
CA LEU B 11 -22.34 1.49 10.81
C LEU B 11 -22.63 0.13 11.44
N THR B 12 -22.33 -0.06 12.73
CA THR B 12 -22.43 -1.39 13.30
C THR B 12 -23.40 -1.54 14.46
N ASP B 13 -23.73 -0.45 15.16
CA ASP B 13 -24.62 -0.53 16.29
C ASP B 13 -26.02 -0.85 15.79
N PRO B 14 -26.68 -1.92 16.27
CA PRO B 14 -27.98 -2.31 15.69
C PRO B 14 -29.03 -1.21 15.70
N GLU B 15 -29.19 -0.50 16.82
CA GLU B 15 -30.27 0.47 16.86
C GLU B 15 -30.01 1.64 15.89
N ARG B 16 -28.79 2.16 15.88
CA ARG B 16 -28.47 3.29 15.00
C ARG B 16 -28.48 2.89 13.54
N ALA B 17 -27.95 1.69 13.22
CA ALA B 17 -27.98 1.20 11.84
C ALA B 17 -29.42 1.00 11.35
N ALA B 18 -30.33 0.53 12.22
CA ALA B 18 -31.72 0.40 11.78
C ALA B 18 -32.36 1.76 11.49
N ILE B 19 -32.05 2.77 12.32
CA ILE B 19 -32.60 4.11 12.09
C ILE B 19 -32.06 4.68 10.79
N ILE B 20 -30.77 4.47 10.52
CA ILE B 20 -30.16 4.98 9.30
C ILE B 20 -30.79 4.30 8.09
N ALA B 21 -30.93 2.97 8.16
CA ALA B 21 -31.53 2.24 7.04
C ALA B 21 -32.94 2.76 6.72
N ALA B 22 -33.71 3.13 7.75
CA ALA B 22 -35.06 3.63 7.52
C ALA B 22 -35.04 5.00 6.86
N ALA B 23 -34.03 5.82 7.17
CA ALA B 23 -33.93 7.17 6.63
C ALA B 23 -33.36 7.21 5.21
N VAL B 24 -32.55 6.23 4.82
CA VAL B 24 -31.90 6.26 3.50
C VAL B 24 -32.91 5.91 2.42
N PRO B 25 -33.05 6.73 1.37
CA PRO B 25 -34.02 6.41 0.31
C PRO B 25 -33.67 5.11 -0.38
N ASP B 26 -34.70 4.46 -0.89
CA ASP B 26 -34.49 3.19 -1.59
C ASP B 26 -33.98 3.36 -3.01
N HIS B 27 -33.70 4.58 -3.44
CA HIS B 27 -33.19 4.79 -4.79
C HIS B 27 -32.26 5.98 -4.75
N ALA B 28 -31.36 6.04 -5.73
CA ALA B 28 -30.44 7.16 -5.84
C ALA B 28 -31.18 8.42 -6.29
N LEU B 29 -30.70 9.58 -5.83
CA LEU B 29 -31.36 10.86 -6.12
C LEU B 29 -30.80 11.55 -7.36
N ASP B 30 -29.71 11.01 -7.92
CA ASP B 30 -29.20 11.42 -9.22
C ASP B 30 -28.36 10.26 -9.77
N THR B 31 -28.21 10.26 -11.09
CA THR B 31 -27.42 9.25 -11.77
C THR B 31 -26.01 9.72 -12.10
N GLN B 32 -25.70 10.99 -11.84
CA GLN B 32 -24.39 11.55 -12.21
C GLN B 32 -23.41 11.28 -11.07
N ARG B 33 -22.59 10.24 -11.24
CA ARG B 33 -21.67 9.81 -10.20
C ARG B 33 -20.23 10.16 -10.49
N LYS B 34 -19.97 10.85 -11.59
CA LYS B 34 -18.60 11.23 -11.96
C LYS B 34 -18.25 12.52 -11.23
N TYR B 35 -17.35 12.42 -10.23
CA TYR B 35 -16.87 13.60 -9.51
C TYR B 35 -16.33 14.68 -10.46
N HIS B 36 -16.93 15.88 -10.39
CA HIS B 36 -16.62 17.05 -11.25
C HIS B 36 -16.64 16.68 -12.73
N TYR B 37 -17.74 16.05 -13.10
CA TYR B 37 -18.11 15.65 -14.45
C TYR B 37 -17.99 16.77 -15.49
N PHE B 38 -18.05 18.04 -15.08
CA PHE B 38 -18.00 19.12 -16.08
C PHE B 38 -16.59 19.55 -16.45
N ILE B 39 -15.54 19.04 -15.78
CA ILE B 39 -14.19 19.36 -16.22
C ILE B 39 -14.00 18.96 -17.68
N GLN B 40 -13.38 19.82 -18.47
CA GLN B 40 -13.04 19.44 -19.87
C GLN B 40 -11.85 18.49 -19.91
N PRO B 41 -12.02 17.23 -20.32
CA PRO B 41 -10.88 16.29 -20.24
C PRO B 41 -9.82 16.67 -21.25
N ARG B 42 -8.55 16.54 -20.85
CA ARG B 42 -7.46 16.72 -21.82
C ARG B 42 -7.30 15.50 -22.72
N TRP B 43 -7.56 14.32 -22.20
CA TRP B 43 -7.31 13.06 -22.87
C TRP B 43 -8.63 12.44 -23.25
N LYS B 44 -8.60 11.22 -23.79
CA LYS B 44 -9.83 10.65 -24.31
C LYS B 44 -10.85 10.36 -23.22
N ARG B 45 -10.43 10.19 -21.97
CA ARG B 45 -11.36 10.09 -20.84
C ARG B 45 -10.83 10.93 -19.67
N LEU B 46 -11.76 11.48 -18.89
CA LEU B 46 -11.39 12.24 -17.72
C LEU B 46 -10.60 11.35 -16.75
N SER B 47 -9.50 11.89 -16.24
CA SER B 47 -8.61 11.15 -15.36
C SER B 47 -8.92 11.46 -13.90
N GLU B 48 -8.58 10.50 -13.04
CA GLU B 48 -8.68 10.77 -11.61
C GLU B 48 -7.80 11.94 -11.21
N TYR B 49 -6.62 12.06 -11.80
CA TYR B 49 -5.76 13.20 -11.57
C TYR B 49 -6.50 14.52 -11.80
N GLU B 50 -7.20 14.64 -12.93
CA GLU B 50 -7.97 15.86 -13.17
C GLU B 50 -9.10 16.02 -12.17
N GLN B 51 -9.85 14.94 -11.92
CA GLN B 51 -10.97 15.00 -10.98
C GLN B 51 -10.56 15.52 -9.61
N LEU B 52 -9.41 15.05 -9.08
CA LEU B 52 -9.01 15.50 -7.75
C LEU B 52 -8.34 16.86 -7.73
N SER B 53 -7.80 17.34 -8.87
CA SER B 53 -7.03 18.58 -8.87
C SER B 53 -7.80 19.79 -9.42
N CYS B 54 -8.57 19.60 -10.50
CA CYS B 54 -9.02 20.71 -11.33
C CYS B 54 -10.16 21.48 -10.68
N TYR B 55 -9.99 22.80 -10.58
CA TYR B 55 -10.94 23.76 -10.02
C TYR B 55 -10.94 23.75 -8.50
N ALA B 56 -9.99 23.06 -7.86
CA ALA B 56 -9.78 23.29 -6.44
C ALA B 56 -9.43 24.76 -6.18
N GLN B 57 -8.69 25.39 -7.09
CA GLN B 57 -8.42 26.83 -6.97
C GLN B 57 -9.71 27.62 -7.17
N PRO B 58 -10.14 28.43 -6.20
CA PRO B 58 -11.44 29.13 -6.26
C PRO B 58 -11.41 30.46 -7.04
N ASN B 59 -10.93 30.41 -8.27
CA ASN B 59 -10.82 31.68 -9.00
C ASN B 59 -12.16 32.26 -9.46
N PRO B 60 -12.27 33.58 -9.47
CA PRO B 60 -13.46 34.24 -10.04
C PRO B 60 -13.32 34.43 -11.55
N ASP B 61 -14.42 34.84 -12.19
CA ASP B 61 -14.44 34.98 -13.64
C ASP B 61 -13.44 36.03 -14.14
N TRP B 62 -12.94 36.92 -13.28
CA TRP B 62 -12.00 37.92 -13.75
C TRP B 62 -10.56 37.46 -13.71
N ILE B 63 -10.31 36.22 -13.28
CA ILE B 63 -9.08 35.51 -13.56
C ILE B 63 -9.42 34.41 -14.55
N ALA B 64 -8.87 34.53 -15.77
CA ALA B 64 -9.30 33.71 -16.91
C ALA B 64 -9.46 32.23 -16.56
N GLY B 65 -10.66 31.69 -16.82
CA GLY B 65 -11.03 30.31 -16.54
C GLY B 65 -11.81 30.10 -15.24
N GLY B 66 -11.80 31.09 -14.35
CA GLY B 66 -12.47 30.95 -13.07
C GLY B 66 -13.98 30.83 -13.22
N LEU B 67 -14.58 30.05 -12.31
CA LEU B 67 -16.01 29.79 -12.35
C LEU B 67 -16.75 30.52 -11.25
N ASP B 68 -16.04 31.22 -10.36
CA ASP B 68 -16.67 31.93 -9.26
C ASP B 68 -16.96 33.37 -9.72
N TRP B 69 -17.31 34.25 -8.78
CA TRP B 69 -17.64 35.65 -9.09
C TRP B 69 -17.32 36.52 -7.89
N GLY B 70 -17.17 37.82 -8.13
CA GLY B 70 -16.99 38.77 -7.05
C GLY B 70 -15.54 38.94 -6.67
N ASP B 71 -15.29 39.95 -5.84
CA ASP B 71 -13.95 40.20 -5.36
C ASP B 71 -13.59 39.21 -4.23
N TRP B 72 -12.32 39.16 -3.90
CA TRP B 72 -11.88 38.33 -2.78
C TRP B 72 -12.46 38.91 -1.50
N THR B 73 -12.53 38.07 -0.45
CA THR B 73 -13.08 38.52 0.82
C THR B 73 -12.09 39.40 1.56
N GLN B 74 -10.80 39.18 1.38
CA GLN B 74 -9.79 39.93 2.12
C GLN B 74 -8.58 40.02 1.23
N LYS B 75 -8.05 41.24 1.03
CA LYS B 75 -6.88 41.47 0.20
C LYS B 75 -5.73 42.01 1.03
N PHE B 76 -4.52 42.11 0.42
CA PHE B 76 -3.37 42.69 1.11
C PHE B 76 -3.62 44.18 1.37
N HIS B 77 -2.97 44.70 2.41
CA HIS B 77 -2.89 46.15 2.56
C HIS B 77 -2.49 46.79 1.24
N GLY B 78 -3.25 47.80 0.79
CA GLY B 78 -3.01 48.41 -0.49
C GLY B 78 -3.93 47.93 -1.59
N GLY B 79 -4.37 46.68 -1.51
CA GLY B 79 -5.34 46.15 -2.46
C GLY B 79 -4.88 44.95 -3.27
N ARG B 80 -3.64 44.46 -3.12
CA ARG B 80 -3.20 43.32 -3.93
C ARG B 80 -4.14 42.14 -3.73
N PRO B 81 -4.64 41.53 -4.81
CA PRO B 81 -5.67 40.50 -4.65
C PRO B 81 -5.08 39.18 -4.18
N SER B 82 -5.92 38.33 -3.58
CA SER B 82 -5.38 37.06 -3.06
C SER B 82 -4.60 36.33 -4.15
N TRP B 83 -5.21 36.19 -5.32
CA TRP B 83 -4.57 35.88 -6.60
C TRP B 83 -4.95 36.96 -7.59
N GLY B 84 -4.04 37.28 -8.49
CA GLY B 84 -4.36 38.28 -9.50
C GLY B 84 -3.57 38.18 -10.79
N ASN B 85 -4.07 38.92 -11.79
CA ASN B 85 -3.42 38.96 -13.08
C ASN B 85 -2.09 39.69 -13.01
N GLU B 86 -1.92 40.60 -12.06
CA GLU B 86 -0.65 41.29 -11.90
C GLU B 86 0.50 40.37 -11.53
N SER B 87 0.25 39.08 -11.27
CA SER B 87 1.29 38.16 -10.81
C SER B 87 2.25 37.75 -11.92
N THR B 88 1.88 37.95 -13.20
CA THR B 88 2.71 37.49 -14.31
C THR B 88 2.37 38.31 -15.56
N GLU B 89 3.34 38.39 -16.47
CA GLU B 89 3.18 39.05 -17.77
C GLU B 89 2.36 38.19 -18.73
N LEU B 90 2.43 36.87 -18.60
CA LEU B 90 1.77 36.00 -19.57
C LEU B 90 0.26 36.05 -19.37
N ARG B 91 -0.48 35.75 -20.44
CA ARG B 91 -1.93 35.75 -20.45
C ARG B 91 -2.41 34.47 -21.13
N THR B 92 -3.68 34.15 -20.89
CA THR B 92 -4.28 32.94 -21.44
C THR B 92 -5.79 33.07 -21.37
N THR B 93 -6.50 32.27 -22.18
CA THR B 93 -7.94 32.23 -22.05
C THR B 93 -8.41 31.37 -20.87
N ASP B 94 -7.53 30.59 -20.26
CA ASP B 94 -7.96 29.77 -19.13
C ASP B 94 -6.73 29.26 -18.38
N TRP B 95 -6.47 29.77 -17.17
CA TRP B 95 -5.30 29.31 -16.43
C TRP B 95 -5.38 27.85 -15.99
N TYR B 96 -6.54 27.23 -16.06
CA TYR B 96 -6.74 25.83 -15.67
C TYR B 96 -6.30 24.84 -16.73
N ARG B 97 -5.91 25.28 -17.94
CA ARG B 97 -5.69 24.36 -19.03
C ARG B 97 -4.55 23.36 -18.77
N HIS B 98 -3.52 23.77 -18.04
CA HIS B 98 -2.33 22.93 -17.90
C HIS B 98 -2.67 21.54 -17.35
N ARG B 99 -2.00 20.52 -17.90
CA ARG B 99 -2.02 19.15 -17.39
C ARG B 99 -0.60 18.61 -17.36
N ASP B 100 -0.21 18.09 -16.21
CA ASP B 100 1.01 17.27 -16.11
C ASP B 100 0.79 16.00 -16.92
N PRO B 101 1.61 15.70 -17.92
CA PRO B 101 1.45 14.43 -18.66
C PRO B 101 1.64 13.20 -17.76
N ALA B 102 2.33 13.36 -16.63
CA ALA B 102 2.47 12.24 -15.70
C ALA B 102 1.29 12.12 -14.77
N ARG B 103 0.36 13.11 -14.79
CA ARG B 103 -0.89 13.03 -14.04
C ARG B 103 -0.66 12.79 -12.56
N ARG B 104 0.33 13.47 -12.01
CA ARG B 104 0.64 13.34 -10.59
C ARG B 104 -0.30 14.21 -9.75
N TRP B 105 -1.19 13.59 -9.00
CA TRP B 105 -1.68 14.27 -7.81
C TRP B 105 -0.76 13.80 -6.66
N HIS B 106 -1.09 14.13 -5.41
CA HIS B 106 -0.10 13.91 -4.34
C HIS B 106 0.24 12.43 -4.20
N HIS B 107 -0.76 11.54 -4.30
CA HIS B 107 -0.50 10.14 -3.95
C HIS B 107 0.45 9.43 -4.91
N PRO B 108 0.27 9.47 -6.23
CA PRO B 108 1.27 8.85 -7.10
C PRO B 108 2.64 9.49 -6.95
N TYR B 109 2.70 10.79 -6.65
CA TYR B 109 3.98 11.44 -6.48
C TYR B 109 4.76 10.84 -5.30
N VAL B 110 4.12 10.75 -4.12
CA VAL B 110 4.86 10.18 -2.97
C VAL B 110 5.00 8.66 -3.07
N LYS B 111 4.08 7.97 -3.74
CA LYS B 111 4.25 6.55 -3.98
C LYS B 111 5.55 6.26 -4.74
N ASP B 112 5.79 7.00 -5.82
CA ASP B 112 6.98 6.79 -6.62
C ASP B 112 8.23 7.17 -5.85
N LYS B 113 8.21 8.32 -5.17
CA LYS B 113 9.44 8.73 -4.47
C LYS B 113 9.73 7.81 -3.28
N SER B 114 8.70 7.26 -2.65
CA SER B 114 8.93 6.27 -1.59
C SER B 114 9.67 5.05 -2.13
N GLU B 115 9.27 4.55 -3.30
CA GLU B 115 10.01 3.45 -3.91
C GLU B 115 11.49 3.76 -4.02
N GLU B 116 11.82 4.94 -4.55
CA GLU B 116 13.21 5.38 -4.67
C GLU B 116 13.86 5.52 -3.29
N ALA B 117 13.11 6.02 -2.29
CA ALA B 117 13.65 6.19 -0.95
C ALA B 117 14.10 4.87 -0.34
N ARG B 118 13.24 3.86 -0.39
CA ARG B 118 13.55 2.58 0.25
C ARG B 118 14.58 1.80 -0.55
N TYR B 119 14.46 1.80 -1.88
CA TYR B 119 15.43 1.05 -2.68
C TYR B 119 16.82 1.66 -2.59
N THR B 120 16.91 2.99 -2.48
CA THR B 120 18.22 3.61 -2.31
C THR B 120 18.96 3.04 -1.09
N GLN B 121 18.30 2.96 0.07
CA GLN B 121 18.95 2.47 1.29
C GLN B 121 19.34 0.99 1.17
N ARG B 122 18.50 0.19 0.52
CA ARG B 122 18.89 -1.20 0.25
C ARG B 122 20.11 -1.26 -0.67
N PHE B 123 20.12 -0.41 -1.70
CA PHE B 123 21.26 -0.41 -2.60
C PHE B 123 22.53 0.00 -1.87
N LEU B 124 22.47 1.03 -1.04
CA LEU B 124 23.67 1.46 -0.30
C LEU B 124 24.19 0.36 0.63
N ALA B 125 23.28 -0.28 1.36
CA ALA B 125 23.73 -1.33 2.28
C ALA B 125 24.44 -2.45 1.54
N ALA B 126 23.97 -2.76 0.32
CA ALA B 126 24.59 -3.82 -0.46
C ALA B 126 25.88 -3.33 -1.12
N TYR B 127 25.90 -2.05 -1.55
CA TYR B 127 27.05 -1.50 -2.23
C TYR B 127 28.25 -1.44 -1.28
N SER B 128 28.01 -0.99 -0.06
CA SER B 128 29.06 -1.02 0.95
C SER B 128 29.49 -2.47 1.22
N SER B 129 28.54 -3.40 1.26
CA SER B 129 28.89 -4.80 1.46
C SER B 129 29.69 -5.35 0.29
N GLU B 130 29.42 -4.86 -0.92
CA GLU B 130 30.14 -5.31 -2.11
C GLU B 130 31.58 -4.82 -2.14
N GLY B 131 31.86 -3.67 -1.54
CA GLY B 131 33.21 -3.14 -1.65
C GLY B 131 33.54 -2.53 -3.00
N SER B 132 32.53 -2.27 -3.85
CA SER B 132 32.77 -1.84 -5.22
C SER B 132 33.42 -0.46 -5.32
N ILE B 133 33.39 0.34 -4.25
CA ILE B 133 34.09 1.63 -4.27
C ILE B 133 35.59 1.45 -4.49
N ARG B 134 36.11 0.23 -4.28
CA ARG B 134 37.56 0.00 -4.35
C ARG B 134 38.15 0.33 -5.72
N THR B 135 37.37 0.26 -6.81
CA THR B 135 37.98 0.51 -8.11
C THR B 135 37.79 1.94 -8.64
N ILE B 136 37.23 2.85 -7.82
CA ILE B 136 37.03 4.22 -8.31
C ILE B 136 38.38 4.93 -8.38
N ASP B 137 38.58 5.72 -9.45
CA ASP B 137 39.76 6.56 -9.57
C ASP B 137 39.85 7.52 -8.38
N PRO B 138 40.92 7.48 -7.58
CA PRO B 138 40.92 8.28 -6.36
C PRO B 138 40.96 9.78 -6.61
N TYR B 139 41.63 10.23 -7.67
CA TYR B 139 41.65 11.65 -7.95
C TYR B 139 40.26 12.15 -8.29
N TRP B 140 39.54 11.42 -9.15
CA TRP B 140 38.16 11.78 -9.46
C TRP B 140 37.34 11.86 -8.19
N ARG B 141 37.43 10.82 -7.37
CA ARG B 141 36.66 10.71 -6.15
C ARG B 141 36.87 11.92 -5.26
N ASP B 142 38.13 12.27 -5.04
CA ASP B 142 38.54 13.22 -4.01
C ASP B 142 38.58 14.66 -4.49
N GLU B 143 39.10 14.89 -5.70
CA GLU B 143 39.36 16.25 -6.17
C GLU B 143 38.29 16.79 -7.09
N ILE B 144 37.57 15.95 -7.81
CA ILE B 144 36.53 16.40 -8.75
C ILE B 144 35.13 16.13 -8.18
N LEU B 145 34.80 14.85 -7.95
CA LEU B 145 33.49 14.48 -7.42
C LEU B 145 33.22 15.13 -6.08
N ASN B 146 34.00 14.79 -5.05
CA ASN B 146 33.63 15.27 -3.72
C ASN B 146 33.44 16.78 -3.70
N LYS B 147 34.35 17.49 -4.37
CA LYS B 147 34.42 18.94 -4.28
C LYS B 147 33.43 19.63 -5.21
N TYR B 148 33.40 19.26 -6.50
CA TYR B 148 32.60 19.96 -7.52
C TYR B 148 31.18 19.41 -7.69
N PHE B 149 30.98 18.09 -7.54
CA PHE B 149 29.62 17.57 -7.41
C PHE B 149 28.98 18.06 -6.11
N GLY B 150 29.73 18.03 -5.01
CA GLY B 150 29.26 18.69 -3.80
C GLY B 150 28.80 20.12 -4.06
N ALA B 151 29.64 20.91 -4.73
CA ALA B 151 29.27 22.31 -4.96
C ALA B 151 28.01 22.41 -5.80
N LEU B 152 27.78 21.43 -6.66
CA LEU B 152 26.58 21.50 -7.50
C LEU B 152 25.29 21.41 -6.69
N LEU B 153 25.34 20.85 -5.48
CA LEU B 153 24.12 20.77 -4.70
C LEU B 153 23.53 22.15 -4.45
N TYR B 154 24.39 23.18 -4.42
CA TYR B 154 23.94 24.56 -4.17
C TYR B 154 23.13 25.11 -5.35
N SER B 155 23.43 24.67 -6.57
CA SER B 155 22.59 25.03 -7.71
C SER B 155 21.22 24.37 -7.58
N GLU B 156 21.17 23.08 -7.26
CA GLU B 156 19.88 22.41 -7.07
C GLU B 156 19.09 23.05 -5.93
N TYR B 157 19.78 23.44 -4.85
CA TYR B 157 19.12 24.03 -3.70
C TYR B 157 18.55 25.40 -4.06
N GLY B 158 19.31 26.21 -4.80
CA GLY B 158 18.77 27.49 -5.21
C GLY B 158 17.58 27.38 -6.16
N LEU B 159 17.61 26.41 -7.06
CA LEU B 159 16.46 26.20 -7.93
C LEU B 159 15.27 25.71 -7.13
N PHE B 160 15.50 24.90 -6.09
CA PHE B 160 14.40 24.56 -5.19
C PHE B 160 13.74 25.82 -4.61
N ASN B 161 14.54 26.72 -4.02
CA ASN B 161 13.96 27.88 -3.35
C ASN B 161 13.37 28.87 -4.34
N ALA B 162 13.79 28.83 -5.61
CA ALA B 162 13.17 29.68 -6.62
C ALA B 162 11.67 29.47 -6.68
N HIS B 163 11.19 28.29 -6.28
CA HIS B 163 9.78 27.94 -6.33
C HIS B 163 8.96 28.47 -5.16
N SER B 164 9.56 29.09 -4.14
CA SER B 164 8.73 29.50 -2.99
C SER B 164 7.67 30.53 -3.41
N SER B 165 8.07 31.61 -4.11
CA SER B 165 7.04 32.57 -4.53
C SER B 165 6.15 31.99 -5.62
N VAL B 166 6.64 31.05 -6.43
CA VAL B 166 5.77 30.40 -7.40
C VAL B 166 4.63 29.66 -6.70
N GLY B 167 4.95 28.92 -5.63
CA GLY B 167 3.88 28.22 -4.91
C GLY B 167 2.83 29.15 -4.33
N ARG B 168 3.21 30.37 -3.94
CA ARG B 168 2.20 31.29 -3.46
C ARG B 168 1.44 31.95 -4.61
N ASP B 169 2.15 32.30 -5.68
CA ASP B 169 1.64 33.28 -6.62
C ASP B 169 0.87 32.67 -7.80
N CYS B 170 1.14 31.42 -8.18
CA CYS B 170 0.66 30.93 -9.47
C CYS B 170 -0.86 30.74 -9.50
N LEU B 171 -1.44 30.69 -10.70
CA LEU B 171 -2.85 31.01 -10.82
C LEU B 171 -3.77 29.81 -11.01
N SER B 172 -3.26 28.57 -10.96
CA SER B 172 -4.18 27.46 -11.00
C SER B 172 -3.63 26.25 -10.25
N ASP B 173 -4.53 25.28 -10.04
CA ASP B 173 -4.24 24.13 -9.19
C ASP B 173 -3.23 23.19 -9.85
N THR B 174 -3.45 22.83 -11.13
CA THR B 174 -2.53 21.92 -11.78
C THR B 174 -1.15 22.54 -11.91
N ILE B 175 -1.07 23.85 -12.13
CA ILE B 175 0.23 24.54 -12.19
C ILE B 175 0.90 24.50 -10.82
N ARG B 176 0.14 24.78 -9.76
CA ARG B 176 0.70 24.76 -8.43
C ARG B 176 1.30 23.39 -8.08
N GLN B 177 0.58 22.30 -8.42
CA GLN B 177 1.08 20.95 -8.19
C GLN B 177 2.38 20.70 -8.96
N THR B 178 2.39 21.00 -10.26
CA THR B 178 3.61 20.90 -11.06
C THR B 178 4.79 21.63 -10.42
N ALA B 179 4.55 22.85 -9.96
CA ALA B 179 5.62 23.66 -9.40
C ALA B 179 6.13 23.07 -8.08
N VAL B 180 5.22 22.66 -7.21
CA VAL B 180 5.65 22.18 -5.90
C VAL B 180 6.39 20.85 -6.04
N PHE B 181 5.90 19.94 -6.88
CA PHE B 181 6.61 18.67 -7.09
C PHE B 181 8.01 18.91 -7.70
N ALA B 182 8.11 19.87 -8.62
CA ALA B 182 9.41 20.22 -9.19
C ALA B 182 10.37 20.72 -8.11
N ALA B 183 9.87 21.52 -7.18
CA ALA B 183 10.70 22.06 -6.11
C ALA B 183 11.20 20.97 -5.19
N LEU B 184 10.32 20.03 -4.81
CA LEU B 184 10.76 18.94 -3.93
C LEU B 184 11.80 18.10 -4.65
N ASP B 185 11.61 17.87 -5.96
CA ASP B 185 12.60 17.11 -6.70
C ASP B 185 13.93 17.83 -6.74
N LYS B 186 13.91 19.17 -6.76
CA LYS B 186 15.19 19.90 -6.74
C LYS B 186 15.85 19.79 -5.37
N VAL B 187 15.09 19.94 -4.29
CA VAL B 187 15.76 19.87 -2.98
C VAL B 187 16.17 18.43 -2.70
N ASP B 188 15.43 17.46 -3.24
CA ASP B 188 15.84 16.05 -3.17
C ASP B 188 17.20 15.85 -3.83
N ASN B 189 17.38 16.41 -5.04
CA ASN B 189 18.68 16.33 -5.72
C ASN B 189 19.83 16.82 -4.84
N ALA B 190 19.64 17.96 -4.18
CA ALA B 190 20.68 18.49 -3.29
C ALA B 190 20.92 17.56 -2.13
N GLN B 191 19.85 17.03 -1.56
CA GLN B 191 19.99 16.11 -0.45
C GLN B 191 20.64 14.81 -0.88
N MET B 192 20.39 14.36 -2.12
CA MET B 192 20.94 13.11 -2.61
C MET B 192 22.43 13.22 -2.91
N ILE B 193 22.85 14.35 -3.48
CA ILE B 193 24.28 14.62 -3.59
C ILE B 193 24.94 14.56 -2.22
N GLN B 194 24.35 15.23 -1.23
CA GLN B 194 24.96 15.17 0.11
C GLN B 194 24.93 13.77 0.68
N MET B 195 23.87 12.99 0.39
CA MET B 195 23.83 11.61 0.86
C MET B 195 24.96 10.78 0.27
N GLU B 196 25.24 10.95 -1.02
CA GLU B 196 26.33 10.20 -1.64
C GLU B 196 27.67 10.54 -0.99
N ARG B 197 27.94 11.83 -0.75
CA ARG B 197 29.18 12.22 -0.09
C ARG B 197 29.28 11.64 1.33
N LEU B 198 28.19 11.71 2.11
CA LEU B 198 28.17 11.11 3.45
C LEU B 198 28.41 9.60 3.39
N PHE B 199 27.87 8.95 2.35
CA PHE B 199 28.07 7.51 2.19
C PHE B 199 29.52 7.19 1.86
N ILE B 200 30.12 7.94 0.93
CA ILE B 200 31.53 7.70 0.62
C ILE B 200 32.41 7.88 1.85
N ALA B 201 32.10 8.87 2.69
CA ALA B 201 32.90 9.10 3.89
C ALA B 201 32.92 7.89 4.82
N LYS B 202 31.83 7.11 4.86
CA LYS B 202 31.83 5.87 5.65
C LYS B 202 32.74 4.80 5.06
N LEU B 203 33.10 4.88 3.78
CA LEU B 203 33.88 3.83 3.13
C LEU B 203 35.34 4.20 2.89
N VAL B 204 35.67 5.49 2.91
CA VAL B 204 36.99 5.96 2.53
C VAL B 204 37.58 6.80 3.66
N PRO B 205 38.43 6.23 4.51
CA PRO B 205 39.04 6.99 5.59
C PRO B 205 39.70 8.26 5.10
N GLY B 206 39.42 9.37 5.77
CA GLY B 206 39.96 10.65 5.40
C GLY B 206 39.11 11.43 4.42
N PHE B 207 38.11 10.79 3.81
CA PHE B 207 37.19 11.49 2.91
C PHE B 207 36.23 12.37 3.72
N ASP B 208 36.18 13.65 3.41
CA ASP B 208 35.48 14.62 4.26
C ASP B 208 34.15 15.00 3.59
N ALA B 209 33.03 14.60 4.18
CA ALA B 209 31.71 14.92 3.61
C ALA B 209 31.14 16.25 4.10
N SER B 210 31.88 17.01 4.89
CA SER B 210 31.45 18.35 5.25
C SER B 210 31.11 19.16 3.99
N THR B 211 30.11 20.01 4.07
CA THR B 211 29.85 20.90 2.94
C THR B 211 30.77 22.12 2.90
N ASP B 212 31.78 22.23 3.78
CA ASP B 212 32.61 23.46 3.83
C ASP B 212 33.27 23.74 2.49
N VAL B 213 33.92 22.73 1.91
CA VAL B 213 34.66 22.93 0.66
C VAL B 213 33.69 23.09 -0.51
N PRO B 214 32.66 22.24 -0.66
CA PRO B 214 31.68 22.50 -1.73
C PRO B 214 31.08 23.89 -1.66
N LYS B 215 30.75 24.39 -0.46
CA LYS B 215 30.18 25.72 -0.35
C LYS B 215 31.18 26.81 -0.71
N LYS B 216 32.44 26.65 -0.31
CA LYS B 216 33.45 27.62 -0.70
C LYS B 216 33.62 27.63 -2.21
N ILE B 217 33.56 26.45 -2.83
CA ILE B 217 33.66 26.36 -4.28
C ILE B 217 32.44 27.03 -4.94
N TRP B 218 31.24 26.70 -4.47
CA TRP B 218 30.04 27.31 -5.07
C TRP B 218 30.09 28.83 -4.98
N THR B 219 30.50 29.37 -3.83
CA THR B 219 30.38 30.80 -3.58
C THR B 219 31.56 31.60 -4.09
N THR B 220 32.72 30.97 -4.33
CA THR B 220 33.91 31.73 -4.74
C THR B 220 34.70 31.14 -5.90
N ASP B 221 34.43 29.92 -6.33
CA ASP B 221 35.26 29.36 -7.41
C ASP B 221 34.77 29.87 -8.76
N PRO B 222 35.65 30.46 -9.58
CA PRO B 222 35.23 30.95 -10.90
C PRO B 222 34.46 29.95 -11.73
N ILE B 223 34.74 28.66 -11.56
CA ILE B 223 34.05 27.60 -12.30
C ILE B 223 32.53 27.67 -12.12
N TYR B 224 32.05 28.08 -10.94
CA TYR B 224 30.61 28.19 -10.68
C TYR B 224 30.12 29.64 -10.60
N SER B 225 30.95 30.61 -10.99
CA SER B 225 30.56 32.01 -10.84
C SER B 225 29.31 32.34 -11.67
N GLY B 226 29.32 31.96 -12.94
CA GLY B 226 28.17 32.26 -13.78
C GLY B 226 26.92 31.51 -13.34
N ALA B 227 27.08 30.24 -12.92
CA ALA B 227 25.92 29.47 -12.49
C ALA B 227 25.27 30.09 -11.27
N ARG B 228 26.08 30.45 -10.26
CA ARG B 228 25.55 31.07 -9.06
C ARG B 228 24.89 32.39 -9.37
N ALA B 229 25.48 33.20 -10.25
CA ALA B 229 24.83 34.48 -10.56
C ALA B 229 23.44 34.24 -11.15
N THR B 230 23.30 33.24 -12.04
CA THR B 230 22.00 33.00 -12.70
C THR B 230 20.98 32.48 -11.69
N VAL B 231 21.39 31.49 -10.89
CA VAL B 231 20.51 30.94 -9.86
C VAL B 231 20.02 32.04 -8.92
N GLN B 232 20.95 32.90 -8.43
CA GLN B 232 20.50 33.98 -7.54
C GLN B 232 19.48 34.89 -8.23
N GLU B 233 19.61 35.07 -9.54
CA GLU B 233 18.70 35.97 -10.23
C GLU B 233 17.33 35.33 -10.39
N ILE B 234 17.30 34.04 -10.78
CA ILE B 234 16.05 33.33 -10.99
C ILE B 234 15.28 33.18 -9.69
N TRP B 235 16.01 32.90 -8.61
CA TRP B 235 15.39 32.69 -7.30
C TRP B 235 14.93 34.02 -6.69
N GLN B 236 15.84 34.98 -6.55
CA GLN B 236 15.54 36.17 -5.74
C GLN B 236 15.42 37.46 -6.56
N GLY B 237 15.74 37.45 -7.84
CA GLY B 237 15.71 38.71 -8.57
C GLY B 237 14.41 39.02 -9.27
N VAL B 238 13.50 38.05 -9.40
CA VAL B 238 12.25 38.25 -10.11
C VAL B 238 11.13 37.66 -9.27
N GLN B 239 9.88 38.06 -9.57
CA GLN B 239 8.71 37.41 -8.97
C GLN B 239 7.66 36.94 -9.96
N ASP B 240 7.78 37.31 -11.23
CA ASP B 240 6.90 36.75 -12.24
C ASP B 240 7.04 35.23 -12.20
N TRP B 241 5.95 34.53 -11.80
CA TRP B 241 6.10 33.10 -11.52
C TRP B 241 6.27 32.28 -12.79
N ASN B 242 5.76 32.77 -13.93
CA ASN B 242 6.05 32.06 -15.19
C ASN B 242 7.51 32.26 -15.60
N GLU B 243 8.05 33.46 -15.38
CA GLU B 243 9.47 33.70 -15.68
C GLU B 243 10.37 32.81 -14.83
N ILE B 244 10.06 32.66 -13.54
CA ILE B 244 10.85 31.77 -12.68
C ILE B 244 10.86 30.35 -13.24
N LEU B 245 9.67 29.80 -13.50
CA LEU B 245 9.57 28.41 -13.96
C LEU B 245 10.27 28.23 -15.31
N TRP B 246 10.03 29.17 -16.23
CA TRP B 246 10.66 29.08 -17.54
C TRP B 246 12.17 29.22 -17.44
N ALA B 247 12.62 30.30 -16.79
CA ALA B 247 14.06 30.53 -16.74
C ALA B 247 14.75 29.42 -15.95
N GLY B 248 14.10 28.97 -14.88
CA GLY B 248 14.68 27.94 -14.03
C GLY B 248 14.79 26.60 -14.71
N HIS B 249 13.68 26.07 -15.21
CA HIS B 249 13.70 24.72 -15.75
C HIS B 249 13.99 24.64 -17.23
N ALA B 250 13.41 25.56 -18.03
CA ALA B 250 13.47 25.37 -19.46
C ALA B 250 14.70 26.02 -20.09
N VAL B 251 15.38 26.91 -19.38
CA VAL B 251 16.59 27.51 -19.92
C VAL B 251 17.80 27.10 -19.09
N TYR B 252 17.92 27.64 -17.88
CA TYR B 252 19.10 27.37 -17.06
C TYR B 252 19.26 25.88 -16.76
N ASP B 253 18.22 25.23 -16.24
CA ASP B 253 18.46 23.84 -15.86
C ASP B 253 18.54 22.92 -17.07
N ALA B 254 17.89 23.27 -18.17
CA ALA B 254 17.93 22.42 -19.35
C ALA B 254 19.25 22.51 -20.13
N THR B 255 20.08 23.53 -19.85
CA THR B 255 21.36 23.72 -20.52
C THR B 255 22.48 23.53 -19.50
N PHE B 256 22.69 24.48 -18.58
CA PHE B 256 23.76 24.30 -17.59
C PHE B 256 23.52 23.06 -16.73
N GLY B 257 22.31 22.93 -16.18
CA GLY B 257 22.03 21.79 -15.30
C GLY B 257 22.27 20.45 -15.95
N GLN B 258 21.70 20.25 -17.14
CA GLN B 258 21.87 18.99 -17.86
C GLN B 258 23.34 18.75 -18.22
N PHE B 259 24.06 19.81 -18.58
CA PHE B 259 25.48 19.61 -18.85
C PHE B 259 26.20 19.15 -17.59
N ALA B 260 26.01 19.87 -16.48
CA ALA B 260 26.76 19.53 -15.28
C ALA B 260 26.40 18.13 -14.79
N ARG B 261 25.09 17.84 -14.66
CA ARG B 261 24.70 16.55 -14.08
C ARG B 261 25.00 15.41 -15.03
N ARG B 262 24.58 15.54 -16.28
CA ARG B 262 24.61 14.39 -17.17
C ARG B 262 25.88 14.33 -18.03
N GLU B 263 26.32 15.45 -18.59
CA GLU B 263 27.52 15.39 -19.42
C GLU B 263 28.80 15.36 -18.60
N PHE B 264 28.81 16.01 -17.43
CA PHE B 264 30.04 16.01 -16.64
C PHE B 264 30.03 14.86 -15.63
N PHE B 265 29.23 14.97 -14.56
CA PHE B 265 29.38 14.02 -13.46
C PHE B 265 28.90 12.61 -13.82
N GLN B 266 27.72 12.47 -14.44
CA GLN B 266 27.29 11.11 -14.80
C GLN B 266 28.16 10.51 -15.90
N ARG B 267 28.48 11.29 -16.94
CA ARG B 267 29.21 10.72 -18.07
C ARG B 267 30.64 10.37 -17.68
N LEU B 268 31.32 11.30 -17.00
CA LEU B 268 32.70 11.07 -16.62
C LEU B 268 32.80 10.05 -15.49
N ALA B 269 31.72 9.85 -14.72
CA ALA B 269 31.74 8.75 -13.77
C ALA B 269 32.02 7.43 -14.49
N THR B 270 31.46 7.26 -15.68
CA THR B 270 31.64 6.00 -16.40
C THR B 270 32.88 6.01 -17.29
N VAL B 271 33.72 6.99 -17.12
CA VAL B 271 35.05 6.98 -17.70
C VAL B 271 36.15 6.86 -16.63
N TYR B 272 35.86 7.22 -15.38
CA TYR B 272 36.83 7.15 -14.28
C TYR B 272 36.55 6.02 -13.28
N GLY B 273 35.71 5.05 -13.63
CA GLY B 273 35.52 3.90 -12.75
C GLY B 273 34.62 4.12 -11.56
N ASP B 274 33.74 5.10 -11.61
CA ASP B 274 32.84 5.46 -10.53
C ASP B 274 31.55 4.64 -10.70
N THR B 275 31.43 3.55 -9.95
CA THR B 275 30.23 2.70 -9.94
C THR B 275 29.14 3.19 -9.01
N LEU B 276 29.32 4.32 -8.33
CA LEU B 276 28.38 4.83 -7.35
C LEU B 276 27.56 6.00 -7.87
N THR B 277 28.24 7.03 -8.36
CA THR B 277 27.54 8.24 -8.80
C THR B 277 26.42 7.94 -9.79
N PRO B 278 26.55 6.99 -10.73
CA PRO B 278 25.41 6.77 -11.66
C PRO B 278 24.12 6.36 -10.98
N PHE B 279 24.17 5.74 -9.80
CA PHE B 279 22.94 5.42 -9.08
C PHE B 279 22.19 6.69 -8.68
N PHE B 280 22.94 7.71 -8.25
CA PHE B 280 22.39 8.97 -7.82
C PHE B 280 21.96 9.86 -9.01
N THR B 281 22.76 9.91 -10.07
CA THR B 281 22.34 10.76 -11.18
C THR B 281 21.19 10.13 -11.95
N ALA B 282 21.02 8.80 -11.86
CA ALA B 282 19.82 8.18 -12.42
C ALA B 282 18.55 8.83 -11.86
N GLN B 283 18.58 9.22 -10.58
CA GLN B 283 17.41 9.82 -9.95
C GLN B 283 17.25 11.26 -10.42
N SER B 284 18.30 12.09 -10.36
CA SER B 284 18.17 13.49 -10.80
C SER B 284 17.74 13.57 -12.27
N GLN B 285 18.23 12.66 -13.11
CA GLN B 285 17.89 12.74 -14.53
C GLN B 285 16.48 12.24 -14.81
N THR B 286 16.00 11.24 -14.06
CA THR B 286 14.58 10.87 -14.12
C THR B 286 13.71 12.02 -13.68
N TYR B 287 14.08 12.67 -12.57
CA TYR B 287 13.30 13.82 -12.11
C TYR B 287 13.30 14.94 -13.14
N PHE B 288 14.43 15.16 -13.80
CA PHE B 288 14.48 16.23 -14.80
C PHE B 288 13.52 15.94 -15.93
N GLN B 289 13.41 14.68 -16.36
CA GLN B 289 12.55 14.42 -17.51
C GLN B 289 11.07 14.50 -17.11
N THR B 290 10.72 14.06 -15.90
CA THR B 290 9.33 14.21 -15.44
C THR B 290 8.96 15.68 -15.31
N THR B 291 9.84 16.47 -14.71
CA THR B 291 9.60 17.90 -14.60
C THR B 291 9.46 18.54 -15.97
N ARG B 292 10.28 18.09 -16.93
CA ARG B 292 10.26 18.68 -18.26
C ARG B 292 8.92 18.46 -18.93
N GLY B 293 8.37 17.24 -18.81
CA GLY B 293 7.06 16.97 -19.40
C GLY B 293 6.02 17.97 -18.95
N ALA B 294 6.04 18.32 -17.65
CA ALA B 294 5.04 19.23 -17.12
C ALA B 294 5.36 20.69 -17.48
N ILE B 295 6.65 21.09 -17.40
CA ILE B 295 7.04 22.44 -17.80
C ILE B 295 6.72 22.66 -19.28
N ASP B 296 7.03 21.67 -20.11
CA ASP B 296 6.73 21.72 -21.54
C ASP B 296 5.24 21.96 -21.79
N ASP B 297 4.39 21.24 -21.06
CA ASP B 297 2.95 21.39 -21.25
C ASP B 297 2.48 22.79 -20.90
N LEU B 298 2.92 23.31 -19.76
CA LEU B 298 2.50 24.64 -19.37
C LEU B 298 2.92 25.68 -20.42
N PHE B 299 4.19 25.69 -20.79
CA PHE B 299 4.68 26.78 -21.64
C PHE B 299 4.48 26.56 -23.14
N VAL B 300 4.55 25.32 -23.62
CA VAL B 300 4.37 25.07 -25.05
C VAL B 300 2.90 24.83 -25.41
N TYR B 301 2.31 23.74 -24.89
CA TYR B 301 0.92 23.45 -25.23
C TYR B 301 -0.04 24.57 -24.82
N CYS B 302 0.11 25.08 -23.59
CA CYS B 302 -0.86 26.07 -23.06
C CYS B 302 -0.50 27.52 -23.43
N LEU B 303 0.67 27.99 -23.06
CA LEU B 303 0.87 29.44 -23.18
C LEU B 303 1.38 29.86 -24.56
N ALA B 304 2.32 29.11 -25.15
CA ALA B 304 2.84 29.50 -26.44
C ALA B 304 1.84 29.31 -27.57
N ASN B 305 0.79 28.52 -27.35
CA ASN B 305 -0.22 28.25 -28.36
C ASN B 305 -1.63 28.63 -27.92
N ASP B 306 -1.79 29.35 -26.81
CA ASP B 306 -3.10 29.84 -26.41
C ASP B 306 -3.76 30.63 -27.56
N SER B 307 -5.03 30.34 -27.85
CA SER B 307 -5.62 30.85 -29.10
C SER B 307 -5.57 32.36 -29.20
N GLU B 308 -5.66 33.05 -28.06
CA GLU B 308 -5.69 34.50 -28.10
C GLU B 308 -4.34 35.13 -27.76
N PHE B 309 -3.52 34.48 -26.94
CA PHE B 309 -2.32 35.14 -26.41
C PHE B 309 -1.03 34.41 -26.74
N GLY B 310 -1.05 33.40 -27.63
CA GLY B 310 0.16 32.62 -27.90
C GLY B 310 1.32 33.47 -28.42
N ALA B 311 1.07 34.32 -29.40
CA ALA B 311 2.18 35.15 -29.90
C ALA B 311 2.60 36.18 -28.87
N HIS B 312 1.64 36.73 -28.13
CA HIS B 312 1.94 37.64 -27.02
C HIS B 312 2.85 36.95 -26.00
N ASN B 313 2.53 35.73 -25.64
CA ASN B 313 3.37 35.00 -24.67
C ASN B 313 4.73 34.65 -25.27
N ARG B 314 4.78 34.30 -26.57
CA ARG B 314 6.08 34.05 -27.19
C ARG B 314 6.96 35.29 -27.18
N THR B 315 6.37 36.48 -27.29
CA THR B 315 7.19 37.71 -27.22
C THR B 315 7.94 37.76 -25.89
N PHE B 316 7.23 37.54 -24.78
CA PHE B 316 7.91 37.52 -23.49
C PHE B 316 8.84 36.31 -23.38
N LEU B 317 8.40 35.12 -23.82
CA LEU B 317 9.24 33.94 -23.65
C LEU B 317 10.53 34.09 -24.44
N ASN B 318 10.45 34.72 -25.62
N ASN B 318 10.43 34.69 -25.63
CA ASN B 318 11.66 34.93 -26.40
CA ASN B 318 11.61 34.96 -26.45
C ASN B 318 12.57 35.94 -25.74
C ASN B 318 12.55 35.93 -25.75
N ALA B 319 12.01 37.01 -25.17
CA ALA B 319 12.85 37.94 -24.43
C ALA B 319 13.50 37.26 -23.23
N TRP B 320 12.74 36.47 -22.48
CA TRP B 320 13.33 35.74 -21.35
C TRP B 320 14.44 34.81 -21.81
N THR B 321 14.16 34.04 -22.86
CA THR B 321 15.13 33.05 -23.33
C THR B 321 16.42 33.71 -23.78
N GLU B 322 16.33 34.84 -24.51
CA GLU B 322 17.55 35.54 -24.88
C GLU B 322 18.37 35.92 -23.67
N HIS B 323 17.71 36.45 -22.63
CA HIS B 323 18.42 36.88 -21.44
C HIS B 323 19.04 35.69 -20.70
N TYR B 324 18.22 34.69 -20.35
CA TYR B 324 18.73 33.59 -19.53
C TYR B 324 19.56 32.60 -20.33
N LEU B 325 19.38 32.51 -21.66
CA LEU B 325 20.35 31.72 -22.43
C LEU B 325 21.74 32.36 -22.38
N ALA B 326 21.80 33.68 -22.53
CA ALA B 326 23.07 34.39 -22.33
C ALA B 326 23.64 34.07 -20.94
N SER B 327 22.80 34.17 -19.89
CA SER B 327 23.27 33.84 -18.54
C SER B 327 23.81 32.42 -18.45
N SER B 328 23.15 31.48 -19.14
CA SER B 328 23.52 30.06 -19.03
C SER B 328 24.77 29.74 -19.83
N VAL B 329 24.92 30.39 -20.99
CA VAL B 329 26.14 30.24 -21.78
C VAL B 329 27.34 30.74 -21.00
N ALA B 330 27.20 31.89 -20.33
CA ALA B 330 28.30 32.37 -19.48
C ALA B 330 28.57 31.37 -18.36
N ALA B 331 27.51 30.78 -17.80
CA ALA B 331 27.67 29.80 -16.74
C ALA B 331 28.44 28.59 -17.23
N LEU B 332 28.10 28.09 -18.43
CA LEU B 332 28.84 26.97 -19.02
C LEU B 332 30.26 27.35 -19.41
N LYS B 333 30.47 28.57 -19.92
CA LYS B 333 31.82 29.02 -20.23
C LYS B 333 32.71 28.99 -18.98
N ASP B 334 32.19 29.46 -17.84
CA ASP B 334 32.91 29.30 -16.58
C ASP B 334 33.11 27.83 -16.23
N PHE B 335 32.06 27.02 -16.41
CA PHE B 335 32.08 25.66 -15.85
C PHE B 335 33.10 24.78 -16.55
N VAL B 336 33.29 24.94 -17.87
CA VAL B 336 34.19 24.04 -18.58
C VAL B 336 35.65 24.28 -18.24
N GLY B 337 35.97 25.32 -17.47
CA GLY B 337 37.31 25.41 -16.92
C GLY B 337 37.61 24.28 -15.96
N LEU B 338 36.56 23.60 -15.48
CA LEU B 338 36.75 22.41 -14.63
C LEU B 338 37.52 21.31 -15.37
N TYR B 339 37.37 21.23 -16.69
CA TYR B 339 38.05 20.20 -17.46
C TYR B 339 39.58 20.30 -17.39
N ALA B 340 40.12 21.49 -17.09
CA ALA B 340 41.56 21.64 -16.93
C ALA B 340 42.07 20.87 -15.73
N LYS B 341 41.18 20.47 -14.82
CA LYS B 341 41.54 19.75 -13.60
C LYS B 341 41.36 18.24 -13.69
N VAL B 342 40.78 17.70 -14.78
CA VAL B 342 40.55 16.27 -14.86
C VAL B 342 41.62 15.61 -15.71
N GLU B 343 41.76 14.29 -15.52
CA GLU B 343 42.67 13.49 -16.32
C GLU B 343 42.11 13.28 -17.72
N LYS B 344 42.96 13.53 -18.73
CA LYS B 344 42.52 13.53 -20.11
C LYS B 344 42.07 12.14 -20.55
N VAL B 345 40.90 12.08 -21.18
CA VAL B 345 40.35 10.86 -21.76
C VAL B 345 39.87 11.20 -23.16
N ALA B 346 40.49 10.59 -24.16
CA ALA B 346 40.14 10.91 -25.55
C ALA B 346 38.66 10.73 -25.77
N GLY B 347 38.03 11.71 -26.43
CA GLY B 347 36.62 11.65 -26.73
C GLY B 347 35.71 12.07 -25.60
N ALA B 348 36.23 12.33 -24.42
CA ALA B 348 35.42 12.72 -23.28
C ALA B 348 35.83 14.06 -22.71
N THR B 349 37.13 14.26 -22.45
CA THR B 349 37.58 15.46 -21.79
C THR B 349 38.46 16.33 -22.66
N ASP B 350 38.82 15.89 -23.86
CA ASP B 350 39.52 16.75 -24.80
C ASP B 350 38.53 17.67 -25.50
N ARG B 351 39.05 18.54 -26.38
CA ARG B 351 38.21 19.57 -26.98
C ARG B 351 37.10 18.96 -27.81
N ALA B 352 37.41 17.88 -28.54
CA ALA B 352 36.39 17.21 -29.33
C ALA B 352 35.29 16.63 -28.45
N GLY B 353 35.67 16.02 -27.32
CA GLY B 353 34.67 15.43 -26.44
C GLY B 353 33.74 16.48 -25.85
N VAL B 354 34.33 17.58 -25.39
CA VAL B 354 33.55 18.65 -24.78
C VAL B 354 32.72 19.38 -25.83
N SER B 355 33.27 19.56 -27.03
CA SER B 355 32.48 20.10 -28.12
C SER B 355 31.25 19.24 -28.39
N GLU B 356 31.42 17.91 -28.43
CA GLU B 356 30.27 17.05 -28.69
C GLU B 356 29.29 17.05 -27.53
N ALA B 357 29.78 17.16 -26.29
CA ALA B 357 28.86 17.30 -25.16
C ALA B 357 28.02 18.58 -25.28
N LEU B 358 28.63 19.69 -25.67
CA LEU B 358 27.86 20.92 -25.81
C LEU B 358 26.91 20.85 -27.00
N GLN B 359 27.29 20.14 -28.07
CA GLN B 359 26.39 19.95 -29.20
C GLN B 359 25.14 19.18 -28.80
N ARG B 360 25.31 18.11 -28.02
CA ARG B 360 24.15 17.41 -27.47
C ARG B 360 23.29 18.36 -26.64
N VAL B 361 23.90 19.13 -25.74
CA VAL B 361 23.09 19.92 -24.80
C VAL B 361 22.36 21.05 -25.53
N PHE B 362 23.08 21.82 -26.35
CA PHE B 362 22.42 22.91 -27.06
C PHE B 362 21.57 22.40 -28.21
N GLY B 363 21.98 21.32 -28.85
CA GLY B 363 21.16 20.71 -29.89
C GLY B 363 19.86 20.14 -29.33
N ASP B 364 19.94 19.39 -28.21
CA ASP B 364 18.73 18.86 -27.58
C ASP B 364 17.80 20.00 -27.17
N TRP B 365 18.37 21.07 -26.63
CA TRP B 365 17.60 22.19 -26.12
C TRP B 365 16.87 22.93 -27.25
N LYS B 366 17.56 23.12 -28.39
CA LYS B 366 16.90 23.74 -29.55
C LYS B 366 15.67 22.95 -29.96
N ILE B 367 15.78 21.61 -29.96
CA ILE B 367 14.64 20.75 -30.30
C ILE B 367 13.56 20.79 -29.22
N ASP B 368 13.97 20.72 -27.95
CA ASP B 368 12.99 20.49 -26.87
C ASP B 368 12.25 21.75 -26.47
N TYR B 369 12.92 22.89 -26.57
CA TYR B 369 12.31 24.14 -26.17
C TYR B 369 12.32 25.22 -27.24
N ALA B 370 13.50 25.54 -27.80
CA ALA B 370 13.59 26.75 -28.63
C ALA B 370 12.67 26.66 -29.85
N ASP B 371 12.73 25.53 -30.57
CA ASP B 371 11.90 25.36 -31.76
C ASP B 371 10.42 25.49 -31.44
N LYS B 372 10.00 25.12 -30.23
CA LYS B 372 8.57 25.10 -29.92
C LYS B 372 8.02 26.48 -29.52
N ILE B 373 8.87 27.46 -29.22
CA ILE B 373 8.38 28.80 -28.97
C ILE B 373 8.84 29.78 -30.05
N GLY B 374 9.47 29.29 -31.12
CA GLY B 374 9.94 30.16 -32.18
C GLY B 374 11.20 30.91 -31.87
N PHE B 375 12.03 30.40 -30.96
CA PHE B 375 13.28 31.07 -30.59
C PHE B 375 14.38 30.57 -31.51
N ARG B 376 14.92 31.47 -32.33
CA ARG B 376 15.98 31.08 -33.23
C ARG B 376 17.29 30.95 -32.46
N VAL B 377 18.03 29.88 -32.71
CA VAL B 377 19.29 29.70 -32.02
C VAL B 377 20.27 29.03 -32.98
N ASP B 378 21.49 29.54 -33.00
CA ASP B 378 22.59 28.95 -33.76
C ASP B 378 23.41 28.09 -32.79
N VAL B 379 23.23 26.77 -32.89
CA VAL B 379 23.84 25.84 -31.94
C VAL B 379 25.37 25.97 -31.96
N ASP B 380 25.96 25.93 -33.16
CA ASP B 380 27.41 26.04 -33.28
C ASP B 380 27.94 27.31 -32.63
N GLN B 381 27.20 28.43 -32.76
CA GLN B 381 27.62 29.67 -32.13
C GLN B 381 27.62 29.57 -30.61
N LYS B 382 26.64 28.87 -30.02
CA LYS B 382 26.62 28.69 -28.57
C LYS B 382 27.74 27.75 -28.11
N VAL B 383 27.95 26.66 -28.85
CA VAL B 383 29.06 25.74 -28.55
C VAL B 383 30.39 26.50 -28.52
N ASP B 384 30.64 27.30 -29.56
CA ASP B 384 31.90 28.04 -29.66
C ASP B 384 32.02 29.09 -28.57
N ALA B 385 30.91 29.71 -28.17
CA ALA B 385 31.02 30.68 -27.09
C ALA B 385 31.44 30.01 -25.79
N VAL B 386 30.89 28.81 -25.52
CA VAL B 386 31.29 28.08 -24.32
C VAL B 386 32.73 27.58 -24.45
N LEU B 387 33.11 27.10 -25.65
CA LEU B 387 34.44 26.54 -25.81
C LEU B 387 35.55 27.58 -25.64
N ALA B 388 35.22 28.87 -25.74
CA ALA B 388 36.20 29.91 -25.43
C ALA B 388 36.71 29.78 -23.98
N GLY B 389 35.94 29.17 -23.09
CA GLY B 389 36.40 28.93 -21.74
C GLY B 389 37.10 27.61 -21.55
N TYR B 390 37.20 26.80 -22.61
CA TYR B 390 37.89 25.53 -22.51
C TYR B 390 39.40 25.74 -22.68
N LYS B 391 40.20 25.17 -21.76
CA LYS B 391 41.66 25.31 -21.80
C LYS B 391 42.25 24.16 -22.61
N ASN B 392 42.76 24.47 -23.80
CA ASN B 392 43.28 23.48 -24.73
C ASN B 392 44.49 22.75 -24.16
N ALA C 1 -31.30 48.32 -8.88
CA ALA C 1 -32.60 47.91 -9.42
C ALA C 1 -32.65 46.40 -9.68
N LYS C 2 -32.34 46.01 -10.90
CA LYS C 2 -32.31 44.58 -11.25
C LYS C 2 -31.00 44.31 -11.97
N ARG C 3 -30.12 43.53 -11.34
CA ARG C 3 -28.88 43.16 -11.99
C ARG C 3 -29.16 42.22 -13.16
N GLU C 4 -28.33 42.34 -14.19
CA GLU C 4 -28.31 41.39 -15.30
C GLU C 4 -27.57 40.12 -14.86
N PRO C 5 -27.52 39.08 -15.73
CA PRO C 5 -26.75 37.88 -15.36
C PRO C 5 -25.30 38.17 -15.01
N ILE C 6 -24.67 37.24 -14.28
CA ILE C 6 -23.36 37.52 -13.67
C ILE C 6 -22.29 37.67 -14.73
N HIS C 7 -22.20 36.70 -15.66
CA HIS C 7 -21.02 36.52 -16.48
C HIS C 7 -21.20 36.98 -17.92
N ASP C 8 -22.38 37.46 -18.28
CA ASP C 8 -22.67 37.82 -19.66
C ASP C 8 -23.77 38.85 -19.55
N ASN C 9 -23.47 40.11 -19.90
CA ASN C 9 -24.46 41.15 -19.68
C ASN C 9 -24.12 42.37 -20.51
N SER C 10 -25.04 43.32 -20.52
CA SER C 10 -24.91 44.40 -21.48
C SER C 10 -23.80 45.36 -21.07
N ILE C 11 -23.55 45.51 -19.77
CA ILE C 11 -22.44 46.36 -19.35
C ILE C 11 -21.11 45.78 -19.81
N ARG C 12 -20.88 44.48 -19.62
CA ARG C 12 -19.60 43.92 -20.04
C ARG C 12 -19.48 43.96 -21.56
N THR C 13 -20.58 43.67 -22.24
CA THR C 13 -20.55 43.69 -23.69
C THR C 13 -20.23 45.09 -24.20
N GLU C 14 -20.82 46.12 -23.60
CA GLU C 14 -20.58 47.50 -24.03
C GLU C 14 -19.14 47.92 -23.75
N TRP C 15 -18.59 47.49 -22.61
CA TRP C 15 -17.21 47.88 -22.33
C TRP C 15 -16.24 47.17 -23.27
N GLU C 16 -16.52 45.90 -23.61
CA GLU C 16 -15.68 45.20 -24.57
C GLU C 16 -15.66 45.91 -25.94
N ALA C 17 -16.81 46.46 -26.36
CA ALA C 17 -16.84 47.22 -27.61
C ALA C 17 -16.01 48.49 -27.49
N LYS C 18 -16.00 49.13 -26.32
CA LYS C 18 -15.11 50.28 -26.13
C LYS C 18 -13.64 49.86 -26.21
N ILE C 19 -13.30 48.74 -25.56
CA ILE C 19 -11.91 48.30 -25.52
C ILE C 19 -11.44 47.94 -26.93
N ALA C 20 -12.33 47.39 -27.73
CA ALA C 20 -12.00 46.96 -29.09
C ALA C 20 -11.49 48.13 -29.94
N LYS C 21 -11.85 49.36 -29.58
CA LYS C 21 -11.43 50.52 -30.34
C LYS C 21 -10.04 51.04 -29.97
N LEU C 22 -9.42 50.52 -28.91
CA LEU C 22 -8.08 50.96 -28.54
C LEU C 22 -7.07 50.43 -29.56
N THR C 23 -6.21 51.31 -30.10
CA THR C 23 -5.25 50.92 -31.13
C THR C 23 -3.80 51.27 -30.84
N SER C 24 -3.51 51.99 -29.77
CA SER C 24 -2.13 52.28 -29.44
C SER C 24 -1.89 52.07 -27.94
N VAL C 25 -0.63 51.85 -27.62
CA VAL C 25 -0.20 51.76 -26.23
C VAL C 25 -0.61 53.01 -25.45
N ASP C 26 -0.31 54.20 -26.01
CA ASP C 26 -0.61 55.45 -25.31
C ASP C 26 -2.09 55.53 -24.99
N GLN C 27 -2.93 55.23 -25.97
CA GLN C 27 -4.37 55.36 -25.79
C GLN C 27 -4.87 54.34 -24.77
N ALA C 28 -4.38 53.11 -24.84
CA ALA C 28 -4.82 52.09 -23.89
C ALA C 28 -4.32 52.39 -22.48
N THR C 29 -3.17 53.06 -22.36
CA THR C 29 -2.62 53.38 -21.05
C THR C 29 -3.46 54.47 -20.37
N LYS C 30 -3.83 55.51 -21.12
CA LYS C 30 -4.74 56.51 -20.58
C LYS C 30 -6.11 55.89 -20.27
N PHE C 31 -6.55 54.97 -21.10
CA PHE C 31 -7.82 54.27 -20.88
C PHE C 31 -7.79 53.46 -19.57
N ILE C 32 -6.76 52.66 -19.37
CA ILE C 32 -6.74 51.80 -18.17
C ILE C 32 -6.49 52.63 -16.91
N GLN C 33 -5.63 53.65 -17.00
CA GLN C 33 -5.42 54.53 -15.85
C GLN C 33 -6.69 55.28 -15.48
N ASP C 34 -7.38 55.87 -16.48
CA ASP C 34 -8.64 56.54 -16.19
C ASP C 34 -9.66 55.55 -15.63
N PHE C 35 -9.72 54.34 -16.21
CA PHE C 35 -10.66 53.34 -15.70
C PHE C 35 -10.38 53.00 -14.25
N ARG C 36 -9.11 52.78 -13.90
CA ARG C 36 -8.80 52.35 -12.54
C ARG C 36 -9.05 53.47 -11.53
N LEU C 37 -8.83 54.73 -11.94
CA LEU C 37 -9.16 55.86 -11.07
C LEU C 37 -10.66 56.01 -10.90
N ALA C 38 -11.44 55.74 -11.95
CA ALA C 38 -12.87 55.95 -11.84
C ALA C 38 -13.62 54.84 -11.12
N TYR C 39 -13.13 53.60 -11.22
CA TYR C 39 -13.98 52.46 -10.87
C TYR C 39 -13.39 51.45 -9.89
N THR C 40 -12.13 51.58 -9.47
CA THR C 40 -11.50 50.63 -8.56
C THR C 40 -11.07 51.31 -7.27
N SER C 41 -11.06 50.52 -6.17
CA SER C 41 -10.57 50.91 -4.84
C SER C 41 -11.66 51.68 -4.10
N PRO C 42 -11.53 51.83 -2.77
CA PRO C 42 -12.53 52.60 -2.02
C PRO C 42 -12.58 54.08 -2.38
N PHE C 43 -11.59 54.59 -3.10
CA PHE C 43 -11.54 56.00 -3.48
C PHE C 43 -11.96 56.21 -4.92
N ARG C 44 -12.65 55.23 -5.49
CA ARG C 44 -13.08 55.32 -6.87
C ARG C 44 -14.11 56.43 -7.02
N LYS C 45 -14.30 56.88 -8.26
CA LYS C 45 -15.28 57.92 -8.49
C LYS C 45 -16.70 57.39 -8.63
N SER C 46 -16.85 56.10 -8.96
CA SER C 46 -18.18 55.60 -9.24
C SER C 46 -18.30 54.11 -8.95
N TYR C 47 -19.42 53.71 -8.35
CA TYR C 47 -19.79 52.30 -8.17
C TYR C 47 -20.81 51.84 -9.20
N ASP C 48 -20.98 52.60 -10.29
CA ASP C 48 -22.01 52.27 -11.27
C ASP C 48 -21.79 50.94 -11.97
N ILE C 49 -20.57 50.39 -11.99
CA ILE C 49 -20.28 49.12 -12.64
C ILE C 49 -19.60 48.18 -11.64
N ASP C 50 -20.00 48.29 -10.37
CA ASP C 50 -19.34 47.55 -9.31
C ASP C 50 -19.24 46.05 -9.58
N VAL C 51 -20.31 45.39 -10.06
CA VAL C 51 -20.20 43.93 -10.19
C VAL C 51 -19.56 43.50 -11.50
N ASP C 52 -19.14 44.45 -12.34
CA ASP C 52 -18.51 44.15 -13.62
C ASP C 52 -17.11 44.71 -13.79
N TYR C 53 -16.67 45.62 -12.90
CA TYR C 53 -15.44 46.35 -13.17
C TYR C 53 -14.21 45.44 -13.15
N GLN C 54 -14.22 44.40 -12.32
CA GLN C 54 -13.03 43.58 -12.25
C GLN C 54 -12.83 42.80 -13.54
N TYR C 55 -13.90 42.24 -14.06
CA TYR C 55 -13.82 41.57 -15.34
C TYR C 55 -13.45 42.56 -16.45
N ILE C 56 -14.09 43.72 -16.46
CA ILE C 56 -13.76 44.71 -17.49
C ILE C 56 -12.29 45.10 -17.40
N GLU C 57 -11.78 45.30 -16.17
CA GLU C 57 -10.38 45.64 -16.00
C GLU C 57 -9.46 44.59 -16.63
N ARG C 58 -9.75 43.30 -16.39
CA ARG C 58 -9.00 42.22 -17.01
C ARG C 58 -8.99 42.36 -18.54
N LYS C 59 -10.13 42.70 -19.13
CA LYS C 59 -10.18 42.82 -20.58
C LYS C 59 -9.37 44.01 -21.06
N ILE C 60 -9.35 45.11 -20.31
CA ILE C 60 -8.47 46.23 -20.71
C ILE C 60 -7.02 45.79 -20.62
N GLU C 61 -6.64 45.16 -19.50
CA GLU C 61 -5.27 44.69 -19.34
C GLU C 61 -4.85 43.85 -20.53
N GLU C 62 -5.72 42.91 -20.95
CA GLU C 62 -5.38 42.05 -22.08
C GLU C 62 -5.15 42.86 -23.35
N LYS C 63 -5.97 43.88 -23.57
CA LYS C 63 -5.79 44.71 -24.76
C LYS C 63 -4.48 45.48 -24.69
N LEU C 64 -4.21 46.12 -23.54
CA LEU C 64 -2.97 46.87 -23.40
C LEU C 64 -1.75 45.96 -23.56
N SER C 65 -1.80 44.74 -23.02
CA SER C 65 -0.63 43.87 -23.09
C SER C 65 -0.35 43.40 -24.52
N VAL C 66 -1.38 43.06 -25.29
CA VAL C 66 -1.15 42.65 -26.67
C VAL C 66 -0.61 43.83 -27.48
N LEU C 67 -1.12 45.04 -27.24
CA LEU C 67 -0.58 46.22 -27.93
C LEU C 67 0.88 46.45 -27.57
N LYS C 68 1.25 46.24 -26.30
CA LYS C 68 2.65 46.33 -25.93
C LYS C 68 3.49 45.37 -26.74
N THR C 69 3.08 44.10 -26.82
CA THR C 69 3.96 43.14 -27.48
C THR C 69 3.99 43.36 -28.99
N GLU C 70 2.88 43.81 -29.58
CA GLU C 70 2.88 44.10 -31.02
C GLU C 70 3.74 45.31 -31.37
N LYS C 71 3.80 46.32 -30.50
CA LYS C 71 4.35 47.64 -30.87
C LYS C 71 5.65 48.01 -30.16
N LEU C 72 5.88 47.53 -28.94
CA LEU C 72 7.05 48.11 -28.26
C LEU C 72 8.30 47.26 -28.47
N PRO C 73 9.47 47.87 -28.44
CA PRO C 73 10.70 47.08 -28.43
C PRO C 73 10.84 46.33 -27.11
N VAL C 74 11.53 45.19 -27.19
CA VAL C 74 11.63 44.28 -26.05
C VAL C 74 12.12 45.02 -24.82
N ALA C 75 13.17 45.84 -24.97
CA ALA C 75 13.74 46.54 -23.83
C ALA C 75 12.71 47.41 -23.10
N ASP C 76 11.75 48.01 -23.84
CA ASP C 76 10.68 48.78 -23.18
C ASP C 76 9.80 47.89 -22.30
N LEU C 77 9.59 46.64 -22.70
CA LEU C 77 8.76 45.74 -21.89
C LEU C 77 9.39 45.45 -20.54
N ILE C 78 10.73 45.43 -20.49
CA ILE C 78 11.43 45.12 -19.25
C ILE C 78 11.65 46.37 -18.40
N THR C 79 11.97 47.51 -19.01
CA THR C 79 12.53 48.61 -18.24
C THR C 79 11.67 49.86 -18.16
N LYS C 80 10.54 49.93 -18.89
CA LYS C 80 9.73 51.14 -18.95
C LYS C 80 8.29 50.88 -18.57
N ALA C 81 7.68 51.86 -17.90
CA ALA C 81 6.24 51.92 -17.81
C ALA C 81 5.63 52.32 -19.15
N THR C 82 4.40 51.88 -19.41
CA THR C 82 3.81 52.33 -20.68
C THR C 82 3.45 53.81 -20.69
N THR C 83 3.64 54.52 -19.59
CA THR C 83 3.59 55.98 -19.63
C THR C 83 4.82 56.57 -20.29
N GLY C 84 5.82 55.73 -20.63
CA GLY C 84 7.12 56.17 -21.07
C GLY C 84 8.13 56.39 -19.97
N GLU C 85 7.70 56.39 -18.71
CA GLU C 85 8.64 56.61 -17.61
C GLU C 85 9.58 55.40 -17.44
N ASP C 86 10.71 55.67 -16.82
CA ASP C 86 11.66 54.62 -16.45
C ASP C 86 11.11 53.86 -15.24
N ALA C 87 11.00 52.53 -15.36
CA ALA C 87 10.34 51.75 -14.32
C ALA C 87 11.05 51.86 -12.97
N ALA C 88 12.38 51.79 -12.96
CA ALA C 88 13.11 51.94 -11.71
C ALA C 88 12.89 53.32 -11.08
N ALA C 89 12.78 54.36 -11.92
CA ALA C 89 12.45 55.68 -11.40
C ALA C 89 11.08 55.70 -10.76
N VAL C 90 10.10 55.06 -11.42
CA VAL C 90 8.76 54.96 -10.85
C VAL C 90 8.83 54.30 -9.46
N GLU C 91 9.56 53.20 -9.36
CA GLU C 91 9.69 52.51 -8.08
C GLU C 91 10.23 53.44 -7.01
N ALA C 92 11.40 54.05 -7.27
CA ALA C 92 12.04 54.95 -6.30
C ALA C 92 11.10 56.09 -5.89
N THR C 93 10.40 56.69 -6.86
CA THR C 93 9.51 57.82 -6.57
C THR C 93 8.43 57.46 -5.56
N TRP C 94 7.73 56.33 -5.78
CA TRP C 94 6.60 55.95 -4.95
C TRP C 94 7.02 55.38 -3.58
N ILE C 95 8.17 54.72 -3.51
CA ILE C 95 8.67 54.27 -2.21
C ILE C 95 9.02 55.48 -1.34
N ALA C 96 9.72 56.46 -1.93
CA ALA C 96 10.03 57.68 -1.18
C ALA C 96 8.74 58.40 -0.79
N LYS C 97 7.77 58.42 -1.68
CA LYS C 97 6.50 59.05 -1.38
C LYS C 97 5.85 58.41 -0.14
N ILE C 98 5.80 57.08 -0.09
CA ILE C 98 5.06 56.51 1.03
C ILE C 98 5.86 56.62 2.32
N LYS C 99 7.20 56.61 2.22
CA LYS C 99 8.00 56.73 3.42
C LYS C 99 7.96 58.14 3.98
N ALA C 100 7.60 59.12 3.17
CA ALA C 100 7.40 60.48 3.66
C ALA C 100 6.00 60.70 4.23
N ALA C 101 5.08 59.76 4.04
CA ALA C 101 3.72 59.94 4.53
C ALA C 101 3.73 60.13 6.03
N LYS C 102 2.84 60.99 6.50
CA LYS C 102 2.84 61.44 7.89
C LYS C 102 1.80 60.74 8.73
N SER C 103 0.89 60.01 8.10
CA SER C 103 -0.11 59.22 8.82
C SER C 103 -0.48 58.03 7.96
N LYS C 104 -1.14 57.07 8.61
CA LYS C 104 -1.66 55.91 7.88
C LYS C 104 -2.66 56.33 6.81
N TYR C 105 -3.42 57.42 7.05
CA TYR C 105 -4.35 57.90 6.03
C TYR C 105 -3.62 58.42 4.80
N GLU C 106 -2.49 59.11 4.99
CA GLU C 106 -1.70 59.54 3.84
C GLU C 106 -1.07 58.34 3.15
N ALA C 107 -0.48 57.45 3.92
CA ALA C 107 0.20 56.30 3.34
C ALA C 107 -0.77 55.40 2.56
N GLU C 108 -1.99 55.20 3.08
CA GLU C 108 -2.90 54.28 2.40
C GLU C 108 -3.29 54.81 1.03
N ARG C 109 -3.48 56.13 0.92
CA ARG C 109 -3.90 56.67 -0.37
C ARG C 109 -2.76 56.60 -1.39
N ILE C 110 -1.52 56.77 -0.94
CA ILE C 110 -0.36 56.66 -1.82
C ILE C 110 -0.25 55.24 -2.37
N HIS C 111 -0.40 54.23 -1.51
CA HIS C 111 -0.35 52.85 -1.99
C HIS C 111 -1.51 52.58 -2.96
N ILE C 112 -2.73 52.93 -2.56
CA ILE C 112 -3.89 52.68 -3.40
C ILE C 112 -3.74 53.35 -4.77
N GLU C 113 -3.24 54.59 -4.78
CA GLU C 113 -3.12 55.27 -6.07
C GLU C 113 -1.96 54.73 -6.90
N PHE C 114 -0.87 54.29 -6.27
CA PHE C 114 0.18 53.63 -7.03
C PHE C 114 -0.38 52.48 -7.85
N ARG C 115 -1.21 51.64 -7.21
CA ARG C 115 -1.80 50.50 -7.92
C ARG C 115 -2.78 50.97 -8.99
N GLN C 116 -3.61 51.99 -8.70
CA GLN C 116 -4.51 52.49 -9.74
C GLN C 116 -3.73 52.94 -10.97
N LEU C 117 -2.58 53.58 -10.77
CA LEU C 117 -1.81 54.14 -11.87
C LEU C 117 -0.88 53.14 -12.54
N TYR C 118 -0.26 52.23 -11.79
CA TYR C 118 0.86 51.49 -12.31
C TYR C 118 0.68 49.97 -12.34
N LYS C 119 -0.49 49.46 -11.94
CA LYS C 119 -0.73 48.03 -12.03
C LYS C 119 -0.39 47.53 -13.42
N PRO C 120 0.25 46.36 -13.55
CA PRO C 120 0.49 45.79 -14.87
C PRO C 120 -0.79 45.70 -15.66
N PRO C 121 -0.73 45.94 -16.98
CA PRO C 121 0.49 46.05 -17.79
C PRO C 121 1.16 47.43 -17.86
N VAL C 122 0.78 48.40 -17.03
CA VAL C 122 1.42 49.71 -17.17
C VAL C 122 2.88 49.63 -16.74
N LEU C 123 3.13 49.11 -15.53
CA LEU C 123 4.49 48.90 -15.11
C LEU C 123 4.89 47.44 -15.31
N PRO C 124 6.14 47.14 -15.66
CA PRO C 124 6.56 45.74 -15.77
C PRO C 124 6.28 44.99 -14.46
N VAL C 125 5.90 43.72 -14.58
CA VAL C 125 5.42 42.94 -13.43
C VAL C 125 6.46 42.88 -12.31
N ASN C 126 7.71 42.55 -12.65
CA ASN C 126 8.73 42.38 -11.61
C ASN C 126 8.91 43.64 -10.81
N VAL C 127 9.04 44.77 -11.50
CA VAL C 127 9.21 46.04 -10.81
C VAL C 127 7.97 46.37 -9.97
N PHE C 128 6.79 46.13 -10.54
CA PHE C 128 5.56 46.44 -9.82
C PHE C 128 5.44 45.63 -8.53
N LEU C 129 5.70 44.32 -8.60
CA LEU C 129 5.51 43.47 -7.42
C LEU C 129 6.44 43.88 -6.29
N ARG C 130 7.71 44.12 -6.59
CA ARG C 130 8.58 44.53 -5.51
C ARG C 130 8.26 45.94 -5.04
N THR C 131 7.77 46.83 -5.92
CA THR C 131 7.34 48.14 -5.42
C THR C 131 6.11 48.02 -4.54
N ASP C 132 5.11 47.26 -4.99
CA ASP C 132 3.90 47.04 -4.18
C ASP C 132 4.24 46.40 -2.82
N ALA C 133 5.19 45.47 -2.79
CA ALA C 133 5.54 44.89 -1.49
C ALA C 133 6.23 45.91 -0.58
N ALA C 134 7.12 46.74 -1.13
CA ALA C 134 7.79 47.75 -0.30
C ALA C 134 6.77 48.73 0.26
N LEU C 135 5.82 49.15 -0.57
CA LEU C 135 4.76 50.02 -0.10
C LEU C 135 3.92 49.34 0.97
N GLY C 136 3.52 48.09 0.73
CA GLY C 136 2.67 47.41 1.70
C GLY C 136 3.34 47.23 3.05
N THR C 137 4.66 47.05 3.04
CA THR C 137 5.40 46.93 4.28
C THR C 137 5.25 48.20 5.11
N VAL C 138 5.46 49.35 4.47
CA VAL C 138 5.33 50.63 5.17
C VAL C 138 3.90 50.81 5.65
N LEU C 139 2.93 50.53 4.80
CA LEU C 139 1.53 50.77 5.15
C LEU C 139 1.09 49.87 6.30
N MET C 140 1.51 48.60 6.29
CA MET C 140 1.14 47.71 7.39
C MET C 140 1.73 48.17 8.71
N GLU C 141 2.99 48.60 8.69
CA GLU C 141 3.66 49.00 9.92
C GLU C 141 2.99 50.20 10.57
N ILE C 142 2.61 51.19 9.74
CA ILE C 142 2.00 52.37 10.34
C ILE C 142 0.58 52.05 10.82
N ARG C 143 -0.15 51.19 10.10
CA ARG C 143 -1.52 50.86 10.52
C ARG C 143 -1.53 50.01 11.77
N ASN C 144 -0.55 49.15 11.92
CA ASN C 144 -0.49 48.26 13.07
C ASN C 144 0.24 48.88 14.25
N THR C 145 0.46 50.18 14.23
CA THR C 145 0.94 50.90 15.40
C THR C 145 -0.28 51.34 16.20
N ASP C 146 -0.33 50.94 17.47
CA ASP C 146 -1.46 51.26 18.35
C ASP C 146 -2.80 51.01 17.66
N TYR C 147 -2.97 49.78 17.17
CA TYR C 147 -4.10 49.43 16.32
C TYR C 147 -5.43 49.67 17.02
N TYR C 148 -5.47 49.46 18.34
CA TYR C 148 -6.69 49.62 19.10
C TYR C 148 -6.76 50.95 19.83
N GLY C 149 -5.85 51.89 19.54
CA GLY C 149 -5.77 53.13 20.31
C GLY C 149 -6.93 54.08 20.09
N THR C 150 -7.49 54.09 18.93
CA THR C 150 -8.61 55.00 18.65
C THR C 150 -9.93 54.28 18.84
N PRO C 151 -10.83 54.79 19.69
CA PRO C 151 -12.16 54.18 19.80
C PRO C 151 -12.89 54.24 18.46
N LEU C 152 -13.85 53.32 18.28
CA LEU C 152 -14.60 53.24 17.04
C LEU C 152 -15.23 54.58 16.65
N GLU C 153 -15.86 55.28 17.60
CA GLU C 153 -16.44 56.59 17.29
C GLU C 153 -15.41 57.53 16.70
N GLY C 154 -14.19 57.51 17.24
CA GLY C 154 -13.11 58.30 16.68
C GLY C 154 -12.67 57.82 15.31
N LEU C 155 -12.54 56.49 15.14
CA LEU C 155 -12.15 55.94 13.84
C LEU C 155 -13.18 56.27 12.78
N ARG C 156 -14.47 56.19 13.12
CA ARG C 156 -15.51 56.57 12.17
C ARG C 156 -15.31 58.01 11.68
N LYS C 157 -14.93 58.91 12.59
CA LYS C 157 -14.75 60.31 12.18
C LYS C 157 -13.53 60.47 11.30
N GLU C 158 -12.41 59.83 11.68
CA GLU C 158 -11.18 59.92 10.89
C GLU C 158 -11.36 59.35 9.50
N ARG C 159 -12.08 58.24 9.38
CA ARG C 159 -12.40 57.70 8.07
C ARG C 159 -13.30 58.65 7.29
N GLY C 160 -14.17 59.39 7.99
CA GLY C 160 -15.12 60.25 7.32
C GLY C 160 -16.36 59.55 6.80
N VAL C 161 -16.82 58.48 7.47
CA VAL C 161 -18.07 57.85 7.07
C VAL C 161 -19.25 58.74 7.40
N LYS C 162 -20.33 58.56 6.66
CA LYS C 162 -21.64 59.00 7.10
C LYS C 162 -22.28 57.81 7.81
N VAL C 163 -22.42 57.90 9.13
CA VAL C 163 -23.01 56.83 9.93
C VAL C 163 -24.52 56.80 9.64
N LEU C 164 -25.00 55.71 9.03
CA LEU C 164 -26.40 55.64 8.69
C LEU C 164 -27.22 54.92 9.74
N HIS C 165 -26.58 54.05 10.53
CA HIS C 165 -27.32 53.28 11.51
C HIS C 165 -26.36 52.66 12.50
N LEU C 166 -26.70 52.77 13.77
CA LEU C 166 -26.01 52.09 14.85
C LEU C 166 -27.05 51.40 15.70
N GLN C 167 -27.10 50.07 15.66
CA GLN C 167 -28.03 49.32 16.49
C GLN C 167 -27.66 49.50 17.97
N ALA C 168 -28.67 49.67 18.80
CA ALA C 168 -28.47 49.82 20.25
C ALA C 168 -27.73 48.64 20.92
N SER D 1 -4.07 17.17 36.94
CA SER D 1 -4.40 15.97 37.72
C SER D 1 -5.24 15.00 36.88
N SER D 2 -5.39 13.76 37.39
CA SER D 2 -6.20 12.78 36.66
C SER D 2 -7.65 13.22 36.54
N ALA D 3 -8.24 13.75 37.61
CA ALA D 3 -9.62 14.24 37.54
C ALA D 3 -9.72 15.43 36.58
N ALA D 4 -8.72 16.31 36.57
CA ALA D 4 -8.75 17.47 35.67
C ALA D 4 -8.47 17.11 34.21
N ASN D 5 -7.86 15.95 33.96
CA ASN D 5 -7.51 15.51 32.61
C ASN D 5 -8.62 14.69 31.95
N ALA D 6 -9.76 14.49 32.61
CA ALA D 6 -10.87 13.80 31.98
C ALA D 6 -11.48 14.68 30.88
N TYR D 7 -11.91 14.05 29.78
CA TYR D 7 -12.54 14.85 28.71
C TYR D 7 -13.69 15.68 29.26
N ASN D 8 -14.55 15.09 30.08
CA ASN D 8 -15.68 15.84 30.66
C ASN D 8 -15.40 16.34 32.08
N ALA D 9 -14.17 16.80 32.36
CA ALA D 9 -13.86 17.38 33.66
C ALA D 9 -14.58 18.71 33.87
N GLY D 10 -14.81 19.04 35.14
CA GLY D 10 -15.17 20.40 35.50
C GLY D 10 -16.47 20.85 34.87
N ILE D 11 -16.44 21.98 34.16
CA ILE D 11 -17.68 22.51 33.58
C ILE D 11 -18.33 21.50 32.65
N MET D 12 -17.55 20.59 32.06
CA MET D 12 -18.08 19.65 31.08
C MET D 12 -19.09 18.69 31.68
N GLN D 13 -19.07 18.49 33.01
CA GLN D 13 -20.10 17.70 33.70
C GLN D 13 -21.45 18.41 33.70
N LYS D 14 -21.45 19.74 33.68
CA LYS D 14 -22.69 20.48 33.85
C LYS D 14 -23.49 20.52 32.55
N THR D 15 -24.81 20.68 32.67
CA THR D 15 -25.69 20.78 31.52
C THR D 15 -26.70 21.90 31.74
N GLY D 16 -27.34 22.32 30.65
CA GLY D 16 -28.40 23.34 30.75
C GLY D 16 -27.91 24.61 31.41
N LYS D 17 -28.76 25.17 32.28
CA LYS D 17 -28.44 26.46 32.91
C LYS D 17 -27.13 26.39 33.68
N ALA D 18 -26.89 25.27 34.39
CA ALA D 18 -25.68 25.16 35.20
C ALA D 18 -24.43 25.38 34.35
N PHE D 19 -24.39 24.71 33.19
CA PHE D 19 -23.30 24.93 32.24
C PHE D 19 -23.22 26.38 31.81
N ALA D 20 -24.33 26.96 31.38
CA ALA D 20 -24.29 28.33 30.87
C ALA D 20 -23.82 29.32 31.93
N ASP D 21 -24.26 29.13 33.18
CA ASP D 21 -23.83 30.05 34.24
C ASP D 21 -22.32 30.01 34.44
N GLU D 22 -21.70 28.83 34.39
CA GLU D 22 -20.24 28.81 34.55
C GLU D 22 -19.55 29.29 33.28
N PHE D 23 -20.12 28.93 32.11
CA PHE D 23 -19.52 29.29 30.82
C PHE D 23 -19.41 30.80 30.65
N PHE D 24 -20.43 31.53 31.10
CA PHE D 24 -20.45 32.99 30.98
C PHE D 24 -19.96 33.70 32.25
N ALA D 25 -19.56 32.96 33.29
CA ALA D 25 -18.96 33.59 34.47
C ALA D 25 -17.82 34.52 34.07
N GLU D 26 -17.71 35.63 34.80
CA GLU D 26 -16.69 36.63 34.51
C GLU D 26 -15.29 36.04 34.50
N GLU D 27 -14.99 35.16 35.45
CA GLU D 27 -13.62 34.62 35.55
C GLU D 27 -13.26 33.73 34.37
N ASN D 28 -14.25 33.28 33.58
CA ASN D 28 -14.01 32.39 32.45
C ASN D 28 -14.06 33.12 31.10
N GLN D 29 -13.85 34.45 31.08
CA GLN D 29 -13.75 35.21 29.84
C GLN D 29 -12.30 35.49 29.42
N VAL D 30 -11.31 34.95 30.15
CA VAL D 30 -9.91 34.93 29.75
C VAL D 30 -9.41 33.49 29.83
N VAL D 31 -8.39 33.16 29.03
CA VAL D 31 -7.83 31.81 29.10
C VAL D 31 -7.15 31.61 30.45
N HIS D 32 -7.01 30.36 30.84
CA HIS D 32 -6.31 29.98 32.07
C HIS D 32 -5.18 29.03 31.70
N GLU D 33 -3.96 29.36 32.10
CA GLU D 33 -2.83 28.52 31.75
C GLU D 33 -3.04 27.09 32.24
N SER D 34 -2.65 26.14 31.40
CA SER D 34 -2.80 24.73 31.72
C SER D 34 -1.45 24.05 31.58
N ASN D 35 -1.12 23.16 32.52
CA ASN D 35 0.13 22.40 32.43
C ASN D 35 -0.03 21.11 31.64
N ALA D 36 -1.16 20.92 30.98
CA ALA D 36 -1.47 19.64 30.37
C ALA D 36 -0.96 19.56 28.93
N VAL D 37 -0.94 18.35 28.41
CA VAL D 37 -0.80 18.12 26.97
C VAL D 37 -1.94 17.20 26.53
N VAL D 38 -2.28 17.29 25.24
CA VAL D 38 -3.31 16.45 24.64
C VAL D 38 -2.68 15.77 23.45
N LEU D 39 -2.85 14.46 23.37
CA LEU D 39 -2.32 13.66 22.28
C LEU D 39 -3.47 12.83 21.73
N VAL D 40 -3.65 12.85 20.40
CA VAL D 40 -4.68 12.10 19.72
C VAL D 40 -4.00 11.04 18.86
N LEU D 41 -4.33 9.76 19.09
CA LEU D 41 -3.84 8.65 18.28
C LEU D 41 -5.01 8.05 17.53
N MET D 42 -4.89 7.97 16.21
CA MET D 42 -5.94 7.35 15.43
C MET D 42 -5.85 5.84 15.54
N LYS D 43 -7.00 5.21 15.65
CA LYS D 43 -7.06 3.78 15.93
C LYS D 43 -6.55 2.97 14.74
N SER D 44 -5.72 1.98 15.07
CA SER D 44 -5.11 1.06 14.11
C SER D 44 -4.56 -0.09 14.93
N ASP D 45 -4.20 -1.17 14.24
CA ASP D 45 -3.62 -2.31 14.93
C ASP D 45 -2.41 -1.89 15.75
N GLU D 46 -1.50 -1.11 15.15
CA GLU D 46 -0.27 -0.72 15.84
C GLU D 46 -0.55 0.21 17.01
N ILE D 47 -1.42 1.22 16.81
CA ILE D 47 -1.75 2.20 17.84
C ILE D 47 -2.45 1.52 19.03
N ASP D 48 -3.37 0.59 18.76
CA ASP D 48 -4.09 -0.07 19.86
C ASP D 48 -3.11 -0.86 20.76
N ALA D 49 -2.14 -1.55 20.13
CA ALA D 49 -1.09 -2.21 20.90
C ALA D 49 -0.28 -1.20 21.74
N ILE D 50 0.11 -0.09 21.11
CA ILE D 50 0.86 0.96 21.80
C ILE D 50 0.08 1.51 22.99
N ILE D 51 -1.21 1.79 22.77
CA ILE D 51 -2.08 2.28 23.86
C ILE D 51 -2.03 1.33 25.06
N GLU D 52 -2.27 0.04 24.81
CA GLU D 52 -2.48 -0.88 25.93
C GLU D 52 -1.17 -1.24 26.61
N ASP D 53 -0.10 -1.40 25.83
CA ASP D 53 1.14 -1.97 26.35
C ASP D 53 2.23 -0.95 26.61
N ILE D 54 2.05 0.31 26.20
CA ILE D 54 3.04 1.33 26.46
C ILE D 54 2.38 2.44 27.27
N VAL D 55 1.42 3.14 26.66
CA VAL D 55 0.81 4.30 27.32
C VAL D 55 0.17 3.89 28.64
N LEU D 56 -0.65 2.84 28.62
CA LEU D 56 -1.42 2.48 29.81
C LEU D 56 -0.64 1.59 30.79
N LYS D 57 0.62 1.27 30.47
CA LYS D 57 1.49 0.53 31.39
C LYS D 57 2.67 1.38 31.82
N GLY D 58 3.77 1.32 31.06
CA GLY D 58 4.94 2.13 31.40
C GLY D 58 4.65 3.62 31.43
N GLY D 59 3.84 4.10 30.48
CA GLY D 59 3.55 5.53 30.44
C GLY D 59 2.80 5.99 31.68
N LYS D 60 1.75 5.26 32.04
CA LYS D 60 0.91 5.68 33.17
C LYS D 60 1.58 5.44 34.52
N ALA D 61 2.47 4.44 34.61
CA ALA D 61 3.23 4.26 35.84
C ALA D 61 4.19 5.43 36.04
N LYS D 62 4.77 5.91 34.93
CA LYS D 62 5.63 7.09 34.97
C LYS D 62 4.84 8.36 35.25
N ASN D 63 3.68 8.52 34.58
CA ASN D 63 2.83 9.69 34.68
C ASN D 63 1.42 9.23 35.04
N PRO D 64 1.09 9.16 36.34
CA PRO D 64 -0.25 8.66 36.73
C PRO D 64 -1.39 9.59 36.33
N SER D 65 -1.10 10.83 35.93
CA SER D 65 -2.14 11.77 35.50
C SER D 65 -2.68 11.48 34.10
N ILE D 66 -2.16 10.45 33.42
CA ILE D 66 -2.58 10.16 32.05
C ILE D 66 -4.02 9.69 32.06
N VAL D 67 -4.84 10.28 31.18
CA VAL D 67 -6.21 9.84 30.99
C VAL D 67 -6.37 9.47 29.52
N VAL D 68 -6.92 8.29 29.25
CA VAL D 68 -7.19 7.88 27.88
C VAL D 68 -8.70 7.72 27.73
N GLU D 69 -9.25 8.28 26.65
CA GLU D 69 -10.68 8.13 26.38
C GLU D 69 -10.89 7.63 24.95
N ASP D 70 -11.88 6.76 24.81
CA ASP D 70 -12.28 6.19 23.52
C ASP D 70 -13.19 7.20 22.80
N LYS D 71 -12.76 7.67 21.64
CA LYS D 71 -13.56 8.64 20.89
C LYS D 71 -13.99 8.10 19.52
N ALA D 72 -14.14 6.77 19.45
CA ALA D 72 -14.62 5.98 18.32
C ALA D 72 -13.51 5.77 17.29
N GLY D 73 -13.14 6.80 16.54
CA GLY D 73 -12.08 6.61 15.56
C GLY D 73 -10.68 6.89 16.09
N PHE D 74 -10.58 7.55 17.24
CA PHE D 74 -9.28 7.93 17.78
C PHE D 74 -9.28 7.73 19.29
N TRP D 75 -8.07 7.65 19.84
CA TRP D 75 -7.83 7.72 21.28
C TRP D 75 -7.47 9.14 21.66
N TRP D 76 -8.14 9.67 22.68
CA TRP D 76 -7.88 10.99 23.21
C TRP D 76 -7.12 10.82 24.52
N ILE D 77 -5.90 11.38 24.58
CA ILE D 77 -5.01 11.24 25.73
C ILE D 77 -4.69 12.62 26.26
N LYS D 78 -4.86 12.82 27.57
CA LYS D 78 -4.47 14.07 28.22
C LYS D 78 -3.64 13.75 29.44
N ALA D 79 -2.55 14.51 29.65
CA ALA D 79 -1.69 14.27 30.79
C ALA D 79 -1.06 15.58 31.26
N ASP D 80 -0.56 15.57 32.50
CA ASP D 80 0.23 16.68 33.02
C ASP D 80 1.64 16.64 32.45
N GLY D 81 2.15 17.79 32.03
CA GLY D 81 3.55 17.92 31.67
C GLY D 81 3.97 17.38 30.31
N ALA D 82 3.96 16.05 30.17
CA ALA D 82 4.48 15.48 28.94
C ALA D 82 3.92 14.08 28.73
N ILE D 83 3.86 13.68 27.48
CA ILE D 83 3.62 12.29 27.08
C ILE D 83 4.76 11.92 26.13
N GLU D 84 5.28 10.69 26.28
CA GLU D 84 6.35 10.25 25.39
C GLU D 84 6.04 8.82 24.92
N ILE D 85 6.48 8.52 23.70
CA ILE D 85 6.39 7.18 23.15
C ILE D 85 7.70 6.89 22.41
N ASP D 86 8.30 5.75 22.75
CA ASP D 86 9.57 5.30 22.17
C ASP D 86 9.27 4.34 21.04
N ALA D 87 9.56 4.75 19.79
CA ALA D 87 9.29 3.89 18.64
C ALA D 87 10.11 2.59 18.69
N ALA D 88 11.30 2.61 19.31
CA ALA D 88 12.05 1.38 19.49
C ALA D 88 11.30 0.39 20.38
N GLU D 89 10.73 0.87 21.49
CA GLU D 89 9.89 0.02 22.33
C GLU D 89 8.62 -0.43 21.61
N ALA D 90 8.05 0.44 20.76
CA ALA D 90 6.91 0.01 19.95
C ALA D 90 7.32 -1.06 18.94
N GLY D 91 8.43 -0.85 18.23
CA GLY D 91 8.89 -1.84 17.27
C GLY D 91 9.08 -3.22 17.88
N GLU D 92 9.59 -3.26 19.12
CA GLU D 92 9.76 -4.53 19.81
C GLU D 92 8.42 -5.20 20.09
N LEU D 93 7.44 -4.39 20.51
CA LEU D 93 6.12 -4.91 20.80
C LEU D 93 5.45 -5.43 19.52
N LEU D 94 5.63 -4.74 18.40
CA LEU D 94 4.97 -5.05 17.15
C LEU D 94 5.68 -6.15 16.36
N GLY D 95 6.97 -6.34 16.60
CA GLY D 95 7.74 -7.32 15.86
C GLY D 95 7.99 -6.98 14.42
N LYS D 96 8.04 -5.70 14.05
CA LYS D 96 8.25 -5.35 12.65
C LYS D 96 9.01 -4.03 12.61
N PRO D 97 9.65 -3.70 11.47
CA PRO D 97 10.40 -2.44 11.40
C PRO D 97 9.50 -1.27 11.75
N PHE D 98 10.02 -0.37 12.59
CA PHE D 98 9.17 0.70 13.17
C PHE D 98 10.06 1.85 13.66
N SER D 99 10.39 2.78 12.74
CA SER D 99 11.14 3.95 13.14
C SER D 99 10.20 5.01 13.74
N VAL D 100 10.80 6.09 14.27
CA VAL D 100 9.99 7.18 14.79
C VAL D 100 9.10 7.76 13.68
N TYR D 101 9.58 7.77 12.44
CA TYR D 101 8.73 8.21 11.34
C TYR D 101 7.53 7.29 11.16
N ASP D 102 7.72 5.98 11.36
CA ASP D 102 6.61 5.05 11.26
C ASP D 102 5.62 5.29 12.40
N LEU D 103 6.13 5.60 13.59
CA LEU D 103 5.28 5.96 14.72
C LEU D 103 4.30 7.07 14.36
N LEU D 104 4.77 8.10 13.64
CA LEU D 104 3.96 9.25 13.24
C LEU D 104 2.87 8.94 12.23
N ILE D 105 2.86 7.75 11.63
CA ILE D 105 1.83 7.41 10.66
C ILE D 105 0.43 7.58 11.25
N ASN D 106 0.26 7.26 12.54
CA ASN D 106 -1.06 7.31 13.17
C ASN D 106 -1.13 8.25 14.37
N VAL D 107 -0.14 9.12 14.55
CA VAL D 107 -0.24 10.19 15.54
C VAL D 107 -1.01 11.33 14.89
N SER D 108 -2.26 11.55 15.31
CA SER D 108 -3.12 12.42 14.53
C SER D 108 -3.12 13.86 15.00
N SER D 109 -2.93 14.15 16.29
CA SER D 109 -3.06 15.54 16.73
C SER D 109 -2.33 15.76 18.06
N THR D 110 -1.97 17.03 18.30
CA THR D 110 -1.11 17.41 19.41
C THR D 110 -1.53 18.78 19.92
N VAL D 111 -1.85 18.90 21.20
CA VAL D 111 -2.03 20.20 21.83
C VAL D 111 -0.89 20.32 22.85
N GLY D 112 0.12 21.10 22.50
CA GLY D 112 1.38 21.05 23.23
C GLY D 112 2.54 21.13 22.27
N ARG D 113 3.77 21.26 22.79
CA ARG D 113 4.96 21.29 21.94
C ARG D 113 5.42 19.87 21.69
N ALA D 114 5.45 19.49 20.41
CA ALA D 114 5.79 18.14 19.98
C ALA D 114 7.09 18.17 19.18
N TYR D 115 7.84 17.09 19.29
CA TYR D 115 9.12 16.96 18.63
C TYR D 115 9.52 15.49 18.74
N THR D 116 10.47 15.10 17.91
CA THR D 116 11.10 13.80 17.98
C THR D 116 12.58 13.98 18.33
N LEU D 117 13.08 13.14 19.22
CA LEU D 117 14.50 13.12 19.55
C LEU D 117 14.92 11.65 19.57
N GLY D 118 15.76 11.29 18.61
CA GLY D 118 16.17 9.89 18.51
C GLY D 118 14.99 9.04 18.08
N THR D 119 14.76 7.96 18.81
CA THR D 119 13.63 7.10 18.55
C THR D 119 12.38 7.48 19.32
N LYS D 120 12.41 8.59 20.07
CA LYS D 120 11.33 8.95 20.98
C LYS D 120 10.53 10.13 20.40
N PHE D 121 9.21 10.02 20.49
CA PHE D 121 8.30 11.12 20.22
C PHE D 121 7.82 11.68 21.56
N THR D 122 7.88 13.01 21.71
CA THR D 122 7.46 13.68 22.92
C THR D 122 6.47 14.80 22.59
N ILE D 123 5.43 14.93 23.41
CA ILE D 123 4.61 16.13 23.44
C ILE D 123 4.66 16.68 24.85
N THR D 124 5.03 17.97 24.97
CA THR D 124 5.34 18.55 26.26
C THR D 124 4.66 19.90 26.43
N SER D 125 4.35 20.21 27.70
CA SER D 125 3.86 21.52 28.10
C SER D 125 4.98 22.57 28.05
N GLU D 126 6.24 22.13 28.12
CA GLU D 126 7.36 23.06 28.14
C GLU D 126 7.36 23.91 26.87
N LEU D 127 7.76 25.19 27.01
CA LEU D 127 7.85 26.13 25.90
C LEU D 127 9.31 26.29 25.53
N MET D 128 9.83 25.33 24.76
CA MET D 128 11.24 25.35 24.39
C MET D 128 11.59 26.66 23.71
N GLY D 129 12.80 27.16 23.98
CA GLY D 129 13.24 28.44 23.48
C GLY D 129 12.70 29.63 24.23
N LEU D 130 11.72 29.43 25.11
CA LEU D 130 11.23 30.46 26.03
C LEU D 130 11.53 30.10 27.47
N ASP D 131 11.02 28.96 27.94
CA ASP D 131 11.42 28.44 29.24
C ASP D 131 12.93 28.18 29.24
N ARG D 132 13.52 28.26 30.43
CA ARG D 132 14.96 28.01 30.59
C ARG D 132 15.31 26.54 30.34
N ASP E 1 24.71 7.79 -33.79
CA ASP E 1 26.07 8.19 -33.43
C ASP E 1 26.11 8.91 -32.09
N ALA E 2 27.16 9.72 -31.91
CA ALA E 2 27.40 10.47 -30.68
C ALA E 2 26.52 11.71 -30.55
N LEU E 3 25.81 12.12 -31.59
CA LEU E 3 24.95 13.28 -31.49
C LEU E 3 23.49 12.98 -31.75
N LYS E 4 23.20 11.99 -32.59
CA LYS E 4 21.83 11.72 -33.03
C LYS E 4 21.37 10.40 -32.44
N VAL E 5 20.17 10.42 -31.85
CA VAL E 5 19.57 9.22 -31.30
C VAL E 5 18.08 9.49 -31.17
N ASN E 6 17.27 8.42 -31.20
CA ASN E 6 15.85 8.56 -30.93
C ASN E 6 15.65 8.78 -29.42
N ARG E 7 15.08 9.93 -29.07
CA ARG E 7 14.83 10.29 -27.66
C ARG E 7 13.36 10.18 -27.28
N ALA E 8 12.59 9.35 -27.99
CA ALA E 8 11.24 9.07 -27.56
C ALA E 8 11.28 8.27 -26.26
N PRO E 9 10.38 8.56 -25.31
CA PRO E 9 10.36 7.80 -24.05
C PRO E 9 9.85 6.38 -24.28
N VAL E 10 10.70 5.39 -23.96
CA VAL E 10 10.31 3.99 -24.04
C VAL E 10 10.82 3.26 -22.81
N GLY E 11 10.11 2.19 -22.44
CA GLY E 11 10.53 1.20 -21.48
C GLY E 11 10.54 -0.15 -22.16
N VAL E 12 10.34 -1.20 -21.35
CA VAL E 12 10.25 -2.58 -21.83
C VAL E 12 9.15 -3.21 -21.00
N GLU E 13 8.04 -3.57 -21.63
N GLU E 13 8.03 -3.57 -21.64
CA GLU E 13 6.90 -4.12 -20.91
CA GLU E 13 6.88 -4.14 -20.95
C GLU E 13 7.11 -5.61 -20.64
C GLU E 13 7.14 -5.60 -20.60
N PRO E 14 6.38 -6.18 -19.66
CA PRO E 14 6.67 -7.58 -19.26
C PRO E 14 6.56 -8.58 -20.40
N GLN E 15 5.56 -8.42 -21.27
CA GLN E 15 5.42 -9.36 -22.37
C GLN E 15 6.58 -9.25 -23.35
N GLU E 16 7.24 -8.08 -23.43
CA GLU E 16 8.41 -7.96 -24.31
C GLU E 16 9.54 -8.85 -23.85
N VAL E 17 9.75 -8.93 -22.53
CA VAL E 17 10.75 -9.83 -21.97
C VAL E 17 10.27 -11.26 -22.06
N HIS E 18 9.00 -11.50 -21.70
CA HIS E 18 8.45 -12.85 -21.67
C HIS E 18 8.62 -13.57 -23.00
N LYS E 19 8.47 -12.84 -24.11
CA LYS E 19 8.66 -13.36 -25.45
C LYS E 19 9.93 -14.21 -25.59
N TRP E 20 10.99 -13.88 -24.84
CA TRP E 20 12.31 -14.50 -24.99
C TRP E 20 12.59 -15.61 -23.98
N LEU E 21 11.69 -15.85 -23.04
CA LEU E 21 11.97 -16.75 -21.93
C LEU E 21 12.10 -18.20 -22.40
N GLN E 22 11.34 -18.60 -23.44
CA GLN E 22 11.46 -19.98 -23.89
C GLN E 22 12.87 -20.28 -24.38
N SER E 23 13.58 -19.26 -24.90
CA SER E 23 14.94 -19.41 -25.38
C SER E 23 15.96 -19.49 -24.26
N PHE E 24 15.55 -19.31 -22.99
CA PHE E 24 16.50 -19.32 -21.89
C PHE E 24 16.99 -20.73 -21.56
N ASN E 25 16.21 -21.76 -21.89
CA ASN E 25 16.69 -23.11 -21.68
C ASN E 25 17.79 -23.46 -22.71
N TRP E 26 18.60 -24.45 -22.37
CA TRP E 26 19.57 -24.98 -23.32
C TRP E 26 19.65 -26.49 -23.14
N ASP E 27 20.16 -27.16 -24.18
CA ASP E 27 20.14 -28.61 -24.25
C ASP E 27 21.38 -29.20 -23.61
N PHE E 28 21.17 -30.10 -22.65
CA PHE E 28 22.22 -30.98 -22.24
C PHE E 28 21.59 -32.29 -21.80
N LYS E 29 22.41 -33.34 -21.83
CA LYS E 29 21.94 -34.70 -21.59
C LYS E 29 21.27 -34.83 -20.24
N GLU E 30 21.84 -34.19 -19.20
CA GLU E 30 21.33 -34.32 -17.83
C GLU E 30 20.15 -33.40 -17.53
N ASN E 31 19.67 -32.66 -18.52
CA ASN E 31 18.61 -31.67 -18.32
C ASN E 31 17.24 -32.36 -18.34
N ARG E 32 16.85 -32.92 -17.19
CA ARG E 32 15.54 -33.55 -17.06
C ARG E 32 15.21 -33.64 -15.58
N THR E 33 13.95 -33.99 -15.28
CA THR E 33 13.46 -33.95 -13.90
C THR E 33 14.18 -34.96 -13.00
N LYS E 34 14.26 -34.62 -11.71
CA LYS E 34 14.83 -35.49 -10.69
C LYS E 34 13.83 -36.47 -10.10
N TYR E 35 12.51 -36.25 -10.35
CA TYR E 35 11.49 -36.97 -9.60
C TYR E 35 10.90 -38.10 -10.44
N PRO E 36 10.50 -39.19 -9.78
CA PRO E 36 9.86 -40.30 -10.50
C PRO E 36 8.54 -39.86 -11.11
N THR E 37 8.30 -40.32 -12.33
CA THR E 37 7.04 -40.00 -13.01
C THR E 37 6.74 -41.08 -14.04
N LYS E 38 5.44 -41.32 -14.23
CA LYS E 38 4.95 -42.14 -15.32
C LYS E 38 4.86 -41.36 -16.62
N TYR E 39 4.93 -40.04 -16.56
CA TYR E 39 4.49 -39.19 -17.65
C TYR E 39 5.73 -38.60 -18.31
N HIS E 40 6.00 -39.06 -19.53
CA HIS E 40 7.24 -38.74 -20.22
C HIS E 40 6.98 -38.06 -21.56
N MET E 41 5.74 -37.70 -21.85
CA MET E 41 5.39 -37.10 -23.14
C MET E 41 5.95 -35.68 -23.28
N ALA E 42 5.98 -35.21 -24.52
CA ALA E 42 6.43 -33.85 -24.83
C ALA E 42 5.48 -32.84 -24.21
N ASN E 43 6.04 -31.76 -23.69
CA ASN E 43 5.27 -30.83 -22.86
C ASN E 43 5.86 -29.43 -22.99
N GLU E 44 6.00 -28.96 -24.23
CA GLU E 44 6.66 -27.68 -24.52
C GLU E 44 5.65 -26.55 -24.68
N THR E 45 4.81 -26.36 -23.67
CA THR E 45 3.66 -25.48 -23.77
C THR E 45 4.00 -24.05 -23.40
N LYS E 46 3.04 -23.19 -23.65
CA LYS E 46 3.18 -21.76 -23.36
C LYS E 46 2.39 -21.42 -22.10
N GLU E 47 2.93 -20.48 -21.33
CA GLU E 47 2.25 -20.02 -20.14
C GLU E 47 1.20 -18.99 -20.50
N GLN E 48 0.00 -19.11 -19.90
CA GLN E 48 -1.16 -18.31 -20.31
C GLN E 48 -1.11 -16.88 -19.81
N PHE E 49 -0.35 -16.61 -18.74
CA PHE E 49 -0.22 -15.28 -18.18
C PHE E 49 1.26 -14.91 -18.24
N LYS E 50 1.59 -13.99 -19.14
CA LYS E 50 2.97 -13.64 -19.43
C LYS E 50 3.58 -12.84 -18.28
N VAL E 51 4.00 -13.54 -17.22
CA VAL E 51 4.51 -12.89 -16.01
C VAL E 51 6.03 -13.01 -15.95
N ILE E 52 6.69 -11.93 -15.54
CA ILE E 52 8.09 -11.92 -15.19
C ILE E 52 8.21 -11.51 -13.72
N ALA E 53 9.41 -11.71 -13.17
CA ALA E 53 9.61 -11.55 -11.72
C ALA E 53 9.21 -10.15 -11.24
N LYS E 54 9.62 -9.11 -11.99
CA LYS E 54 9.32 -7.73 -11.59
C LYS E 54 7.81 -7.49 -11.58
N GLU E 55 7.13 -7.96 -12.63
CA GLU E 55 5.69 -7.78 -12.70
C GLU E 55 4.94 -8.67 -11.72
N TYR E 56 5.44 -9.89 -11.49
CA TYR E 56 4.88 -10.70 -10.41
C TYR E 56 4.86 -9.91 -9.11
N ALA E 57 6.01 -9.35 -8.72
CA ALA E 57 6.08 -8.62 -7.45
C ALA E 57 5.15 -7.43 -7.46
N ARG E 58 5.12 -6.67 -8.55
CA ARG E 58 4.27 -5.49 -8.60
C ARG E 58 2.80 -5.87 -8.40
N MET E 59 2.34 -6.91 -9.10
N MET E 59 2.34 -6.92 -9.08
CA MET E 59 0.94 -7.31 -8.99
CA MET E 59 0.93 -7.28 -8.99
C MET E 59 0.60 -7.71 -7.56
C MET E 59 0.56 -7.75 -7.59
N GLU E 60 1.40 -8.58 -6.97
CA GLU E 60 1.05 -9.12 -5.67
C GLU E 60 1.16 -8.06 -4.57
N ALA E 61 2.18 -7.20 -4.65
CA ALA E 61 2.30 -6.13 -3.65
C ALA E 61 1.07 -5.23 -3.66
N ALA E 62 0.55 -4.90 -4.85
CA ALA E 62 -0.66 -4.08 -4.97
C ALA E 62 -1.84 -4.74 -4.27
N LYS E 63 -2.01 -6.06 -4.46
CA LYS E 63 -3.04 -6.79 -3.73
C LYS E 63 -2.82 -6.67 -2.23
N ASP E 64 -1.57 -6.88 -1.78
CA ASP E 64 -1.26 -6.87 -0.35
C ASP E 64 -1.59 -5.53 0.29
N GLU E 65 -1.22 -4.43 -0.37
CA GLU E 65 -1.38 -3.13 0.28
C GLU E 65 -2.84 -2.87 0.57
N ARG E 66 -3.71 -3.27 -0.36
CA ARG E 66 -5.15 -3.09 -0.18
C ARG E 66 -5.64 -3.96 0.97
N GLN E 67 -5.18 -5.20 1.01
CA GLN E 67 -5.60 -6.16 2.02
C GLN E 67 -5.16 -5.73 3.41
N PHE E 68 -3.88 -5.33 3.54
CA PHE E 68 -3.36 -4.98 4.85
C PHE E 68 -3.88 -3.63 5.32
N GLY E 69 -4.15 -2.71 4.39
CA GLY E 69 -4.89 -1.50 4.75
C GLY E 69 -6.23 -1.80 5.40
N THR E 70 -7.06 -2.60 4.73
CA THR E 70 -8.37 -2.97 5.28
C THR E 70 -8.22 -3.59 6.67
N LEU E 71 -7.26 -4.51 6.83
CA LEU E 71 -7.09 -5.21 8.12
C LEU E 71 -6.57 -4.28 9.21
N LEU E 72 -5.39 -3.68 8.99
CA LEU E 72 -4.71 -2.95 10.06
C LEU E 72 -5.33 -1.60 10.35
N ASP E 73 -6.02 -1.02 9.37
CA ASP E 73 -6.54 0.33 9.54
C ASP E 73 -8.03 0.22 9.77
N GLY E 74 -8.80 0.02 8.69
CA GLY E 74 -10.27 0.08 8.73
C GLY E 74 -10.95 -0.91 9.67
N LEU E 75 -10.72 -2.22 9.47
CA LEU E 75 -11.44 -3.18 10.30
C LEU E 75 -11.02 -3.09 11.76
N THR E 76 -9.74 -2.78 12.04
CA THR E 76 -9.32 -2.62 13.42
C THR E 76 -10.03 -1.44 14.06
N ARG E 77 -10.12 -0.32 13.34
CA ARG E 77 -10.81 0.85 13.88
C ARG E 77 -12.28 0.53 14.18
N LEU E 78 -12.91 -0.34 13.38
CA LEU E 78 -14.28 -0.79 13.66
C LEU E 78 -14.38 -1.84 14.79
N GLY E 79 -13.24 -2.36 15.28
CA GLY E 79 -13.32 -3.45 16.25
C GLY E 79 -13.90 -4.71 15.65
N ALA E 80 -13.73 -4.91 14.34
CA ALA E 80 -14.38 -6.02 13.65
C ALA E 80 -13.89 -7.38 14.12
N GLY E 81 -12.68 -7.46 14.71
CA GLY E 81 -12.12 -8.72 15.15
C GLY E 81 -12.92 -9.43 16.22
N ASN E 82 -13.71 -8.69 16.99
CA ASN E 82 -14.54 -9.29 18.02
C ASN E 82 -16.03 -9.17 17.74
N LYS E 83 -16.41 -8.92 16.48
CA LYS E 83 -17.79 -8.87 16.05
C LYS E 83 -18.20 -10.15 15.33
N VAL E 84 -17.47 -11.24 15.55
CA VAL E 84 -17.68 -12.53 14.91
C VAL E 84 -18.52 -13.37 15.85
N HIS E 85 -19.50 -14.10 15.30
CA HIS E 85 -20.21 -15.06 16.13
C HIS E 85 -19.20 -16.08 16.67
N PRO E 86 -19.27 -16.42 17.95
CA PRO E 86 -18.24 -17.32 18.51
C PRO E 86 -18.09 -18.64 17.75
N ARG E 87 -19.18 -19.21 17.23
CA ARG E 87 -19.03 -20.47 16.50
C ARG E 87 -18.12 -20.30 15.31
N TRP E 88 -18.30 -19.19 14.57
CA TRP E 88 -17.46 -18.95 13.39
C TRP E 88 -16.05 -18.54 13.76
N GLY E 89 -15.88 -17.74 14.83
CA GLY E 89 -14.52 -17.44 15.23
C GLY E 89 -13.75 -18.71 15.62
N GLU E 90 -14.46 -19.70 16.15
CA GLU E 90 -13.80 -20.97 16.48
C GLU E 90 -13.52 -21.77 15.22
N THR E 91 -14.44 -21.73 14.27
CA THR E 91 -14.28 -22.43 13.01
C THR E 91 -13.03 -21.95 12.26
N MET E 92 -12.76 -20.63 12.29
CA MET E 92 -11.60 -20.10 11.58
C MET E 92 -10.25 -20.51 12.22
N LYS E 93 -10.23 -20.88 13.49
CA LYS E 93 -9.04 -21.52 14.05
C LYS E 93 -8.64 -22.71 13.20
N VAL E 94 -9.61 -23.58 12.86
CA VAL E 94 -9.24 -24.75 12.08
C VAL E 94 -9.24 -24.51 10.59
N ILE E 95 -10.22 -23.76 10.01
CA ILE E 95 -10.18 -23.57 8.57
C ILE E 95 -8.87 -22.89 8.17
N SER E 96 -8.46 -21.86 8.91
CA SER E 96 -7.32 -21.11 8.38
C SER E 96 -6.02 -21.87 8.65
N ASN E 97 -5.90 -22.49 9.80
CA ASN E 97 -4.63 -23.19 10.03
C ASN E 97 -4.56 -24.50 9.23
N PHE E 98 -5.69 -25.19 9.01
CA PHE E 98 -5.64 -26.37 8.17
C PHE E 98 -5.38 -26.00 6.71
N LEU E 99 -6.03 -24.94 6.21
CA LEU E 99 -5.71 -24.48 4.86
C LEU E 99 -4.24 -24.09 4.77
N GLU E 100 -3.68 -23.50 5.83
CA GLU E 100 -2.28 -23.07 5.83
C GLU E 100 -1.35 -24.24 5.46
N VAL E 101 -1.60 -25.44 6.00
CA VAL E 101 -0.73 -26.56 5.66
C VAL E 101 -0.95 -27.00 4.23
N GLY E 102 -2.16 -26.86 3.71
CA GLY E 102 -2.39 -27.14 2.32
C GLY E 102 -1.62 -26.18 1.43
N GLU E 103 -1.71 -24.88 1.75
CA GLU E 103 -0.88 -23.90 1.05
C GLU E 103 0.60 -24.24 1.17
N TYR E 104 1.04 -24.63 2.37
CA TYR E 104 2.46 -24.91 2.54
C TYR E 104 2.91 -26.10 1.69
N ASN E 105 2.14 -27.18 1.73
CA ASN E 105 2.43 -28.32 0.87
C ASN E 105 2.30 -27.97 -0.61
N ALA E 106 1.37 -27.06 -0.97
CA ALA E 106 1.29 -26.62 -2.35
C ALA E 106 2.59 -25.93 -2.80
N ILE E 107 3.34 -25.30 -1.90
CA ILE E 107 4.64 -24.77 -2.29
C ILE E 107 5.51 -25.89 -2.85
N ALA E 108 5.60 -26.98 -2.07
CA ALA E 108 6.47 -28.09 -2.44
C ALA E 108 5.94 -28.81 -3.67
N ALA E 109 4.62 -29.01 -3.75
CA ALA E 109 4.03 -29.59 -4.95
C ALA E 109 4.37 -28.76 -6.17
N SER E 110 4.19 -27.44 -6.05
CA SER E 110 4.46 -26.58 -7.17
C SER E 110 5.94 -26.60 -7.55
N ALA E 111 6.83 -26.84 -6.57
CA ALA E 111 8.25 -26.97 -6.90
C ALA E 111 8.53 -28.24 -7.69
N MET E 112 7.75 -29.30 -7.42
CA MET E 112 7.86 -30.55 -8.20
C MET E 112 7.37 -30.36 -9.62
N LEU E 113 6.32 -29.56 -9.80
CA LEU E 113 5.86 -29.24 -11.14
C LEU E 113 6.90 -28.41 -11.88
N TRP E 114 7.46 -27.41 -11.21
CA TRP E 114 8.59 -26.66 -11.73
C TRP E 114 9.72 -27.58 -12.17
N ASP E 115 10.10 -28.52 -11.29
CA ASP E 115 11.19 -29.44 -11.61
C ASP E 115 10.88 -30.32 -12.80
N SER E 116 9.64 -30.83 -12.88
CA SER E 116 9.28 -31.75 -13.94
C SER E 116 8.90 -31.06 -15.22
N ALA E 117 8.71 -29.75 -15.21
CA ALA E 117 8.44 -29.07 -16.46
C ALA E 117 9.70 -29.08 -17.32
N THR E 118 9.50 -29.05 -18.64
CA THR E 118 10.58 -29.02 -19.61
C THR E 118 10.61 -27.72 -20.42
N ALA E 119 9.54 -26.96 -20.40
CA ALA E 119 9.52 -25.67 -21.07
C ALA E 119 9.87 -24.59 -20.07
N ALA E 120 10.76 -23.67 -20.49
CA ALA E 120 11.12 -22.53 -19.64
C ALA E 120 9.90 -21.72 -19.24
N GLU E 121 8.93 -21.57 -20.15
CA GLU E 121 7.72 -20.83 -19.79
C GLU E 121 6.97 -21.53 -18.67
N GLN E 122 6.94 -22.86 -18.69
CA GLN E 122 6.22 -23.55 -17.64
C GLN E 122 6.99 -23.54 -16.32
N LYS E 123 8.33 -23.63 -16.38
CA LYS E 123 9.14 -23.52 -15.17
C LYS E 123 9.01 -22.12 -14.57
N ASN E 124 8.92 -21.11 -15.41
CA ASN E 124 8.72 -19.76 -14.90
C ASN E 124 7.36 -19.64 -14.24
N GLY E 125 6.34 -20.22 -14.87
CA GLY E 125 5.00 -20.17 -14.29
C GLY E 125 4.92 -20.85 -12.94
N TYR E 126 5.49 -22.07 -12.83
CA TYR E 126 5.39 -22.79 -11.57
C TYR E 126 6.15 -22.11 -10.46
N LEU E 127 7.25 -21.42 -10.80
CA LEU E 127 7.93 -20.58 -9.83
C LEU E 127 6.99 -19.50 -9.28
N ALA E 128 6.30 -18.75 -10.16
CA ALA E 128 5.33 -17.78 -9.67
C ALA E 128 4.30 -18.45 -8.78
N GLN E 129 3.83 -19.63 -9.18
CA GLN E 129 2.92 -20.39 -8.34
C GLN E 129 3.57 -20.77 -7.01
N VAL E 130 4.81 -21.23 -7.05
CA VAL E 130 5.54 -21.53 -5.82
C VAL E 130 5.51 -20.32 -4.89
N LEU E 131 5.81 -19.15 -5.43
CA LEU E 131 5.77 -17.92 -4.64
C LEU E 131 4.36 -17.66 -4.08
N ASP E 132 3.33 -17.85 -4.91
CA ASP E 132 1.95 -17.63 -4.46
C ASP E 132 1.60 -18.52 -3.28
N GLU E 133 2.06 -19.77 -3.29
CA GLU E 133 1.72 -20.67 -2.18
C GLU E 133 2.41 -20.23 -0.89
N ILE E 134 3.60 -19.62 -1.00
CA ILE E 134 4.19 -18.96 0.16
C ILE E 134 3.33 -17.80 0.60
N ARG E 135 2.91 -16.96 -0.35
CA ARG E 135 1.98 -15.88 -0.05
C ARG E 135 0.77 -16.41 0.71
N HIS E 136 0.17 -17.48 0.21
CA HIS E 136 -1.06 -17.99 0.83
C HIS E 136 -0.78 -18.58 2.21
N THR E 137 0.37 -19.23 2.38
CA THR E 137 0.76 -19.68 3.72
C THR E 137 0.75 -18.52 4.70
N HIS E 138 1.34 -17.39 4.30
CA HIS E 138 1.46 -16.26 5.23
C HIS E 138 0.13 -15.56 5.41
N GLN E 139 -0.73 -15.60 4.38
CA GLN E 139 -2.06 -15.01 4.51
C GLN E 139 -2.90 -15.78 5.53
N CYS E 140 -2.89 -17.11 5.45
CA CYS E 140 -3.62 -17.91 6.44
C CYS E 140 -3.08 -17.70 7.82
N ALA E 141 -1.75 -17.65 7.93
CA ALA E 141 -1.14 -17.35 9.22
C ALA E 141 -1.60 -15.99 9.71
N PHE E 142 -1.68 -15.01 8.81
CA PHE E 142 -2.01 -13.67 9.23
C PHE E 142 -3.44 -13.61 9.77
N ILE E 143 -4.35 -14.39 9.19
CA ILE E 143 -5.72 -14.44 9.72
C ILE E 143 -5.73 -14.88 11.19
N ASN E 144 -5.03 -15.97 11.49
CA ASN E 144 -5.00 -16.43 12.89
C ASN E 144 -4.21 -15.47 13.78
N HIS E 145 -3.20 -14.83 13.23
CA HIS E 145 -2.42 -13.83 13.97
C HIS E 145 -3.32 -12.62 14.33
N TYR E 146 -4.19 -12.22 13.38
CA TYR E 146 -5.10 -11.10 13.63
C TYR E 146 -6.18 -11.48 14.64
N TYR E 147 -6.83 -12.62 14.45
CA TYR E 147 -7.74 -13.14 15.47
C TYR E 147 -7.07 -13.25 16.85
N SER E 148 -5.83 -13.72 16.89
CA SER E 148 -5.13 -13.84 18.18
C SER E 148 -5.07 -12.49 18.89
N LYS E 149 -4.85 -11.40 18.12
CA LYS E 149 -4.81 -10.05 18.69
C LYS E 149 -6.18 -9.48 19.01
N HIS E 150 -7.23 -9.82 18.25
CA HIS E 150 -8.43 -8.99 18.28
C HIS E 150 -9.72 -9.72 18.65
N TYR E 151 -9.68 -11.05 18.75
CA TYR E 151 -10.87 -11.84 19.00
C TYR E 151 -10.88 -12.34 20.45
N HIS E 152 -12.09 -12.58 21.00
CA HIS E 152 -12.22 -12.80 22.42
C HIS E 152 -11.58 -14.11 22.88
N ASP E 153 -11.31 -15.04 21.96
CA ASP E 153 -10.60 -16.27 22.36
C ASP E 153 -9.37 -16.54 21.50
N PRO E 154 -8.20 -15.99 21.88
CA PRO E 154 -6.97 -16.22 21.10
C PRO E 154 -6.41 -17.64 21.22
N ALA E 155 -6.75 -18.39 22.27
CA ALA E 155 -6.15 -19.73 22.42
C ALA E 155 -6.57 -20.61 21.25
N GLY E 156 -5.58 -21.23 20.58
CA GLY E 156 -5.94 -22.07 19.46
C GLY E 156 -5.84 -21.32 18.13
N HIS E 157 -6.25 -20.03 18.09
CA HIS E 157 -5.74 -19.14 17.04
C HIS E 157 -4.25 -18.92 17.19
N ASN E 158 -3.74 -19.02 18.42
CA ASN E 158 -2.38 -18.56 18.72
C ASN E 158 -1.37 -19.71 18.77
N ASP E 159 -1.78 -20.94 18.51
CA ASP E 159 -0.77 -21.99 18.68
C ASP E 159 -1.09 -23.26 17.92
N ALA E 160 -1.90 -23.20 16.85
CA ALA E 160 -2.33 -24.44 16.22
C ALA E 160 -1.17 -25.21 15.60
N ARG E 161 -0.07 -24.55 15.26
CA ARG E 161 1.01 -25.30 14.63
C ARG E 161 1.61 -26.35 15.57
N ARG E 162 1.33 -26.27 16.87
CA ARG E 162 1.59 -27.41 17.75
C ARG E 162 0.33 -28.10 18.27
N THR E 163 -0.76 -27.37 18.57
CA THR E 163 -1.92 -28.00 19.20
C THR E 163 -2.75 -28.82 18.23
N ARG E 164 -2.61 -28.60 16.91
CA ARG E 164 -3.29 -29.47 15.95
C ARG E 164 -2.81 -30.92 16.06
N ALA E 165 -1.58 -31.14 16.54
CA ALA E 165 -1.04 -32.49 16.57
C ALA E 165 -1.75 -33.40 17.57
N ILE E 166 -2.58 -32.84 18.47
CA ILE E 166 -3.29 -33.64 19.48
C ILE E 166 -4.39 -34.50 18.84
N GLY E 167 -5.09 -33.95 17.84
CA GLY E 167 -6.39 -34.46 17.46
C GLY E 167 -6.41 -35.28 16.18
N PRO E 168 -7.43 -36.14 16.05
CA PRO E 168 -7.51 -37.03 14.86
C PRO E 168 -7.88 -36.30 13.55
N LEU E 169 -8.62 -35.19 13.60
CA LEU E 169 -9.03 -34.55 12.36
C LEU E 169 -7.85 -33.96 11.62
N TRP E 170 -6.79 -33.60 12.34
CA TRP E 170 -5.59 -33.05 11.70
C TRP E 170 -4.88 -34.08 10.84
N LYS E 171 -4.87 -35.36 11.25
CA LYS E 171 -4.19 -36.39 10.47
C LYS E 171 -4.70 -36.42 9.04
N GLY E 172 -6.03 -36.40 8.87
CA GLY E 172 -6.58 -36.41 7.53
C GLY E 172 -6.27 -35.16 6.74
N MET E 173 -6.07 -34.02 7.41
CA MET E 173 -5.71 -32.80 6.70
C MET E 173 -4.33 -32.93 6.08
N LYS E 174 -3.44 -33.69 6.72
CA LYS E 174 -2.09 -33.88 6.17
C LYS E 174 -2.07 -34.77 4.93
N ARG E 175 -3.14 -35.50 4.63
CA ARG E 175 -3.23 -36.15 3.34
C ARG E 175 -3.96 -35.31 2.27
N VAL E 176 -5.17 -34.80 2.55
CA VAL E 176 -6.09 -34.27 1.52
C VAL E 176 -5.39 -33.40 0.52
N PHE E 177 -4.76 -32.34 1.03
CA PHE E 177 -4.16 -31.29 0.25
C PHE E 177 -2.70 -31.12 0.65
N ALA E 178 -2.05 -32.23 1.06
CA ALA E 178 -0.69 -32.21 1.60
C ALA E 178 0.10 -33.41 1.08
N ASP E 179 0.30 -34.48 1.89
CA ASP E 179 0.99 -35.68 1.38
C ASP E 179 0.42 -36.13 0.04
N GLY E 180 -0.91 -36.01 -0.14
CA GLY E 180 -1.55 -36.52 -1.35
C GLY E 180 -1.04 -35.86 -2.61
N PHE E 181 -0.61 -34.61 -2.50
CA PHE E 181 0.05 -33.88 -3.57
C PHE E 181 1.52 -34.25 -3.69
N ILE E 182 2.28 -34.19 -2.58
CA ILE E 182 3.72 -34.08 -2.71
C ILE E 182 4.43 -35.43 -2.69
N SER E 183 3.74 -36.52 -2.34
CA SER E 183 4.40 -37.81 -2.20
C SER E 183 3.85 -38.72 -3.31
N GLY E 184 4.33 -38.50 -4.51
CA GLY E 184 3.88 -39.27 -5.65
C GLY E 184 4.49 -38.72 -6.91
N ASP E 185 3.94 -39.19 -8.02
CA ASP E 185 4.31 -38.73 -9.36
C ASP E 185 4.23 -37.20 -9.49
N ALA E 186 5.32 -36.60 -9.96
CA ALA E 186 5.50 -35.14 -9.98
C ALA E 186 4.70 -34.49 -11.09
N VAL E 187 4.73 -35.10 -12.27
CA VAL E 187 3.91 -34.62 -13.39
C VAL E 187 2.43 -34.83 -13.07
N GLU E 188 2.13 -35.83 -12.23
CA GLU E 188 0.75 -36.10 -11.85
C GLU E 188 0.16 -34.99 -10.99
N CYS E 189 1.00 -34.12 -10.41
CA CYS E 189 0.48 -32.96 -9.67
C CYS E 189 -0.38 -32.06 -10.53
N SER E 190 -0.17 -32.04 -11.86
CA SER E 190 -1.07 -31.27 -12.72
C SER E 190 -2.49 -31.83 -12.67
N VAL E 191 -2.63 -33.11 -12.30
CA VAL E 191 -3.92 -33.76 -12.10
C VAL E 191 -4.42 -33.61 -10.68
N ASN E 192 -3.61 -33.98 -9.67
CA ASN E 192 -4.17 -34.00 -8.32
C ASN E 192 -4.19 -32.59 -7.72
N LEU E 193 -3.05 -31.91 -7.70
CA LEU E 193 -3.02 -30.55 -7.13
C LEU E 193 -3.87 -29.60 -7.97
N GLN E 194 -3.68 -29.62 -9.28
CA GLN E 194 -4.24 -28.58 -10.13
C GLN E 194 -5.61 -28.95 -10.70
N LEU E 195 -5.68 -29.96 -11.56
CA LEU E 195 -6.96 -30.27 -12.21
C LEU E 195 -8.04 -30.56 -11.17
N VAL E 196 -7.69 -31.15 -10.03
CA VAL E 196 -8.67 -31.46 -9.01
C VAL E 196 -8.62 -30.47 -7.85
N GLY E 197 -7.48 -30.43 -7.14
CA GLY E 197 -7.40 -29.53 -5.99
C GLY E 197 -7.72 -28.08 -6.30
N GLU E 198 -7.00 -27.47 -7.24
CA GLU E 198 -7.17 -26.04 -7.46
C GLU E 198 -8.43 -25.75 -8.28
N ALA E 199 -8.66 -26.51 -9.36
CA ALA E 199 -9.82 -26.25 -10.22
C ALA E 199 -11.16 -26.63 -9.56
N CYS E 200 -11.16 -27.63 -8.66
CA CYS E 200 -12.41 -28.08 -8.04
C CYS E 200 -12.57 -27.60 -6.61
N PHE E 201 -11.65 -27.94 -5.70
CA PHE E 201 -11.94 -27.78 -4.28
C PHE E 201 -11.57 -26.42 -3.68
N THR E 202 -10.63 -25.66 -4.27
CA THR E 202 -10.35 -24.33 -3.68
C THR E 202 -11.55 -23.39 -3.79
N ASN E 203 -12.43 -23.56 -4.79
CA ASN E 203 -13.59 -22.67 -4.87
C ASN E 203 -14.51 -22.77 -3.68
N PRO E 204 -14.98 -23.95 -3.25
CA PRO E 204 -15.81 -23.95 -2.03
C PRO E 204 -14.98 -23.65 -0.80
N LEU E 205 -13.75 -24.16 -0.75
CA LEU E 205 -12.95 -24.05 0.46
C LEU E 205 -12.47 -22.62 0.72
N ILE E 206 -12.19 -21.85 -0.33
CA ILE E 206 -11.60 -20.53 -0.18
C ILE E 206 -12.54 -19.41 -0.63
N VAL E 207 -13.38 -19.65 -1.62
CA VAL E 207 -14.30 -18.60 -2.07
C VAL E 207 -15.66 -18.71 -1.39
N ALA E 208 -16.32 -19.87 -1.45
CA ALA E 208 -17.68 -19.92 -0.92
C ALA E 208 -17.71 -19.66 0.59
N VAL E 209 -16.64 -20.07 1.28
CA VAL E 209 -16.56 -19.86 2.72
C VAL E 209 -16.57 -18.38 3.11
N THR E 210 -16.13 -17.47 2.22
CA THR E 210 -16.16 -16.05 2.59
C THR E 210 -17.60 -15.55 2.79
N GLU E 211 -18.57 -16.16 2.11
CA GLU E 211 -19.96 -15.78 2.33
C GLU E 211 -20.45 -16.25 3.69
N TRP E 212 -20.03 -17.45 4.10
CA TRP E 212 -20.35 -17.92 5.45
C TRP E 212 -19.68 -17.05 6.51
N ALA E 213 -18.44 -16.64 6.25
CA ALA E 213 -17.76 -15.73 7.18
C ALA E 213 -18.55 -14.43 7.33
N SER E 214 -18.90 -13.78 6.20
CA SER E 214 -19.66 -12.53 6.26
C SER E 214 -20.97 -12.71 6.99
N ALA E 215 -21.67 -13.80 6.68
CA ALA E 215 -22.94 -14.10 7.33
C ALA E 215 -22.78 -14.15 8.83
N ASN E 216 -21.62 -14.61 9.32
CA ASN E 216 -21.38 -14.74 10.74
C ASN E 216 -20.53 -13.63 11.33
N GLY E 217 -20.41 -12.50 10.63
CA GLY E 217 -19.83 -11.31 11.23
C GLY E 217 -18.34 -11.13 10.99
N ASP E 218 -17.74 -12.00 10.19
CA ASP E 218 -16.29 -12.06 10.01
C ASP E 218 -15.97 -11.42 8.68
N GLU E 219 -15.34 -10.26 8.71
CA GLU E 219 -14.92 -9.57 7.48
C GLU E 219 -13.41 -9.62 7.31
N ILE E 220 -12.70 -10.18 8.30
CA ILE E 220 -11.28 -10.47 8.17
C ILE E 220 -11.05 -11.52 7.09
N THR E 221 -11.72 -12.67 7.20
CA THR E 221 -11.50 -13.76 6.26
C THR E 221 -11.84 -13.38 4.81
N PRO E 222 -12.96 -12.71 4.52
CA PRO E 222 -13.18 -12.26 3.14
C PRO E 222 -12.04 -11.39 2.59
N THR E 223 -11.56 -10.45 3.40
CA THR E 223 -10.47 -9.57 2.97
C THR E 223 -9.27 -10.36 2.47
N VAL E 224 -8.90 -11.43 3.18
CA VAL E 224 -7.72 -12.21 2.86
C VAL E 224 -8.03 -13.30 1.84
N PHE E 225 -9.01 -14.16 2.12
CA PHE E 225 -9.25 -15.35 1.31
C PHE E 225 -9.61 -14.97 -0.13
N LEU E 226 -10.37 -13.90 -0.31
CA LEU E 226 -10.70 -13.52 -1.67
C LEU E 226 -9.45 -13.10 -2.44
N SER E 227 -8.44 -12.56 -1.73
CA SER E 227 -7.19 -12.19 -2.39
C SER E 227 -6.35 -13.41 -2.69
N VAL E 228 -6.37 -14.40 -1.78
CA VAL E 228 -5.72 -15.69 -2.00
C VAL E 228 -6.14 -16.27 -3.33
N GLU E 229 -7.45 -16.39 -3.56
CA GLU E 229 -7.88 -17.12 -4.74
C GLU E 229 -7.58 -16.37 -6.04
N THR E 230 -7.38 -15.02 -6.00
CA THR E 230 -6.98 -14.31 -7.22
C THR E 230 -5.76 -14.92 -7.89
N ASP E 231 -4.88 -15.54 -7.10
CA ASP E 231 -3.70 -16.20 -7.64
C ASP E 231 -4.05 -17.52 -8.30
N GLU E 232 -5.17 -18.14 -7.92
CA GLU E 232 -5.51 -19.50 -8.34
C GLU E 232 -5.80 -19.60 -9.83
N LEU E 233 -6.37 -18.54 -10.41
CA LEU E 233 -6.40 -18.26 -11.84
C LEU E 233 -5.21 -18.88 -12.57
N ARG E 234 -4.03 -18.40 -12.22
CA ARG E 234 -2.82 -18.75 -12.93
C ARG E 234 -2.46 -20.21 -12.67
N HIS E 235 -2.79 -20.71 -11.48
CA HIS E 235 -2.43 -22.07 -11.11
C HIS E 235 -3.22 -23.08 -11.94
N MET E 236 -4.55 -22.90 -12.00
CA MET E 236 -5.39 -23.77 -12.81
C MET E 236 -4.93 -23.79 -14.25
N ALA E 237 -4.48 -22.64 -14.75
CA ALA E 237 -4.09 -22.57 -16.16
C ALA E 237 -2.79 -23.32 -16.43
N ASN E 238 -1.82 -23.25 -15.51
CA ASN E 238 -0.58 -24.00 -15.68
C ASN E 238 -0.89 -25.49 -15.77
N GLY E 239 -1.67 -26.00 -14.82
CA GLY E 239 -1.94 -27.42 -14.79
C GLY E 239 -2.73 -27.89 -16.01
N TYR E 240 -3.67 -27.07 -16.49
CA TYR E 240 -4.43 -27.45 -17.66
C TYR E 240 -3.52 -27.67 -18.86
N GLN E 241 -2.43 -26.87 -18.97
CA GLN E 241 -1.50 -27.00 -20.10
C GLN E 241 -0.91 -28.40 -20.18
N THR E 242 -0.44 -28.92 -19.05
CA THR E 242 0.11 -30.26 -18.99
C THR E 242 -0.94 -31.34 -19.23
N VAL E 243 -2.17 -31.14 -18.72
CA VAL E 243 -3.22 -32.14 -18.93
C VAL E 243 -3.48 -32.30 -20.43
N VAL E 244 -3.38 -31.20 -21.18
CA VAL E 244 -3.51 -31.27 -22.64
C VAL E 244 -2.36 -32.07 -23.24
N SER E 245 -1.14 -31.86 -22.75
CA SER E 245 -0.01 -32.66 -23.21
C SER E 245 -0.24 -34.15 -22.94
N ILE E 246 -0.74 -34.50 -21.77
CA ILE E 246 -1.00 -35.90 -21.42
C ILE E 246 -2.08 -36.48 -22.32
N ALA E 247 -3.19 -35.75 -22.50
CA ALA E 247 -4.30 -36.26 -23.31
C ALA E 247 -3.90 -36.44 -24.77
N ASN E 248 -3.02 -35.59 -25.31
CA ASN E 248 -2.62 -35.67 -26.70
C ASN E 248 -1.61 -36.78 -26.98
N ASP E 249 -1.02 -37.38 -25.94
CA ASP E 249 -0.09 -38.50 -26.10
C ASP E 249 -0.76 -39.81 -25.72
N PRO E 250 -0.87 -40.79 -26.64
CA PRO E 250 -1.56 -42.04 -26.28
C PRO E 250 -0.93 -42.78 -25.12
N ALA E 251 0.40 -42.76 -24.99
CA ALA E 251 1.07 -43.48 -23.91
C ALA E 251 0.80 -42.83 -22.55
N SER E 252 0.78 -41.50 -22.51
CA SER E 252 0.50 -40.78 -21.28
C SER E 252 -0.98 -40.84 -20.93
N ALA E 253 -1.84 -40.73 -21.93
CA ALA E 253 -3.28 -40.64 -21.69
C ALA E 253 -3.83 -41.92 -21.06
N LYS E 254 -3.15 -43.07 -21.21
CA LYS E 254 -3.66 -44.29 -20.61
C LYS E 254 -3.54 -44.32 -19.07
N PHE E 255 -2.74 -43.43 -18.48
CA PHE E 255 -2.64 -43.32 -17.02
C PHE E 255 -3.61 -42.29 -16.42
N LEU E 256 -4.23 -41.46 -17.26
CA LEU E 256 -4.91 -40.26 -16.80
C LEU E 256 -6.13 -40.58 -15.96
N ASN E 257 -7.04 -41.40 -16.48
CA ASN E 257 -8.32 -41.57 -15.82
C ASN E 257 -8.16 -42.14 -14.41
N THR E 258 -7.23 -43.08 -14.21
CA THR E 258 -7.07 -43.66 -12.88
C THR E 258 -6.43 -42.66 -11.93
N ASP E 259 -5.41 -41.92 -12.40
CA ASP E 259 -4.83 -40.83 -11.61
C ASP E 259 -5.90 -39.82 -11.21
N LEU E 260 -6.71 -39.39 -12.19
CA LEU E 260 -7.80 -38.45 -11.90
C LEU E 260 -8.76 -39.02 -10.88
N ASN E 261 -9.10 -40.31 -10.99
CA ASN E 261 -10.08 -40.84 -10.05
C ASN E 261 -9.49 -40.98 -8.65
N ASN E 262 -8.24 -41.42 -8.56
CA ASN E 262 -7.61 -41.55 -7.24
C ASN E 262 -7.49 -40.19 -6.55
N ALA E 263 -7.09 -39.17 -7.30
CA ALA E 263 -6.98 -37.81 -6.77
C ALA E 263 -8.34 -37.31 -6.29
N PHE E 264 -9.35 -37.44 -7.15
CA PHE E 264 -10.68 -36.96 -6.79
C PHE E 264 -11.17 -37.65 -5.54
N TRP E 265 -10.95 -38.96 -5.42
CA TRP E 265 -11.46 -39.65 -4.24
C TRP E 265 -10.68 -39.26 -3.00
N THR E 266 -9.34 -39.20 -3.13
CA THR E 266 -8.47 -38.81 -2.02
C THR E 266 -8.91 -37.48 -1.43
N GLN E 267 -9.16 -36.52 -2.32
CA GLN E 267 -9.49 -35.17 -1.88
C GLN E 267 -10.89 -35.10 -1.35
N GLN E 268 -11.87 -35.67 -2.07
CA GLN E 268 -13.25 -35.58 -1.60
C GLN E 268 -13.43 -36.35 -0.28
N LYS E 269 -12.69 -37.45 -0.09
CA LYS E 269 -12.88 -38.28 1.11
C LYS E 269 -12.82 -37.46 2.40
N TYR E 270 -11.86 -36.54 2.49
CA TYR E 270 -11.72 -35.68 3.66
C TYR E 270 -12.46 -34.34 3.48
N PHE E 271 -12.27 -33.71 2.34
CA PHE E 271 -12.85 -32.38 2.13
C PHE E 271 -14.35 -32.39 2.33
N THR E 272 -15.03 -33.38 1.76
CA THR E 272 -16.50 -33.41 1.79
C THR E 272 -17.05 -33.46 3.20
N PRO E 273 -16.72 -34.46 4.04
CA PRO E 273 -17.24 -34.43 5.41
C PRO E 273 -16.70 -33.28 6.23
N VAL E 274 -15.44 -32.88 6.05
CA VAL E 274 -14.84 -31.99 7.05
C VAL E 274 -15.25 -30.53 6.81
N LEU E 275 -15.22 -30.10 5.56
CA LEU E 275 -15.70 -28.75 5.24
C LEU E 275 -17.20 -28.60 5.47
N GLY E 276 -17.99 -29.62 5.12
CA GLY E 276 -19.42 -29.55 5.39
C GLY E 276 -19.73 -29.47 6.87
N TYR E 277 -18.96 -30.22 7.68
CA TYR E 277 -19.09 -30.13 9.13
C TYR E 277 -18.73 -28.72 9.60
N LEU E 278 -17.60 -28.17 9.15
CA LEU E 278 -17.20 -26.86 9.67
C LEU E 278 -18.18 -25.77 9.21
N PHE E 279 -18.67 -25.85 7.98
CA PHE E 279 -19.67 -24.87 7.51
C PHE E 279 -20.95 -24.91 8.36
N GLU E 280 -21.58 -26.08 8.47
CA GLU E 280 -22.93 -26.15 9.01
C GLU E 280 -22.94 -26.15 10.54
N TYR E 281 -22.00 -26.86 11.18
CA TYR E 281 -21.97 -26.94 12.63
C TYR E 281 -21.07 -25.87 13.23
N GLY E 282 -20.13 -25.35 12.45
CA GLY E 282 -19.28 -24.28 12.93
C GLY E 282 -19.82 -22.91 12.54
N SER E 283 -21.11 -22.81 12.24
CA SER E 283 -21.73 -21.53 11.97
C SER E 283 -22.96 -21.37 12.86
N LYS E 284 -23.37 -20.11 13.06
CA LYS E 284 -24.73 -19.89 13.51
C LYS E 284 -25.63 -19.68 12.28
N PHE E 285 -25.33 -18.65 11.48
CA PHE E 285 -26.12 -18.36 10.28
C PHE E 285 -25.58 -19.19 9.12
N LYS E 286 -26.45 -19.95 8.47
CA LYS E 286 -26.06 -20.78 7.34
C LYS E 286 -26.37 -20.05 6.05
N VAL E 287 -25.50 -20.18 5.05
CA VAL E 287 -25.74 -19.54 3.76
C VAL E 287 -26.67 -20.40 2.91
N GLU E 288 -26.42 -21.70 2.87
CA GLU E 288 -27.23 -22.67 2.15
C GLU E 288 -26.78 -24.06 2.61
N PRO E 289 -27.55 -25.11 2.31
CA PRO E 289 -27.08 -26.44 2.67
C PRO E 289 -25.77 -26.77 1.98
N TRP E 290 -24.86 -27.35 2.76
CA TRP E 290 -23.56 -27.78 2.24
C TRP E 290 -23.71 -28.63 0.99
N VAL E 291 -24.68 -29.55 0.98
CA VAL E 291 -24.83 -30.44 -0.17
C VAL E 291 -25.19 -29.64 -1.43
N LYS E 292 -25.85 -28.50 -1.26
CA LYS E 292 -26.09 -27.63 -2.41
C LYS E 292 -24.83 -26.89 -2.85
N THR E 293 -24.06 -26.35 -1.89
CA THR E 293 -22.74 -25.77 -2.21
C THR E 293 -21.91 -26.77 -3.01
N TRP E 294 -21.89 -28.03 -2.55
CA TRP E 294 -21.09 -29.08 -3.18
C TRP E 294 -21.65 -29.43 -4.56
N ASN E 295 -22.97 -29.55 -4.66
CA ASN E 295 -23.59 -29.80 -5.96
C ASN E 295 -23.25 -28.70 -6.96
N ARG E 296 -23.35 -27.42 -6.53
CA ARG E 296 -23.09 -26.31 -7.43
C ARG E 296 -21.63 -26.29 -7.88
N TRP E 297 -20.70 -26.31 -6.92
CA TRP E 297 -19.28 -26.12 -7.23
C TRP E 297 -18.65 -27.42 -7.73
N VAL E 298 -18.86 -28.52 -7.00
CA VAL E 298 -18.16 -29.76 -7.33
C VAL E 298 -18.84 -30.51 -8.48
N TYR E 299 -20.10 -30.90 -8.31
CA TYR E 299 -20.70 -31.83 -9.26
C TYR E 299 -21.07 -31.15 -10.57
N GLU E 300 -21.74 -30.00 -10.51
CA GLU E 300 -22.27 -29.35 -11.71
C GLU E 300 -21.23 -28.47 -12.41
N ASP E 301 -20.56 -27.58 -11.68
CA ASP E 301 -19.71 -26.61 -12.38
C ASP E 301 -18.32 -27.19 -12.66
N TRP E 302 -17.59 -27.66 -11.63
CA TRP E 302 -16.32 -28.31 -11.94
C TRP E 302 -16.53 -29.54 -12.80
N GLY E 303 -17.41 -30.44 -12.37
CA GLY E 303 -17.61 -31.69 -13.10
C GLY E 303 -18.12 -31.49 -14.53
N GLY E 304 -18.87 -30.41 -14.78
CA GLY E 304 -19.37 -30.13 -16.12
C GLY E 304 -18.49 -29.26 -16.99
N ILE E 305 -17.94 -28.19 -16.40
CA ILE E 305 -17.10 -27.26 -17.16
C ILE E 305 -15.69 -27.81 -17.37
N TRP E 306 -15.20 -28.62 -16.44
CA TRP E 306 -13.87 -29.21 -16.62
C TRP E 306 -14.00 -30.64 -17.12
N ILE E 307 -14.53 -31.51 -16.26
CA ILE E 307 -14.50 -32.94 -16.56
C ILE E 307 -15.45 -33.29 -17.71
N GLY E 308 -16.70 -32.83 -17.65
CA GLY E 308 -17.62 -33.13 -18.74
C GLY E 308 -17.14 -32.64 -20.10
N ARG E 309 -16.52 -31.45 -20.14
CA ARG E 309 -15.98 -30.94 -21.39
C ARG E 309 -14.80 -31.76 -21.87
N LEU E 310 -13.88 -32.12 -20.96
CA LEU E 310 -12.80 -33.01 -21.37
C LEU E 310 -13.30 -34.41 -21.74
N GLY E 311 -14.57 -34.71 -21.46
CA GLY E 311 -15.15 -35.99 -21.87
C GLY E 311 -15.09 -36.19 -23.37
N LYS E 312 -15.22 -35.10 -24.13
CA LYS E 312 -15.05 -35.13 -25.58
C LYS E 312 -13.64 -35.53 -26.00
N TYR E 313 -12.69 -35.67 -25.05
CA TYR E 313 -11.28 -35.96 -25.35
C TYR E 313 -10.76 -37.09 -24.48
N GLY E 314 -11.64 -38.03 -24.12
CA GLY E 314 -11.24 -39.27 -23.47
C GLY E 314 -11.24 -39.27 -21.96
N VAL E 315 -11.44 -38.12 -21.31
CA VAL E 315 -11.43 -38.05 -19.86
C VAL E 315 -12.77 -38.54 -19.33
N GLU E 316 -12.73 -39.42 -18.35
CA GLU E 316 -13.95 -40.05 -17.86
C GLU E 316 -14.43 -39.39 -16.58
N SER E 317 -15.76 -39.33 -16.42
CA SER E 317 -16.35 -38.98 -15.14
C SER E 317 -15.82 -39.93 -14.08
N PRO E 318 -15.31 -39.43 -12.95
CA PRO E 318 -14.68 -40.32 -11.95
C PRO E 318 -15.61 -41.42 -11.49
N ALA E 319 -15.11 -42.66 -11.50
CA ALA E 319 -15.92 -43.81 -11.09
C ALA E 319 -16.41 -43.68 -9.65
N SER E 320 -15.66 -42.98 -8.80
CA SER E 320 -16.03 -42.82 -7.41
C SER E 320 -17.06 -41.69 -7.19
N LEU E 321 -17.55 -41.05 -8.26
CA LEU E 321 -18.48 -39.91 -8.09
C LEU E 321 -19.75 -40.28 -7.30
N ARG E 322 -20.40 -41.41 -7.64
CA ARG E 322 -21.64 -41.78 -6.94
C ARG E 322 -21.40 -41.92 -5.44
N ASP E 323 -20.34 -42.65 -5.06
CA ASP E 323 -19.97 -42.70 -3.67
C ASP E 323 -19.72 -41.32 -3.11
N ALA E 324 -19.08 -40.45 -3.89
CA ALA E 324 -18.81 -39.11 -3.39
C ALA E 324 -20.11 -38.33 -3.17
N LYS E 325 -21.10 -38.48 -4.05
CA LYS E 325 -22.33 -37.71 -3.83
C LYS E 325 -23.04 -38.15 -2.56
N ARG E 326 -22.99 -39.44 -2.23
CA ARG E 326 -23.59 -39.85 -0.96
C ARG E 326 -22.85 -39.23 0.23
N ASP E 327 -21.53 -39.10 0.13
CA ASP E 327 -20.79 -38.37 1.16
C ASP E 327 -21.22 -36.92 1.22
N ALA E 328 -21.49 -36.29 0.07
CA ALA E 328 -21.88 -34.89 0.09
C ALA E 328 -23.17 -34.69 0.86
N TYR E 329 -24.03 -35.72 0.92
CA TYR E 329 -25.32 -35.55 1.58
C TYR E 329 -25.25 -35.85 3.08
N TRP E 330 -24.54 -36.92 3.47
CA TRP E 330 -24.55 -37.37 4.85
C TRP E 330 -23.21 -37.38 5.57
N ALA E 331 -22.08 -37.40 4.85
CA ALA E 331 -20.82 -37.72 5.55
C ALA E 331 -20.41 -36.64 6.54
N HIS E 332 -20.82 -35.39 6.30
CA HIS E 332 -20.44 -34.34 7.24
C HIS E 332 -21.26 -34.41 8.52
N HIS E 333 -22.49 -34.93 8.44
CA HIS E 333 -23.23 -35.24 9.66
C HIS E 333 -22.59 -36.40 10.42
N ASP E 334 -22.18 -37.45 9.72
CA ASP E 334 -21.42 -38.50 10.36
C ASP E 334 -20.21 -37.93 11.09
N LEU E 335 -19.43 -37.10 10.38
CA LEU E 335 -18.23 -36.50 10.96
C LEU E 335 -18.56 -35.64 12.17
N ALA E 336 -19.65 -34.88 12.13
CA ALA E 336 -20.05 -34.14 13.32
C ALA E 336 -20.13 -35.02 14.55
N LEU E 337 -20.70 -36.24 14.42
CA LEU E 337 -20.76 -37.13 15.58
C LEU E 337 -19.38 -37.36 16.17
N ALA E 338 -18.41 -37.69 15.32
CA ALA E 338 -17.06 -37.91 15.83
C ALA E 338 -16.46 -36.62 16.42
N ALA E 339 -16.68 -35.47 15.76
CA ALA E 339 -16.05 -34.22 16.20
C ALA E 339 -16.60 -33.79 17.55
N TYR E 340 -17.93 -33.83 17.73
CA TYR E 340 -18.51 -33.51 19.03
C TYR E 340 -18.12 -34.54 20.09
N ALA E 341 -18.14 -35.83 19.72
CA ALA E 341 -17.84 -36.87 20.73
C ALA E 341 -16.41 -36.77 21.25
N MET E 342 -15.46 -36.38 20.39
CA MET E 342 -14.05 -36.35 20.75
C MET E 342 -13.53 -34.93 20.93
N TRP E 343 -14.43 -33.99 21.31
CA TRP E 343 -14.11 -32.58 21.37
C TRP E 343 -12.84 -32.25 22.18
N PRO E 344 -12.47 -32.99 23.24
CA PRO E 344 -11.32 -32.54 24.04
C PRO E 344 -10.00 -32.64 23.32
N LEU E 345 -9.94 -33.36 22.19
CA LEU E 345 -8.71 -33.51 21.42
C LEU E 345 -8.49 -32.41 20.41
N GLY E 346 -9.43 -31.50 20.25
CA GLY E 346 -9.29 -30.42 19.28
C GLY E 346 -8.64 -29.18 19.86
N PHE E 347 -8.82 -28.07 19.14
CA PHE E 347 -8.31 -26.78 19.62
C PHE E 347 -9.34 -25.68 19.36
N ALA E 348 -10.62 -26.04 19.37
CA ALA E 348 -11.73 -25.13 19.09
C ALA E 348 -12.86 -25.41 20.07
N ARG E 349 -13.67 -24.38 20.31
CA ARG E 349 -14.84 -24.47 21.16
C ARG E 349 -16.08 -24.73 20.30
N LEU E 350 -16.81 -25.79 20.63
CA LEU E 350 -17.89 -26.27 19.78
C LEU E 350 -19.23 -25.87 20.36
N ALA E 351 -20.27 -25.88 19.52
CA ALA E 351 -21.62 -25.53 19.93
C ALA E 351 -22.59 -26.58 19.39
N LEU E 352 -23.30 -27.26 20.29
CA LEU E 352 -24.33 -28.18 19.84
C LEU E 352 -25.36 -27.39 19.05
N PRO E 353 -25.94 -27.97 18.00
CA PRO E 353 -26.99 -27.26 17.25
C PRO E 353 -28.15 -26.89 18.16
N ASP E 354 -28.57 -25.62 18.09
CA ASP E 354 -29.69 -25.20 18.91
C ASP E 354 -31.00 -25.53 18.20
N GLU E 355 -32.13 -25.11 18.79
CA GLU E 355 -33.43 -25.50 18.27
C GLU E 355 -33.63 -25.00 16.84
N GLU E 356 -33.22 -23.76 16.56
N GLU E 356 -33.21 -23.77 16.56
CA GLU E 356 -33.32 -23.24 15.21
CA GLU E 356 -33.35 -23.26 15.20
C GLU E 356 -32.43 -24.02 14.25
C GLU E 356 -32.42 -24.00 14.23
N ASP E 357 -31.19 -24.32 14.67
CA ASP E 357 -30.29 -25.12 13.84
C ASP E 357 -30.90 -26.49 13.56
N GLN E 358 -31.39 -27.16 14.59
CA GLN E 358 -32.01 -28.47 14.43
C GLN E 358 -33.14 -28.45 13.41
N ALA E 359 -34.01 -27.43 13.46
CA ALA E 359 -35.08 -27.34 12.45
C ALA E 359 -34.49 -27.18 11.05
N TRP E 360 -33.50 -26.31 10.92
CA TRP E 360 -32.81 -26.13 9.64
C TRP E 360 -32.22 -27.44 9.12
N PHE E 361 -31.53 -28.21 9.98
CA PHE E 361 -30.96 -29.49 9.52
C PHE E 361 -32.05 -30.44 9.04
N GLU E 362 -33.11 -30.60 9.82
CA GLU E 362 -34.18 -31.54 9.42
C GLU E 362 -34.89 -31.07 8.17
N ALA E 363 -35.08 -29.75 8.01
CA ALA E 363 -35.72 -29.25 6.79
C ALA E 363 -34.91 -29.61 5.55
N ASN E 364 -33.59 -29.48 5.63
CA ASN E 364 -32.71 -29.64 4.48
C ASN E 364 -32.17 -31.04 4.31
N TYR E 365 -32.16 -31.84 5.38
CA TYR E 365 -31.71 -33.23 5.31
C TYR E 365 -32.72 -34.05 6.09
N PRO E 366 -33.89 -34.31 5.50
CA PRO E 366 -34.92 -35.08 6.20
C PRO E 366 -34.36 -36.42 6.64
N GLY E 367 -34.61 -36.77 7.92
CA GLY E 367 -33.96 -37.88 8.59
C GLY E 367 -32.96 -37.45 9.64
N TRP E 368 -32.51 -36.19 9.60
CA TRP E 368 -31.48 -35.72 10.54
C TRP E 368 -32.00 -35.75 11.98
N ALA E 369 -33.21 -35.22 12.20
CA ALA E 369 -33.72 -35.10 13.57
C ALA E 369 -33.78 -36.44 14.28
N ASP E 370 -34.19 -37.51 13.58
CA ASP E 370 -34.40 -38.80 14.21
C ASP E 370 -33.13 -39.57 14.42
N HIS E 371 -32.04 -39.14 13.79
CA HIS E 371 -30.79 -39.85 13.95
C HIS E 371 -29.85 -38.93 14.71
N TYR E 372 -29.19 -38.02 14.01
CA TYR E 372 -28.21 -37.16 14.67
C TYR E 372 -28.86 -36.30 15.75
N GLY E 373 -30.02 -35.68 15.43
CA GLY E 373 -30.65 -34.79 16.38
C GLY E 373 -30.90 -35.47 17.72
N LYS E 374 -31.41 -36.70 17.69
CA LYS E 374 -31.68 -37.37 18.95
C LYS E 374 -30.40 -37.66 19.74
N ILE E 375 -29.32 -37.99 19.04
CA ILE E 375 -28.05 -38.27 19.72
C ILE E 375 -27.52 -37.01 20.41
N PHE E 376 -27.47 -35.89 19.66
CA PHE E 376 -26.99 -34.65 20.27
C PHE E 376 -27.86 -34.25 21.46
N ASN E 377 -29.17 -34.44 21.36
N ASN E 377 -29.17 -34.46 21.38
CA ASN E 377 -30.07 -34.10 22.45
CA ASN E 377 -30.00 -34.04 22.49
C ASN E 377 -29.76 -34.93 23.69
C ASN E 377 -29.83 -34.94 23.71
N GLU E 378 -29.53 -36.22 23.50
CA GLU E 378 -29.24 -37.09 24.64
C GLU E 378 -27.88 -36.74 25.23
N TRP E 379 -26.89 -36.41 24.39
CA TRP E 379 -25.62 -35.95 24.92
C TRP E 379 -25.79 -34.67 25.73
N LYS E 380 -26.60 -33.71 25.23
CA LYS E 380 -26.81 -32.51 26.03
C LYS E 380 -27.43 -32.85 27.38
N LYS E 381 -28.44 -33.73 27.39
CA LYS E 381 -29.07 -34.10 28.65
C LYS E 381 -28.10 -34.82 29.58
N LEU E 382 -27.13 -35.55 29.02
CA LEU E 382 -26.12 -36.26 29.82
C LEU E 382 -25.07 -35.31 30.39
N GLY E 383 -25.03 -34.06 29.94
CA GLY E 383 -24.11 -33.09 30.50
C GLY E 383 -22.97 -32.74 29.58
N TYR E 384 -23.16 -32.90 28.28
CA TYR E 384 -22.16 -32.62 27.26
C TYR E 384 -21.41 -31.31 27.57
N GLU E 385 -22.15 -30.27 27.92
CA GLU E 385 -21.56 -28.96 28.10
C GLU E 385 -21.03 -28.70 29.50
N ASP E 386 -21.41 -29.51 30.50
CA ASP E 386 -21.25 -29.13 31.89
C ASP E 386 -19.99 -29.75 32.45
N PRO E 387 -18.99 -28.97 32.84
CA PRO E 387 -17.70 -29.56 33.29
C PRO E 387 -17.82 -30.45 34.51
N LYS E 388 -18.90 -30.34 35.28
CA LYS E 388 -19.07 -31.12 36.48
C LYS E 388 -19.79 -32.46 36.21
N SER E 389 -20.08 -32.78 34.93
CA SER E 389 -20.95 -33.90 34.61
C SER E 389 -20.21 -35.24 34.56
N GLY E 390 -18.88 -35.22 34.45
CA GLY E 390 -18.13 -36.46 34.23
C GLY E 390 -18.40 -37.12 32.90
N PHE E 391 -19.03 -36.43 31.95
CA PHE E 391 -19.52 -37.07 30.74
C PHE E 391 -18.78 -36.60 29.50
N ILE E 392 -18.26 -37.54 28.73
CA ILE E 392 -17.62 -37.22 27.46
C ILE E 392 -18.17 -38.22 26.45
N PRO E 393 -18.75 -37.80 25.32
CA PRO E 393 -19.50 -38.77 24.50
C PRO E 393 -18.65 -39.86 23.85
N TYR E 394 -17.35 -39.69 23.67
CA TYR E 394 -16.58 -40.79 23.11
C TYR E 394 -16.71 -42.04 23.99
N GLN E 395 -16.70 -41.87 25.32
CA GLN E 395 -16.90 -43.01 26.24
C GLN E 395 -18.27 -43.65 26.05
N TRP E 396 -19.29 -42.82 25.86
CA TRP E 396 -20.65 -43.28 25.59
C TRP E 396 -20.73 -44.04 24.27
N LEU E 397 -19.98 -43.57 23.25
CA LEU E 397 -19.95 -44.31 21.98
C LEU E 397 -19.40 -45.71 22.21
N LEU E 398 -18.33 -45.80 22.98
CA LEU E 398 -17.73 -47.09 23.31
C LEU E 398 -18.72 -47.98 24.05
N ALA E 399 -19.40 -47.45 25.06
CA ALA E 399 -20.29 -48.32 25.84
C ALA E 399 -21.45 -48.83 25.01
N ASN E 400 -21.86 -48.10 23.98
CA ASN E 400 -23.01 -48.50 23.17
C ASN E 400 -22.58 -49.18 21.88
N GLY E 401 -21.32 -49.60 21.78
CA GLY E 401 -20.86 -50.30 20.61
C GLY E 401 -20.78 -49.45 19.36
N HIS E 402 -20.63 -48.15 19.51
CA HIS E 402 -20.44 -47.28 18.35
C HIS E 402 -18.97 -46.92 18.18
N ASP E 403 -18.13 -47.95 18.06
CA ASP E 403 -16.69 -47.74 17.95
C ASP E 403 -16.32 -46.81 16.80
N VAL E 404 -15.25 -46.05 17.03
CA VAL E 404 -14.64 -45.18 16.03
C VAL E 404 -13.42 -45.89 15.45
N TYR E 405 -13.34 -45.97 14.13
CA TYR E 405 -12.17 -46.48 13.44
C TYR E 405 -11.50 -45.37 12.65
N ILE E 406 -10.19 -45.50 12.45
CA ILE E 406 -9.43 -44.58 11.60
C ILE E 406 -9.04 -45.32 10.33
N ASP E 407 -9.46 -44.80 9.17
CA ASP E 407 -9.06 -45.35 7.87
C ASP E 407 -7.54 -45.29 7.75
N ARG E 408 -6.90 -46.44 7.55
CA ARG E 408 -5.44 -46.42 7.43
C ARG E 408 -4.97 -45.55 6.27
N VAL E 409 -5.79 -45.39 5.25
CA VAL E 409 -5.40 -44.61 4.08
C VAL E 409 -5.71 -43.12 4.25
N SER E 410 -6.99 -42.75 4.44
CA SER E 410 -7.36 -41.33 4.46
C SER E 410 -7.23 -40.68 5.82
N GLN E 411 -7.17 -41.48 6.89
CA GLN E 411 -7.17 -41.01 8.28
C GLN E 411 -8.53 -40.45 8.70
N VAL E 412 -9.55 -40.56 7.86
CA VAL E 412 -10.87 -40.05 8.20
C VAL E 412 -11.54 -41.01 9.19
N PRO E 413 -12.09 -40.52 10.31
CA PRO E 413 -12.77 -41.42 11.25
C PRO E 413 -14.02 -42.02 10.62
N PHE E 414 -14.39 -43.21 11.09
CA PHE E 414 -15.56 -43.90 10.57
C PHE E 414 -16.27 -44.60 11.71
N ILE E 415 -17.58 -44.36 11.84
CA ILE E 415 -18.39 -44.96 12.88
C ILE E 415 -19.44 -45.82 12.16
N PRO E 416 -19.08 -47.05 11.78
CA PRO E 416 -19.97 -47.85 10.94
C PRO E 416 -21.38 -47.99 11.49
N SER E 417 -21.54 -48.09 12.80
CA SER E 417 -22.87 -48.33 13.38
C SER E 417 -23.76 -47.11 13.38
N LEU E 418 -23.24 -45.91 13.11
CA LEU E 418 -24.06 -44.71 13.05
C LEU E 418 -24.01 -43.99 11.71
N ALA E 419 -23.06 -44.31 10.84
CA ALA E 419 -22.84 -43.51 9.65
C ALA E 419 -23.92 -43.77 8.61
N LYS E 420 -24.32 -42.70 7.92
CA LYS E 420 -25.17 -42.78 6.75
C LYS E 420 -24.39 -42.46 5.48
N GLY E 421 -23.18 -41.96 5.59
CA GLY E 421 -22.34 -41.71 4.43
C GLY E 421 -21.82 -43.01 3.85
N THR E 422 -21.00 -42.85 2.80
CA THR E 422 -20.40 -44.00 2.14
C THR E 422 -19.36 -44.62 3.06
N GLY E 423 -19.41 -45.93 3.17
CA GLY E 423 -18.32 -46.63 3.82
C GLY E 423 -18.78 -47.97 4.36
N SER E 424 -17.83 -48.90 4.46
CA SER E 424 -18.04 -50.12 5.21
C SER E 424 -16.68 -50.58 5.71
N LEU E 425 -16.66 -51.16 6.91
CA LEU E 425 -15.42 -51.51 7.57
C LEU E 425 -14.83 -52.81 7.00
N ARG E 426 -13.56 -52.77 6.61
CA ARG E 426 -12.79 -53.97 6.32
C ARG E 426 -11.62 -53.97 7.29
N VAL E 427 -11.41 -55.09 8.00
CA VAL E 427 -10.30 -55.20 8.93
C VAL E 427 -9.42 -56.36 8.48
N HIS E 428 -8.17 -56.05 8.15
CA HIS E 428 -7.20 -57.03 7.68
C HIS E 428 -6.03 -57.13 8.64
N GLU E 429 -5.53 -58.34 8.86
CA GLU E 429 -4.23 -58.52 9.51
C GLU E 429 -3.21 -58.78 8.42
N PHE E 430 -2.05 -58.12 8.52
CA PHE E 430 -0.98 -58.33 7.56
C PHE E 430 0.35 -58.19 8.29
N ASN E 431 1.08 -59.30 8.36
CA ASN E 431 2.42 -59.32 8.92
C ASN E 431 2.40 -58.86 10.37
N GLY E 432 1.43 -59.35 11.15
CA GLY E 432 1.36 -59.03 12.54
C GLY E 432 0.78 -57.68 12.91
N LYS E 433 0.15 -56.96 11.97
CA LYS E 433 -0.50 -55.70 12.32
C LYS E 433 -1.89 -55.65 11.68
N LYS E 434 -2.87 -55.14 12.43
CA LYS E 434 -4.23 -55.03 11.94
C LYS E 434 -4.49 -53.64 11.33
N HIS E 435 -5.30 -53.60 10.28
CA HIS E 435 -5.56 -52.39 9.51
C HIS E 435 -7.04 -52.26 9.24
N SER E 436 -7.60 -51.07 9.51
CA SER E 436 -8.99 -50.77 9.20
C SER E 436 -9.05 -49.87 7.96
N LEU E 437 -9.78 -50.32 6.94
CA LEU E 437 -10.10 -49.58 5.74
C LEU E 437 -11.60 -49.39 5.71
N THR E 438 -12.05 -48.35 5.00
CA THR E 438 -13.45 -47.94 5.10
C THR E 438 -14.16 -47.76 3.78
N ASP E 439 -13.48 -47.86 2.64
CA ASP E 439 -14.20 -47.78 1.37
C ASP E 439 -13.41 -48.54 0.32
N ASP E 440 -14.06 -48.75 -0.83
CA ASP E 440 -13.50 -49.58 -1.90
C ASP E 440 -12.32 -48.91 -2.60
N TRP E 441 -12.31 -47.59 -2.65
CA TRP E 441 -11.26 -46.92 -3.38
C TRP E 441 -9.99 -46.88 -2.56
N GLY E 442 -10.11 -46.54 -1.26
CA GLY E 442 -8.94 -46.57 -0.40
C GLY E 442 -8.45 -47.97 -0.11
N GLU E 443 -9.37 -48.93 0.03
CA GLU E 443 -8.91 -50.30 0.30
C GLU E 443 -8.03 -50.79 -0.85
N ARG E 444 -8.42 -50.47 -2.08
CA ARG E 444 -7.57 -50.78 -3.24
C ARG E 444 -6.20 -50.12 -3.13
N GLN E 445 -6.16 -48.81 -2.82
CA GLN E 445 -4.88 -48.11 -2.67
C GLN E 445 -4.01 -48.81 -1.63
N TRP E 446 -4.60 -49.22 -0.50
CA TRP E 446 -3.77 -49.84 0.53
C TRP E 446 -3.30 -51.22 0.10
N LEU E 447 -4.17 -51.98 -0.59
CA LEU E 447 -3.83 -53.34 -1.01
C LEU E 447 -2.68 -53.33 -2.01
N ILE E 448 -2.73 -52.39 -2.96
CA ILE E 448 -1.69 -52.33 -3.97
C ILE E 448 -0.42 -51.65 -3.45
N GLU E 449 -0.55 -50.68 -2.53
CA GLU E 449 0.57 -49.82 -2.14
C GLU E 449 0.70 -49.73 -0.62
N PRO E 450 0.84 -50.88 0.08
CA PRO E 450 0.86 -50.79 1.54
C PRO E 450 2.03 -49.96 2.08
N GLU E 451 3.15 -49.89 1.35
CA GLU E 451 4.29 -49.14 1.87
C GLU E 451 4.13 -47.63 1.67
N ARG E 452 3.11 -47.19 0.93
CA ARG E 452 2.77 -45.76 0.89
C ARG E 452 1.94 -45.33 2.09
N TYR E 453 1.34 -46.29 2.81
CA TYR E 453 0.25 -46.02 3.76
C TYR E 453 0.53 -46.68 5.11
N GLU E 454 1.44 -46.08 5.88
CA GLU E 454 1.82 -46.60 7.20
C GLU E 454 1.56 -45.60 8.32
N CYS E 455 0.60 -44.70 8.15
CA CYS E 455 0.35 -43.62 9.10
C CYS E 455 -0.14 -44.14 10.45
N HIS E 456 0.62 -43.87 11.52
CA HIS E 456 0.17 -44.24 12.86
C HIS E 456 -1.13 -43.48 13.17
N ASN E 457 -2.10 -44.12 13.84
CA ASN E 457 -3.32 -43.39 14.16
C ASN E 457 -3.34 -43.07 15.65
N VAL E 458 -4.29 -42.21 16.06
CA VAL E 458 -4.32 -41.73 17.43
C VAL E 458 -4.49 -42.88 18.42
N PHE E 459 -5.23 -43.92 18.04
CA PHE E 459 -5.42 -45.03 18.98
C PHE E 459 -4.15 -45.83 19.16
N GLU E 460 -3.34 -45.94 18.11
CA GLU E 460 -2.06 -46.60 18.23
C GLU E 460 -1.11 -45.80 19.11
N GLN E 461 -1.04 -44.47 18.91
CA GLN E 461 -0.12 -43.67 19.71
C GLN E 461 -0.58 -43.54 21.15
N TYR E 462 -1.88 -43.43 21.36
CA TYR E 462 -2.41 -43.09 22.66
C TYR E 462 -2.96 -44.30 23.42
N GLU E 463 -2.79 -45.52 22.89
CA GLU E 463 -3.43 -46.70 23.48
C GLU E 463 -3.21 -46.76 24.99
N GLY E 464 -4.31 -46.94 25.74
CA GLY E 464 -4.22 -47.15 27.16
C GLY E 464 -3.93 -45.91 27.97
N ARG E 465 -3.70 -44.77 27.32
CA ARG E 465 -3.47 -43.53 28.04
C ARG E 465 -4.78 -42.81 28.32
N GLU E 466 -4.79 -42.08 29.42
CA GLU E 466 -5.95 -41.31 29.82
C GLU E 466 -5.95 -39.98 29.09
N LEU E 467 -7.15 -39.50 28.81
CA LEU E 467 -7.34 -38.42 27.84
C LEU E 467 -6.66 -37.12 28.29
N SER E 468 -6.81 -36.76 29.56
CA SER E 468 -6.23 -35.50 30.04
C SER E 468 -4.72 -35.51 30.01
N GLU E 469 -4.09 -36.69 30.13
N GLU E 469 -4.08 -36.69 30.12
CA GLU E 469 -2.63 -36.74 30.01
CA GLU E 469 -2.62 -36.73 30.02
C GLU E 469 -2.18 -36.46 28.59
C GLU E 469 -2.16 -36.49 28.59
N VAL E 470 -2.87 -37.03 27.59
CA VAL E 470 -2.51 -36.77 26.21
C VAL E 470 -2.67 -35.28 25.92
N ILE E 471 -3.74 -34.66 26.45
CA ILE E 471 -4.00 -33.25 26.17
C ILE E 471 -2.94 -32.37 26.81
N ALA E 472 -2.62 -32.64 28.09
CA ALA E 472 -1.59 -31.86 28.76
C ALA E 472 -0.26 -32.00 28.03
N GLU E 473 0.11 -33.23 27.64
CA GLU E 473 1.40 -33.48 27.00
C GLU E 473 1.53 -32.68 25.71
N GLY E 474 0.45 -32.60 24.95
CA GLY E 474 0.44 -31.87 23.71
C GLY E 474 0.14 -30.39 23.84
N HIS E 475 0.13 -29.82 25.05
CA HIS E 475 -0.06 -28.37 25.27
C HIS E 475 -1.48 -27.90 24.90
N GLY E 476 -2.48 -28.76 25.04
CA GLY E 476 -3.84 -28.42 24.69
C GLY E 476 -4.52 -27.57 25.75
N VAL E 477 -3.79 -26.62 26.33
CA VAL E 477 -4.27 -25.85 27.46
C VAL E 477 -4.05 -24.37 27.18
N ARG E 478 -4.80 -23.55 27.91
CA ARG E 478 -4.71 -22.09 27.86
C ARG E 478 -3.50 -21.66 28.69
N SER E 479 -3.29 -20.34 28.79
N SER E 479 -3.29 -20.34 28.79
CA SER E 479 -2.09 -19.84 29.45
CA SER E 479 -2.06 -19.90 29.43
C SER E 479 -2.02 -20.26 30.91
C SER E 479 -2.02 -20.22 30.92
N ASP E 480 -3.16 -20.54 31.54
CA ASP E 480 -3.16 -20.89 32.96
C ASP E 480 -2.68 -22.32 33.20
N GLY E 481 -2.36 -23.07 32.14
CA GLY E 481 -1.88 -24.44 32.23
C GLY E 481 -2.93 -25.48 32.55
N LYS E 482 -4.19 -25.10 32.74
CA LYS E 482 -5.14 -26.08 33.23
C LYS E 482 -6.46 -26.06 32.45
N THR E 483 -6.90 -24.90 31.98
CA THR E 483 -8.17 -24.83 31.26
C THR E 483 -7.96 -25.27 29.81
N LEU E 484 -8.80 -26.19 29.33
CA LEU E 484 -8.61 -26.67 27.96
C LEU E 484 -8.81 -25.54 26.94
N ILE E 485 -8.03 -25.61 25.84
CA ILE E 485 -8.35 -24.80 24.66
C ILE E 485 -9.71 -25.21 24.12
N ALA E 486 -9.86 -26.48 23.76
CA ALA E 486 -11.12 -27.03 23.30
C ALA E 486 -12.19 -26.93 24.40
N GLN E 487 -13.45 -26.79 23.99
CA GLN E 487 -14.58 -26.68 24.90
C GLN E 487 -15.81 -27.25 24.20
N PRO E 488 -16.76 -27.76 24.96
CA PRO E 488 -18.01 -28.28 24.37
C PRO E 488 -19.14 -27.27 24.29
N HIS E 489 -18.88 -25.99 24.58
CA HIS E 489 -19.84 -24.91 24.43
C HIS E 489 -19.06 -23.65 24.10
N THR E 490 -19.77 -22.59 23.66
CA THR E 490 -19.11 -21.35 23.27
C THR E 490 -19.35 -20.20 24.25
N ARG E 491 -19.72 -20.50 25.49
N ARG E 491 -19.73 -20.49 25.47
CA ARG E 491 -19.98 -19.47 26.48
CA ARG E 491 -19.99 -19.45 26.46
C ARG E 491 -18.70 -19.11 27.24
C ARG E 491 -18.71 -19.10 27.21
N GLY E 492 -18.74 -17.97 27.93
CA GLY E 492 -17.58 -17.49 28.67
C GLY E 492 -17.41 -18.08 30.07
N ASP E 493 -18.38 -18.87 30.53
CA ASP E 493 -18.46 -19.41 31.87
C ASP E 493 -18.30 -20.93 31.81
N ASN E 494 -17.91 -21.52 32.95
CA ASN E 494 -17.89 -22.98 33.07
C ASN E 494 -17.05 -23.62 31.97
N LEU E 495 -15.84 -23.12 31.80
CA LEU E 495 -14.88 -23.76 30.91
C LEU E 495 -14.29 -25.03 31.57
N TRP E 496 -14.11 -26.08 30.78
CA TRP E 496 -13.54 -27.34 31.25
C TRP E 496 -12.02 -27.24 31.44
N THR E 497 -11.54 -27.91 32.48
CA THR E 497 -10.12 -28.03 32.79
C THR E 497 -9.64 -29.47 32.62
N LEU E 498 -8.32 -29.66 32.70
CA LEU E 498 -7.75 -31.01 32.69
C LEU E 498 -8.39 -31.89 33.78
N GLU E 499 -8.63 -31.33 34.96
CA GLU E 499 -9.20 -32.18 36.01
C GLU E 499 -10.63 -32.58 35.66
N ASP E 500 -11.37 -31.70 34.97
CA ASP E 500 -12.73 -32.05 34.58
C ASP E 500 -12.71 -33.20 33.59
N ILE E 501 -11.75 -33.17 32.64
CA ILE E 501 -11.58 -34.27 31.68
C ILE E 501 -11.20 -35.56 32.43
N LYS E 502 -10.22 -35.46 33.30
CA LYS E 502 -9.73 -36.64 34.01
C LYS E 502 -10.86 -37.37 34.76
N ARG E 503 -11.81 -36.59 35.33
CA ARG E 503 -12.96 -37.13 36.06
C ARG E 503 -13.77 -38.14 35.25
N ALA E 504 -13.83 -37.97 33.94
CA ALA E 504 -14.60 -38.89 33.12
C ALA E 504 -13.88 -40.22 32.92
N GLY E 505 -12.59 -40.29 33.18
CA GLY E 505 -11.95 -41.60 33.14
C GLY E 505 -11.84 -42.21 31.75
N CYS E 506 -11.71 -41.39 30.73
CA CYS E 506 -11.66 -41.88 29.36
C CYS E 506 -10.24 -42.32 28.99
N VAL E 507 -10.08 -43.60 28.64
CA VAL E 507 -8.80 -44.18 28.27
C VAL E 507 -8.88 -44.67 26.82
N PHE E 508 -7.84 -44.42 26.04
CA PHE E 508 -7.89 -44.80 24.63
C PHE E 508 -7.84 -46.33 24.47
N PRO E 509 -8.77 -46.92 23.76
CA PRO E 509 -8.71 -48.37 23.50
C PRO E 509 -7.92 -48.67 22.25
N ASP E 510 -7.76 -49.95 21.95
CA ASP E 510 -7.34 -50.41 20.63
C ASP E 510 -8.61 -50.87 19.90
N PRO E 511 -9.14 -50.09 18.95
CA PRO E 511 -10.42 -50.47 18.33
C PRO E 511 -10.38 -51.78 17.57
N LEU E 512 -9.20 -52.25 17.14
CA LEU E 512 -9.11 -53.49 16.40
C LEU E 512 -8.81 -54.69 17.28
N ALA E 513 -8.70 -54.47 18.59
CA ALA E 513 -8.40 -55.59 19.49
C ALA E 513 -9.41 -56.72 19.39
N LYS E 514 -10.69 -56.39 19.19
CA LYS E 514 -11.76 -57.38 19.16
C LYS E 514 -11.79 -58.20 17.88
N PHE E 515 -11.02 -57.85 16.86
CA PHE E 515 -11.05 -58.62 15.62
C PHE E 515 -9.98 -59.74 15.59
N PRO F 1 -33.91 -9.29 -8.83
CA PRO F 1 -34.26 -10.36 -7.88
C PRO F 1 -33.50 -11.67 -8.17
N GLN F 2 -32.22 -11.71 -7.76
CA GLN F 2 -31.36 -12.83 -8.14
C GLN F 2 -31.89 -14.14 -7.55
N SER F 3 -31.44 -15.26 -8.15
CA SER F 3 -32.01 -16.57 -7.78
C SER F 3 -31.61 -17.03 -6.39
N SER F 4 -30.52 -16.52 -5.83
CA SER F 4 -30.06 -16.98 -4.52
C SER F 4 -30.19 -15.85 -3.50
N GLN F 5 -30.18 -16.23 -2.23
CA GLN F 5 -30.38 -15.28 -1.14
C GLN F 5 -29.29 -14.20 -1.16
N VAL F 6 -29.68 -12.96 -0.88
CA VAL F 6 -28.70 -11.89 -0.63
C VAL F 6 -28.36 -11.99 0.86
N THR F 7 -27.23 -12.65 1.16
CA THR F 7 -26.87 -12.92 2.56
C THR F 7 -26.68 -11.62 3.33
N LYS F 8 -27.27 -11.57 4.53
CA LYS F 8 -27.12 -10.44 5.44
C LYS F 8 -25.78 -10.54 6.17
N ARG F 9 -25.03 -9.43 6.20
CA ARG F 9 -23.74 -9.41 6.90
C ARG F 9 -23.90 -9.29 8.41
N GLY F 10 -23.25 -10.20 9.14
CA GLY F 10 -23.30 -10.11 10.59
C GLY F 10 -22.68 -8.86 11.17
N LEU F 11 -21.73 -8.24 10.46
CA LEU F 11 -21.10 -7.04 11.02
C LEU F 11 -22.05 -5.82 11.02
N THR F 12 -22.89 -5.68 10.00
CA THR F 12 -23.71 -4.46 9.84
C THR F 12 -25.22 -4.69 9.91
N ASP F 13 -25.71 -5.91 9.68
CA ASP F 13 -27.16 -6.16 9.73
C ASP F 13 -27.65 -6.10 11.16
N PRO F 14 -28.61 -5.21 11.49
CA PRO F 14 -28.96 -5.01 12.90
C PRO F 14 -29.36 -6.28 13.63
N GLU F 15 -30.20 -7.13 13.05
CA GLU F 15 -30.61 -8.25 13.87
C GLU F 15 -29.53 -9.33 13.96
N ARG F 16 -28.72 -9.56 12.92
CA ARG F 16 -27.62 -10.53 13.10
C ARG F 16 -26.57 -9.98 14.05
N ALA F 17 -26.27 -8.68 13.95
CA ALA F 17 -25.28 -8.08 14.82
C ALA F 17 -25.74 -8.12 16.28
N ALA F 18 -27.04 -7.97 16.54
CA ALA F 18 -27.52 -8.09 17.92
C ALA F 18 -27.43 -9.54 18.42
N ILE F 19 -27.71 -10.52 17.57
CA ILE F 19 -27.55 -11.92 17.96
C ILE F 19 -26.08 -12.22 18.27
N ILE F 20 -25.17 -11.72 17.43
CA ILE F 20 -23.76 -11.95 17.67
C ILE F 20 -23.32 -11.29 18.98
N ALA F 21 -23.72 -10.04 19.20
CA ALA F 21 -23.31 -9.37 20.42
C ALA F 21 -23.80 -10.11 21.66
N ALA F 22 -25.00 -10.69 21.61
CA ALA F 22 -25.50 -11.43 22.76
C ALA F 22 -24.67 -12.69 23.01
N ALA F 23 -24.08 -13.23 21.97
CA ALA F 23 -23.37 -14.50 22.05
C ALA F 23 -21.92 -14.33 22.42
N VAL F 24 -21.33 -13.16 22.19
CA VAL F 24 -19.91 -12.96 22.43
C VAL F 24 -19.70 -12.78 23.94
N PRO F 25 -18.76 -13.51 24.57
CA PRO F 25 -18.50 -13.30 26.00
C PRO F 25 -18.07 -11.87 26.27
N ASP F 26 -18.39 -11.42 27.48
CA ASP F 26 -18.04 -10.08 27.92
C ASP F 26 -16.59 -9.93 28.34
N HIS F 27 -15.77 -10.97 28.25
CA HIS F 27 -14.37 -10.92 28.65
C HIS F 27 -13.57 -11.86 27.77
N ALA F 28 -12.28 -11.60 27.65
CA ALA F 28 -11.42 -12.49 26.86
C ALA F 28 -11.27 -13.84 27.57
N LEU F 29 -11.16 -14.92 26.80
CA LEU F 29 -11.07 -16.26 27.38
C LEU F 29 -9.62 -16.72 27.56
N ASP F 30 -8.66 -15.92 27.13
CA ASP F 30 -7.26 -16.09 27.49
C ASP F 30 -6.58 -14.76 27.29
N THR F 31 -5.41 -14.59 27.92
CA THR F 31 -4.61 -13.37 27.84
C THR F 31 -3.46 -13.46 26.87
N GLN F 32 -3.20 -14.62 26.31
CA GLN F 32 -2.04 -14.83 25.45
C GLN F 32 -2.44 -14.48 24.01
N ARG F 33 -2.04 -13.31 23.56
CA ARG F 33 -2.43 -12.79 22.27
C ARG F 33 -1.31 -12.80 21.25
N LYS F 34 -0.15 -13.34 21.60
CA LYS F 34 0.99 -13.40 20.70
C LYS F 34 0.88 -14.68 19.86
N TYR F 35 0.59 -14.52 18.57
CA TYR F 35 0.55 -15.64 17.62
C TYR F 35 1.84 -16.46 17.67
N HIS F 36 1.70 -17.74 17.96
CA HIS F 36 2.78 -18.70 18.15
C HIS F 36 3.87 -18.18 19.09
N TYR F 37 3.37 -17.82 20.26
CA TYR F 37 4.13 -17.28 21.39
C TYR F 37 5.26 -18.23 21.83
N PHE F 38 5.21 -19.50 21.46
CA PHE F 38 6.21 -20.45 21.91
C PHE F 38 7.40 -20.57 20.98
N ILE F 39 7.40 -19.94 19.79
CA ILE F 39 8.61 -19.93 18.97
C ILE F 39 9.74 -19.28 19.76
N GLN F 40 10.92 -19.90 19.74
CA GLN F 40 12.07 -19.29 20.40
C GLN F 40 12.56 -18.11 19.56
N PRO F 41 12.56 -16.89 20.07
CA PRO F 41 12.95 -15.75 19.20
C PRO F 41 14.45 -15.76 18.97
N ARG F 42 14.84 -15.47 17.73
CA ARG F 42 16.28 -15.34 17.46
C ARG F 42 16.82 -14.02 18.01
N TRP F 43 16.01 -12.97 17.99
CA TRP F 43 16.42 -11.63 18.38
C TRP F 43 15.79 -11.29 19.71
N LYS F 44 15.84 -10.00 20.07
CA LYS F 44 15.43 -9.61 21.41
C LYS F 44 13.98 -10.00 21.66
N ARG F 45 13.12 -9.79 20.67
CA ARG F 45 11.70 -10.12 20.76
C ARG F 45 11.27 -10.83 19.49
N LEU F 46 10.22 -11.65 19.61
CA LEU F 46 9.68 -12.38 18.45
C LEU F 46 9.29 -11.40 17.34
N SER F 47 9.72 -11.70 16.11
CA SER F 47 9.37 -10.88 14.97
C SER F 47 8.11 -11.41 14.29
N GLU F 48 7.42 -10.53 13.57
CA GLU F 48 6.30 -10.96 12.74
C GLU F 48 6.75 -11.94 11.68
N TYR F 49 7.93 -11.71 11.10
CA TYR F 49 8.53 -12.72 10.20
C TYR F 49 8.53 -14.11 10.83
N GLU F 50 9.02 -14.23 12.05
CA GLU F 50 9.06 -15.55 12.69
C GLU F 50 7.66 -16.08 12.98
N GLN F 51 6.78 -15.23 13.51
CA GLN F 51 5.40 -15.65 13.81
C GLN F 51 4.72 -16.20 12.57
N LEU F 52 4.91 -15.55 11.42
CA LEU F 52 4.15 -15.98 10.25
C LEU F 52 4.76 -17.21 9.59
N SER F 53 6.07 -17.41 9.74
CA SER F 53 6.82 -18.44 9.01
C SER F 53 7.04 -19.71 9.82
N CYS F 54 7.32 -19.59 11.12
CA CYS F 54 7.96 -20.70 11.84
C CYS F 54 6.97 -21.77 12.28
N TYR F 55 7.30 -23.03 11.94
CA TYR F 55 6.53 -24.24 12.20
C TYR F 55 5.33 -24.35 11.27
N ALA F 56 5.31 -23.57 10.19
CA ALA F 56 4.32 -23.88 9.15
C ALA F 56 4.60 -25.27 8.57
N GLN F 57 5.87 -25.67 8.51
CA GLN F 57 6.17 -27.02 8.06
C GLN F 57 5.77 -28.04 9.14
N PRO F 58 4.94 -29.06 8.80
CA PRO F 58 4.39 -29.98 9.82
C PRO F 58 5.31 -31.17 10.11
N ASN F 59 6.54 -30.89 10.50
CA ASN F 59 7.46 -32.02 10.67
C ASN F 59 7.19 -32.77 11.97
N PRO F 60 7.34 -34.10 11.95
CA PRO F 60 7.29 -34.92 13.18
C PRO F 60 8.61 -34.90 13.93
N ASP F 61 8.58 -35.47 15.14
CA ASP F 61 9.77 -35.47 16.01
C ASP F 61 10.94 -36.25 15.42
N TRP F 62 10.72 -37.07 14.40
CA TRP F 62 11.84 -37.82 13.81
C TRP F 62 12.49 -37.08 12.64
N ILE F 63 12.08 -35.85 12.36
CA ILE F 63 12.88 -34.90 11.61
C ILE F 63 13.25 -33.81 12.60
N ALA F 64 14.54 -33.67 12.89
CA ALA F 64 15.05 -32.83 13.97
C ALA F 64 14.33 -31.48 14.06
N GLY F 65 13.73 -31.21 15.23
CA GLY F 65 13.03 -29.97 15.54
C GLY F 65 11.52 -30.03 15.38
N GLY F 66 10.99 -31.06 14.70
CA GLY F 66 9.57 -31.17 14.47
C GLY F 66 8.80 -31.39 15.76
N LEU F 67 7.59 -30.85 15.79
CA LEU F 67 6.75 -30.86 16.97
C LEU F 67 5.60 -31.85 16.88
N ASP F 68 5.44 -32.50 15.72
CA ASP F 68 4.31 -33.40 15.46
C ASP F 68 4.78 -34.82 15.76
N TRP F 69 4.01 -35.84 15.38
CA TRP F 69 4.41 -37.22 15.72
C TRP F 69 3.85 -38.15 14.66
N GLY F 70 4.46 -39.33 14.52
CA GLY F 70 3.92 -40.34 13.64
C GLY F 70 4.44 -40.27 12.23
N ASP F 71 4.07 -41.27 11.44
CA ASP F 71 4.49 -41.28 10.04
C ASP F 71 3.60 -40.34 9.22
N TRP F 72 4.08 -40.00 8.03
CA TRP F 72 3.29 -39.28 7.05
C TRP F 72 2.07 -40.10 6.67
N THR F 73 1.01 -39.40 6.19
CA THR F 73 -0.21 -40.11 5.81
C THR F 73 -0.03 -40.87 4.51
N GLN F 74 0.78 -40.34 3.61
CA GLN F 74 0.94 -40.93 2.29
C GLN F 74 2.35 -40.64 1.85
N LYS F 75 3.06 -41.69 1.45
CA LYS F 75 4.44 -41.64 1.03
C LYS F 75 4.56 -41.99 -0.46
N PHE F 76 5.75 -41.77 -1.02
CA PHE F 76 6.04 -42.19 -2.39
C PHE F 76 5.97 -43.72 -2.50
N HIS F 77 5.63 -44.19 -3.70
CA HIS F 77 5.90 -45.59 -4.07
C HIS F 77 7.33 -45.96 -3.69
N GLY F 78 7.47 -47.05 -2.93
CA GLY F 78 8.74 -47.49 -2.40
C GLY F 78 8.93 -47.15 -0.93
N GLY F 79 8.36 -46.04 -0.48
CA GLY F 79 8.45 -45.60 0.91
C GLY F 79 9.10 -44.24 1.14
N ARG F 80 9.62 -43.56 0.12
CA ARG F 80 10.23 -42.25 0.33
C ARG F 80 9.27 -41.33 1.11
N PRO F 81 9.70 -40.77 2.23
CA PRO F 81 8.78 -39.98 3.04
C PRO F 81 8.50 -38.62 2.39
N SER F 82 7.39 -38.00 2.80
CA SER F 82 7.03 -36.70 2.23
C SER F 82 8.18 -35.70 2.34
N TRP F 83 8.74 -35.57 3.54
CA TRP F 83 10.05 -34.97 3.78
C TRP F 83 10.86 -35.95 4.62
N GLY F 84 12.18 -35.93 4.48
CA GLY F 84 12.95 -36.97 5.14
C GLY F 84 14.41 -36.62 5.30
N ASN F 85 15.04 -37.32 6.24
CA ASN F 85 16.46 -37.12 6.53
C ASN F 85 17.34 -37.55 5.36
N GLU F 86 16.86 -38.48 4.55
CA GLU F 86 17.59 -38.94 3.38
C GLU F 86 17.80 -37.83 2.34
N SER F 87 17.15 -36.65 2.51
CA SER F 87 17.23 -35.59 1.52
C SER F 87 18.58 -34.87 1.48
N THR F 88 19.42 -35.03 2.52
CA THR F 88 20.66 -34.27 2.61
C THR F 88 21.65 -35.00 3.53
N GLU F 89 22.94 -34.82 3.23
CA GLU F 89 23.99 -35.35 4.10
C GLU F 89 24.08 -34.56 5.39
N LEU F 90 23.68 -33.29 5.39
CA LEU F 90 23.93 -32.48 6.57
C LEU F 90 22.96 -32.85 7.68
N ARG F 91 23.38 -32.64 8.93
CA ARG F 91 22.58 -32.93 10.10
C ARG F 91 22.52 -31.73 11.05
N THR F 92 21.45 -31.66 11.82
CA THR F 92 21.26 -30.54 12.74
C THR F 92 20.42 -31.03 13.90
N THR F 93 20.52 -30.35 15.04
CA THR F 93 19.58 -30.61 16.12
C THR F 93 18.17 -30.03 15.86
N ASP F 94 18.03 -29.13 14.88
CA ASP F 94 16.73 -28.48 14.64
C ASP F 94 16.73 -27.79 13.28
N TRP F 95 16.00 -28.34 12.29
CA TRP F 95 15.99 -27.71 10.97
C TRP F 95 15.28 -26.35 10.94
N TYR F 96 14.50 -26.02 11.97
CA TYR F 96 13.78 -24.74 12.06
C TYR F 96 14.65 -23.55 12.47
N ARG F 97 15.91 -23.77 12.89
CA ARG F 97 16.72 -22.70 13.48
C ARG F 97 16.99 -21.55 12.52
N HIS F 98 17.07 -21.81 11.21
CA HIS F 98 17.50 -20.78 10.25
C HIS F 98 16.60 -19.54 10.32
N ARG F 99 17.22 -18.36 10.19
CA ARG F 99 16.57 -17.06 10.19
C ARG F 99 17.22 -16.21 9.10
N ASP F 100 16.43 -15.79 8.12
CA ASP F 100 16.89 -14.78 7.17
C ASP F 100 17.15 -13.49 7.94
N PRO F 101 18.36 -12.91 7.92
CA PRO F 101 18.56 -11.63 8.62
C PRO F 101 17.77 -10.47 8.01
N ALA F 102 17.30 -10.60 6.78
CA ALA F 102 16.38 -9.60 6.24
C ALA F 102 14.93 -9.84 6.63
N ARG F 103 14.63 -10.97 7.26
CA ARG F 103 13.31 -11.29 7.84
C ARG F 103 12.20 -11.17 6.80
N ARG F 104 12.44 -11.76 5.64
CA ARG F 104 11.52 -11.70 4.51
C ARG F 104 10.47 -12.82 4.63
N TRP F 105 9.24 -12.46 4.96
CA TRP F 105 8.13 -13.29 4.55
C TRP F 105 7.64 -12.75 3.20
N HIS F 106 6.55 -13.29 2.66
CA HIS F 106 6.27 -13.00 1.27
C HIS F 106 6.00 -11.51 1.04
N HIS F 107 5.30 -10.85 1.99
CA HIS F 107 4.92 -9.45 1.76
C HIS F 107 6.11 -8.51 1.62
N PRO F 108 7.03 -8.42 2.57
CA PRO F 108 8.15 -7.49 2.38
C PRO F 108 8.99 -7.83 1.16
N TYR F 109 9.04 -9.10 0.79
CA TYR F 109 9.76 -9.51 -0.41
C TYR F 109 9.15 -8.92 -1.70
N VAL F 110 7.84 -9.07 -1.91
CA VAL F 110 7.27 -8.47 -3.14
C VAL F 110 7.15 -6.95 -3.02
N LYS F 111 6.95 -6.43 -1.81
CA LYS F 111 6.92 -4.98 -1.65
C LYS F 111 8.21 -4.35 -2.18
N ASP F 112 9.37 -4.88 -1.75
CA ASP F 112 10.65 -4.37 -2.22
C ASP F 112 10.82 -4.54 -3.73
N LYS F 113 10.51 -5.74 -4.24
CA LYS F 113 10.74 -5.96 -5.67
C LYS F 113 9.76 -5.14 -6.52
N SER F 114 8.56 -4.89 -6.01
CA SER F 114 7.64 -4.01 -6.73
C SER F 114 8.23 -2.62 -6.87
N GLU F 115 8.87 -2.12 -5.81
CA GLU F 115 9.55 -0.82 -5.88
C GLU F 115 10.55 -0.79 -7.02
N GLU F 116 11.39 -1.81 -7.08
CA GLU F 116 12.36 -1.91 -8.17
C GLU F 116 11.66 -2.05 -9.53
N ALA F 117 10.55 -2.78 -9.61
CA ALA F 117 9.88 -2.98 -10.88
C ALA F 117 9.40 -1.65 -11.46
N ARG F 118 8.69 -0.84 -10.66
CA ARG F 118 8.11 0.40 -11.16
C ARG F 118 9.19 1.45 -11.38
N TYR F 119 10.16 1.57 -10.47
CA TYR F 119 11.18 2.57 -10.67
C TYR F 119 12.02 2.26 -11.91
N THR F 120 12.25 0.96 -12.19
CA THR F 120 13.02 0.61 -13.39
C THR F 120 12.35 1.16 -14.66
N GLN F 121 11.00 1.02 -14.79
CA GLN F 121 10.34 1.53 -16.00
C GLN F 121 10.38 3.05 -16.09
N ARG F 122 10.24 3.76 -14.96
CA ARG F 122 10.39 5.21 -14.97
C ARG F 122 11.80 5.59 -15.39
N PHE F 123 12.80 4.89 -14.89
CA PHE F 123 14.18 5.21 -15.24
C PHE F 123 14.43 5.01 -16.73
N LEU F 124 13.90 3.93 -17.31
CA LEU F 124 14.14 3.67 -18.73
C LEU F 124 13.44 4.69 -19.60
N ALA F 125 12.20 5.07 -19.26
CA ALA F 125 11.52 6.10 -20.02
C ALA F 125 12.29 7.42 -19.99
N ALA F 126 12.89 7.75 -18.82
CA ALA F 126 13.68 8.96 -18.72
C ALA F 126 15.04 8.83 -19.42
N TYR F 127 15.65 7.67 -19.35
CA TYR F 127 16.97 7.48 -19.94
C TYR F 127 16.90 7.56 -21.46
N SER F 128 15.89 6.93 -22.05
CA SER F 128 15.70 7.05 -23.48
C SER F 128 15.45 8.50 -23.86
N SER F 129 14.61 9.22 -23.10
CA SER F 129 14.39 10.65 -23.33
C SER F 129 15.68 11.46 -23.16
N GLU F 130 16.57 11.04 -22.25
CA GLU F 130 17.82 11.76 -22.01
C GLU F 130 18.81 11.62 -23.17
N GLY F 131 18.77 10.50 -23.88
CA GLY F 131 19.74 10.24 -24.93
C GLY F 131 21.10 9.82 -24.44
N SER F 132 21.22 9.39 -23.18
CA SER F 132 22.53 9.18 -22.58
C SER F 132 23.28 8.00 -23.20
N ILE F 133 22.59 7.13 -23.94
CA ILE F 133 23.27 6.04 -24.64
C ILE F 133 24.29 6.57 -25.65
N ARG F 134 24.17 7.85 -26.06
CA ARG F 134 25.03 8.39 -27.12
C ARG F 134 26.52 8.37 -26.80
N THR F 135 26.93 8.30 -25.52
CA THR F 135 28.36 8.32 -25.22
C THR F 135 28.95 6.95 -24.93
N ILE F 136 28.19 5.87 -25.04
CA ILE F 136 28.76 4.55 -24.77
C ILE F 136 29.73 4.16 -25.87
N ASP F 137 30.83 3.51 -25.49
N ASP F 137 30.84 3.52 -25.48
CA ASP F 137 31.77 2.95 -26.47
CA ASP F 137 31.77 2.95 -26.46
C ASP F 137 31.04 1.93 -27.32
C ASP F 137 31.02 1.93 -27.32
N PRO F 138 30.94 2.12 -28.63
CA PRO F 138 30.17 1.19 -29.46
C PRO F 138 30.74 -0.22 -29.46
N TYR F 139 32.05 -0.36 -29.42
CA TYR F 139 32.61 -1.70 -29.41
C TYR F 139 32.19 -2.45 -28.16
N TRP F 140 32.38 -1.84 -26.98
CA TRP F 140 31.84 -2.40 -25.74
C TRP F 140 30.36 -2.77 -25.88
N ARG F 141 29.55 -1.81 -26.35
CA ARG F 141 28.11 -2.04 -26.44
C ARG F 141 27.79 -3.24 -27.33
N ASP F 142 28.39 -3.29 -28.51
CA ASP F 142 28.01 -4.29 -29.50
C ASP F 142 28.80 -5.58 -29.39
N GLU F 143 30.10 -5.55 -29.12
CA GLU F 143 30.84 -6.80 -29.20
C GLU F 143 31.03 -7.48 -27.87
N ILE F 144 30.95 -6.75 -26.76
CA ILE F 144 31.22 -7.31 -25.43
C ILE F 144 29.95 -7.38 -24.60
N LEU F 145 29.30 -6.24 -24.36
CA LEU F 145 28.06 -6.18 -23.57
C LEU F 145 26.96 -7.01 -24.22
N ASN F 146 26.56 -6.68 -25.45
CA ASN F 146 25.41 -7.36 -26.03
C ASN F 146 25.62 -8.87 -26.02
N LYS F 147 26.84 -9.33 -26.38
CA LYS F 147 27.09 -10.75 -26.61
C LYS F 147 27.39 -11.52 -25.33
N TYR F 148 28.34 -11.02 -24.51
CA TYR F 148 28.79 -11.78 -23.36
C TYR F 148 28.01 -11.49 -22.07
N PHE F 149 27.50 -10.27 -21.89
CA PHE F 149 26.52 -10.04 -20.82
C PHE F 149 25.22 -10.75 -21.13
N GLY F 150 24.77 -10.67 -22.38
CA GLY F 150 23.65 -11.50 -22.79
C GLY F 150 23.88 -12.96 -22.46
N ALA F 151 25.03 -13.49 -22.83
CA ALA F 151 25.33 -14.89 -22.53
C ALA F 151 25.27 -15.18 -21.03
N LEU F 152 25.68 -14.21 -20.19
CA LEU F 152 25.66 -14.45 -18.74
C LEU F 152 24.25 -14.75 -18.22
N LEU F 153 23.20 -14.36 -18.96
CA LEU F 153 21.85 -14.61 -18.45
C LEU F 153 21.60 -16.10 -18.28
N TYR F 154 22.29 -16.93 -19.07
CA TYR F 154 22.10 -18.38 -18.98
C TYR F 154 22.67 -18.93 -17.68
N SER F 155 23.71 -18.28 -17.15
CA SER F 155 24.24 -18.69 -15.86
C SER F 155 23.25 -18.40 -14.76
N GLU F 156 22.69 -17.17 -14.76
CA GLU F 156 21.65 -16.79 -13.81
C GLU F 156 20.46 -17.74 -13.92
N TYR F 157 20.02 -18.02 -15.16
CA TYR F 157 18.87 -18.89 -15.38
C TYR F 157 19.14 -20.30 -14.87
N GLY F 158 20.33 -20.83 -15.13
CA GLY F 158 20.63 -22.15 -14.61
C GLY F 158 20.65 -22.21 -13.09
N LEU F 159 21.19 -21.18 -12.44
CA LEU F 159 21.19 -21.18 -10.98
C LEU F 159 19.78 -21.06 -10.44
N PHE F 160 18.92 -20.28 -11.15
CA PHE F 160 17.50 -20.24 -10.83
C PHE F 160 16.92 -21.65 -10.80
N ASN F 161 17.04 -22.39 -11.91
CA ASN F 161 16.43 -23.71 -11.97
C ASN F 161 17.06 -24.74 -11.02
N ALA F 162 18.30 -24.50 -10.57
CA ALA F 162 18.87 -25.41 -9.57
C ALA F 162 18.01 -25.46 -8.31
N HIS F 163 17.24 -24.40 -8.04
CA HIS F 163 16.41 -24.38 -6.85
C HIS F 163 15.12 -25.21 -6.96
N SER F 164 14.79 -25.78 -8.12
CA SER F 164 13.51 -26.50 -8.22
C SER F 164 13.45 -27.67 -7.25
N SER F 165 14.47 -28.52 -7.22
CA SER F 165 14.38 -29.64 -6.27
C SER F 165 14.54 -29.17 -4.84
N VAL F 166 15.25 -28.06 -4.65
CA VAL F 166 15.42 -27.51 -3.30
C VAL F 166 14.08 -27.08 -2.73
N GLY F 167 13.26 -26.41 -3.52
CA GLY F 167 11.96 -25.97 -3.05
C GLY F 167 11.08 -27.13 -2.64
N ARG F 168 11.24 -28.27 -3.28
CA ARG F 168 10.48 -29.44 -2.90
C ARG F 168 11.09 -30.16 -1.68
N ASP F 169 12.41 -30.31 -1.64
CA ASP F 169 13.00 -31.27 -0.72
C ASP F 169 13.41 -30.69 0.63
N CYS F 170 13.65 -29.38 0.73
CA CYS F 170 14.32 -28.86 1.93
C CYS F 170 13.40 -28.98 3.14
N LEU F 171 14.00 -28.94 4.35
CA LEU F 171 13.30 -29.50 5.51
C LEU F 171 12.69 -28.49 6.48
N SER F 172 12.71 -27.19 6.19
CA SER F 172 11.98 -26.30 7.07
C SER F 172 11.49 -25.09 6.27
N ASP F 173 10.61 -24.33 6.94
CA ASP F 173 9.85 -23.24 6.33
C ASP F 173 10.74 -22.05 6.03
N THR F 174 11.53 -21.60 7.03
CA THR F 174 12.41 -20.45 6.80
C THR F 174 13.46 -20.77 5.74
N ILE F 175 13.93 -22.02 5.69
CA ILE F 175 14.84 -22.43 4.61
C ILE F 175 14.12 -22.36 3.27
N ARG F 176 12.90 -22.90 3.21
CA ARG F 176 12.17 -22.91 1.95
C ARG F 176 11.95 -21.49 1.42
N GLN F 177 11.65 -20.54 2.32
CA GLN F 177 11.45 -19.15 1.90
C GLN F 177 12.74 -18.55 1.36
N THR F 178 13.84 -18.75 2.09
CA THR F 178 15.15 -18.28 1.61
C THR F 178 15.46 -18.81 0.23
N ALA F 179 15.27 -20.12 0.03
CA ALA F 179 15.60 -20.74 -1.25
C ALA F 179 14.74 -20.20 -2.39
N VAL F 180 13.42 -20.07 -2.15
CA VAL F 180 12.52 -19.64 -3.22
C VAL F 180 12.77 -18.18 -3.56
N PHE F 181 13.03 -17.34 -2.56
CA PHE F 181 13.31 -15.92 -2.88
C PHE F 181 14.64 -15.80 -3.65
N ALA F 182 15.63 -16.60 -3.27
CA ALA F 182 16.89 -16.62 -4.00
C ALA F 182 16.67 -17.02 -5.46
N ALA F 183 15.82 -18.02 -5.68
CA ALA F 183 15.50 -18.49 -7.03
C ALA F 183 14.83 -17.40 -7.86
N LEU F 184 13.86 -16.70 -7.30
CA LEU F 184 13.22 -15.65 -8.09
C LEU F 184 14.21 -14.55 -8.39
N ASP F 185 15.13 -14.27 -7.45
CA ASP F 185 16.11 -13.22 -7.70
C ASP F 185 17.03 -13.60 -8.85
N LYS F 186 17.36 -14.90 -8.97
CA LYS F 186 18.19 -15.34 -10.08
C LYS F 186 17.46 -15.26 -11.41
N VAL F 187 16.18 -15.67 -11.47
CA VAL F 187 15.50 -15.58 -12.77
C VAL F 187 15.19 -14.12 -13.09
N ASP F 188 14.98 -13.28 -12.06
CA ASP F 188 14.91 -11.85 -12.29
C ASP F 188 16.20 -11.34 -12.94
N ASN F 189 17.37 -11.69 -12.38
CA ASN F 189 18.65 -11.29 -13.00
C ASN F 189 18.70 -11.59 -14.49
N ALA F 190 18.32 -12.81 -14.86
CA ALA F 190 18.33 -13.22 -16.26
C ALA F 190 17.36 -12.40 -17.09
N GLN F 191 16.14 -12.20 -16.57
CA GLN F 191 15.15 -11.38 -17.26
C GLN F 191 15.58 -9.91 -17.35
N MET F 192 16.28 -9.41 -16.34
CA MET F 192 16.74 -8.02 -16.37
C MET F 192 17.85 -7.82 -17.40
N ILE F 193 18.77 -8.78 -17.52
CA ILE F 193 19.74 -8.72 -18.61
C ILE F 193 19.02 -8.65 -19.97
N GLN F 194 18.01 -9.50 -20.17
CA GLN F 194 17.30 -9.46 -21.44
C GLN F 194 16.58 -8.13 -21.59
N MET F 195 16.03 -7.59 -20.49
CA MET F 195 15.34 -6.31 -20.56
C MET F 195 16.28 -5.22 -21.03
N GLU F 196 17.54 -5.22 -20.53
CA GLU F 196 18.50 -4.20 -20.93
C GLU F 196 18.80 -4.28 -22.43
N ARG F 197 19.03 -5.50 -22.93
CA ARG F 197 19.29 -5.68 -24.35
C ARG F 197 18.11 -5.24 -25.20
N LEU F 198 16.89 -5.62 -24.79
CA LEU F 198 15.70 -5.19 -25.50
C LEU F 198 15.57 -3.67 -25.49
N PHE F 199 15.96 -3.05 -24.38
CA PHE F 199 15.94 -1.59 -24.29
C PHE F 199 16.97 -0.97 -25.21
N ILE F 200 18.20 -1.47 -25.21
CA ILE F 200 19.20 -0.89 -26.11
C ILE F 200 18.75 -1.00 -27.56
N ALA F 201 18.09 -2.11 -27.90
CA ALA F 201 17.64 -2.32 -29.28
C ALA F 201 16.71 -1.19 -29.73
N LYS F 202 15.89 -0.69 -28.81
CA LYS F 202 15.00 0.41 -29.13
C LYS F 202 15.77 1.68 -29.43
N LEU F 203 17.01 1.77 -28.97
CA LEU F 203 17.78 3.01 -29.03
C LEU F 203 18.81 3.02 -30.14
N VAL F 204 19.28 1.85 -30.58
CA VAL F 204 20.43 1.72 -31.45
C VAL F 204 20.02 0.91 -32.67
N PRO F 205 19.76 1.57 -33.80
CA PRO F 205 19.39 0.82 -35.02
C PRO F 205 20.46 -0.20 -35.37
N GLY F 206 20.02 -1.41 -35.71
CA GLY F 206 20.93 -2.50 -36.01
C GLY F 206 21.42 -3.27 -34.78
N PHE F 207 21.14 -2.81 -33.58
CA PHE F 207 21.46 -3.59 -32.39
C PHE F 207 20.42 -4.68 -32.23
N ASP F 208 20.87 -5.94 -32.20
CA ASP F 208 20.01 -7.10 -32.19
C ASP F 208 19.92 -7.65 -30.77
N ALA F 209 18.72 -7.63 -30.19
CA ALA F 209 18.48 -8.16 -28.84
C ALA F 209 18.03 -9.61 -28.82
N SER F 210 17.99 -10.27 -29.97
CA SER F 210 17.69 -11.69 -29.96
C SER F 210 18.68 -12.43 -29.07
N THR F 211 18.23 -13.52 -28.47
CA THR F 211 19.14 -14.32 -27.64
C THR F 211 19.97 -15.32 -28.45
N ASP F 212 19.86 -15.32 -29.79
CA ASP F 212 20.57 -16.33 -30.59
C ASP F 212 22.08 -16.30 -30.34
N VAL F 213 22.70 -15.11 -30.50
CA VAL F 213 24.14 -14.98 -30.27
C VAL F 213 24.50 -15.26 -28.81
N PRO F 214 23.88 -14.61 -27.80
CA PRO F 214 24.15 -15.02 -26.41
C PRO F 214 24.04 -16.51 -26.16
N LYS F 215 22.97 -17.15 -26.65
CA LYS F 215 22.81 -18.58 -26.41
C LYS F 215 23.93 -19.38 -27.04
N LYS F 216 24.34 -19.01 -28.25
CA LYS F 216 25.42 -19.72 -28.92
C LYS F 216 26.73 -19.55 -28.15
N ILE F 217 26.95 -18.38 -27.57
CA ILE F 217 28.18 -18.14 -26.82
C ILE F 217 28.17 -18.92 -25.52
N TRP F 218 27.02 -18.94 -24.81
CA TRP F 218 26.94 -19.69 -23.57
C TRP F 218 27.23 -21.16 -23.79
N THR F 219 26.71 -21.71 -24.91
CA THR F 219 26.72 -23.15 -25.13
C THR F 219 27.97 -23.65 -25.85
N THR F 220 28.72 -22.78 -26.52
CA THR F 220 29.85 -23.21 -27.35
C THR F 220 31.11 -22.37 -27.20
N ASP F 221 31.05 -21.13 -26.72
CA ASP F 221 32.25 -20.30 -26.65
C ASP F 221 33.12 -20.78 -25.49
N PRO F 222 34.42 -21.04 -25.70
CA PRO F 222 35.28 -21.53 -24.58
C PRO F 222 35.22 -20.62 -23.36
N ILE F 223 34.94 -19.33 -23.56
CA ILE F 223 34.95 -18.36 -22.48
C ILE F 223 33.98 -18.75 -21.37
N TYR F 224 32.82 -19.32 -21.73
CA TYR F 224 31.84 -19.79 -20.76
C TYR F 224 31.81 -21.30 -20.58
N SER F 225 32.81 -22.01 -21.12
CA SER F 225 32.77 -23.47 -21.09
C SER F 225 32.77 -23.99 -19.65
N GLY F 226 33.69 -23.49 -18.83
CA GLY F 226 33.76 -23.96 -17.45
C GLY F 226 32.56 -23.52 -16.63
N ALA F 227 32.08 -22.29 -16.86
CA ALA F 227 30.91 -21.82 -16.12
C ALA F 227 29.69 -22.69 -16.40
N ARG F 228 29.45 -23.00 -17.68
CA ARG F 228 28.28 -23.80 -18.05
C ARG F 228 28.38 -25.20 -17.49
N ALA F 229 29.57 -25.79 -17.53
CA ALA F 229 29.74 -27.10 -16.94
C ALA F 229 29.37 -27.06 -15.46
N THR F 230 29.79 -26.02 -14.74
CA THR F 230 29.52 -25.98 -13.29
C THR F 230 28.02 -25.83 -13.03
N VAL F 231 27.38 -24.88 -13.72
CA VAL F 231 25.95 -24.66 -13.54
C VAL F 231 25.16 -25.94 -13.83
N GLN F 232 25.48 -26.61 -14.95
CA GLN F 232 24.79 -27.86 -15.29
C GLN F 232 24.90 -28.88 -14.15
N GLU F 233 26.07 -28.96 -13.51
CA GLU F 233 26.25 -29.95 -12.47
C GLU F 233 25.47 -29.58 -11.21
N ILE F 234 25.54 -28.31 -10.79
CA ILE F 234 24.84 -27.86 -9.59
C ILE F 234 23.33 -27.96 -9.79
N TRP F 235 22.85 -27.64 -10.99
CA TRP F 235 21.42 -27.65 -11.27
C TRP F 235 20.90 -29.08 -11.37
N GLN F 236 21.49 -29.88 -12.25
CA GLN F 236 20.92 -31.19 -12.59
C GLN F 236 21.77 -32.39 -12.21
N GLY F 237 22.98 -32.20 -11.68
CA GLY F 237 23.78 -33.37 -11.37
C GLY F 237 23.63 -33.95 -9.97
N VAL F 238 22.99 -33.20 -9.07
CA VAL F 238 22.90 -33.57 -7.66
C VAL F 238 21.51 -33.22 -7.16
N GLN F 239 21.15 -33.77 -6.01
CA GLN F 239 19.88 -33.48 -5.39
C GLN F 239 19.98 -33.14 -3.91
N ASP F 240 21.12 -33.35 -3.26
CA ASP F 240 21.28 -32.89 -1.88
C ASP F 240 20.97 -31.40 -1.87
N TRP F 241 19.90 -31.00 -1.16
CA TRP F 241 19.44 -29.62 -1.31
C TRP F 241 20.39 -28.64 -0.62
N ASN F 242 21.12 -29.10 0.41
CA ASN F 242 22.15 -28.23 0.99
C ASN F 242 23.36 -28.10 0.08
N GLU F 243 23.76 -29.19 -0.59
CA GLU F 243 24.84 -29.07 -1.58
C GLU F 243 24.46 -28.10 -2.72
N ILE F 244 23.21 -28.13 -3.20
CA ILE F 244 22.83 -27.18 -4.25
C ILE F 244 22.97 -25.75 -3.77
N LEU F 245 22.43 -25.45 -2.58
CA LEU F 245 22.49 -24.07 -2.09
C LEU F 245 23.91 -23.62 -1.81
N TRP F 246 24.72 -24.51 -1.21
CA TRP F 246 26.11 -24.16 -0.89
C TRP F 246 26.93 -23.98 -2.16
N ALA F 247 26.92 -24.98 -3.04
CA ALA F 247 27.71 -24.86 -4.28
C ALA F 247 27.22 -23.70 -5.13
N GLY F 248 25.91 -23.53 -5.23
CA GLY F 248 25.35 -22.51 -6.09
C GLY F 248 25.70 -21.10 -5.63
N HIS F 249 25.34 -20.76 -4.39
CA HIS F 249 25.46 -19.39 -3.89
C HIS F 249 26.78 -19.12 -3.20
N ALA F 250 27.24 -20.05 -2.38
CA ALA F 250 28.41 -19.79 -1.54
C ALA F 250 29.74 -20.04 -2.23
N VAL F 251 29.74 -20.77 -3.35
CA VAL F 251 31.01 -21.05 -4.04
C VAL F 251 30.96 -20.51 -5.47
N TYR F 252 30.12 -21.11 -6.31
CA TYR F 252 30.12 -20.71 -7.72
C TYR F 252 29.72 -19.25 -7.89
N ASP F 253 28.56 -18.87 -7.34
CA ASP F 253 28.09 -17.50 -7.59
C ASP F 253 28.93 -16.48 -6.85
N ALA F 254 29.50 -16.87 -5.71
CA ALA F 254 30.28 -15.94 -4.92
C ALA F 254 31.68 -15.69 -5.49
N THR F 255 32.11 -16.52 -6.44
CA THR F 255 33.41 -16.34 -7.08
C THR F 255 33.18 -16.05 -8.57
N PHE F 256 32.79 -17.03 -9.37
CA PHE F 256 32.56 -16.76 -10.79
C PHE F 256 31.48 -15.70 -10.98
N GLY F 257 30.34 -15.86 -10.30
CA GLY F 257 29.23 -14.93 -10.52
C GLY F 257 29.60 -13.50 -10.18
N GLN F 258 30.20 -13.30 -9.00
CA GLN F 258 30.62 -11.97 -8.55
C GLN F 258 31.68 -11.40 -9.46
N PHE F 259 32.59 -12.23 -9.96
CA PHE F 259 33.60 -11.73 -10.90
C PHE F 259 32.93 -11.22 -12.18
N ALA F 260 32.10 -12.07 -12.79
CA ALA F 260 31.51 -11.70 -14.07
C ALA F 260 30.60 -10.48 -13.91
N ARG F 261 29.69 -10.52 -12.92
CA ARG F 261 28.74 -9.40 -12.78
C ARG F 261 29.43 -8.13 -12.33
N ARG F 262 30.23 -8.21 -11.26
CA ARG F 262 30.72 -7.01 -10.61
C ARG F 262 32.10 -6.59 -11.11
N GLU F 263 33.06 -7.52 -11.23
CA GLU F 263 34.40 -7.12 -11.67
C GLU F 263 34.46 -6.96 -13.19
N PHE F 264 33.66 -7.70 -13.95
CA PHE F 264 33.69 -7.52 -15.40
C PHE F 264 32.63 -6.52 -15.87
N PHE F 265 31.35 -6.89 -15.86
CA PHE F 265 30.39 -6.05 -16.58
C PHE F 265 30.12 -4.74 -15.86
N GLN F 266 29.92 -4.77 -14.54
CA GLN F 266 29.68 -3.51 -13.82
C GLN F 266 30.92 -2.62 -13.83
N ARG F 267 32.08 -3.17 -13.44
CA ARG F 267 33.30 -2.35 -13.36
C ARG F 267 33.65 -1.77 -14.74
N LEU F 268 33.73 -2.64 -15.76
CA LEU F 268 34.15 -2.14 -17.06
C LEU F 268 33.12 -1.22 -17.70
N ALA F 269 31.83 -1.33 -17.35
CA ALA F 269 30.89 -0.33 -17.84
C ALA F 269 31.37 1.08 -17.48
N THR F 270 31.96 1.24 -16.27
CA THR F 270 32.39 2.57 -15.81
C THR F 270 33.81 2.89 -16.27
N VAL F 271 34.34 2.09 -17.18
CA VAL F 271 35.56 2.41 -17.90
C VAL F 271 35.31 2.64 -19.39
N TYR F 272 34.20 2.15 -19.95
CA TYR F 272 33.87 2.31 -21.36
C TYR F 272 32.68 3.25 -21.61
N GLY F 273 32.34 4.11 -20.66
CA GLY F 273 31.31 5.10 -20.92
C GLY F 273 29.88 4.59 -20.89
N ASP F 274 29.63 3.45 -20.24
CA ASP F 274 28.33 2.78 -20.25
C ASP F 274 27.55 3.27 -19.02
N THR F 275 26.66 4.24 -19.25
CA THR F 275 25.79 4.80 -18.22
C THR F 275 24.51 4.00 -18.02
N LEU F 276 24.33 2.90 -18.73
CA LEU F 276 23.12 2.10 -18.60
C LEU F 276 23.31 0.84 -17.77
N THR F 277 24.34 0.05 -18.06
CA THR F 277 24.49 -1.24 -17.39
C THR F 277 24.56 -1.15 -15.86
N PRO F 278 25.20 -0.14 -15.25
CA PRO F 278 25.21 -0.05 -13.78
C PRO F 278 23.82 -0.01 -13.14
N PHE F 279 22.81 0.50 -13.83
CA PHE F 279 21.47 0.49 -13.25
C PHE F 279 20.98 -0.93 -13.08
N PHE F 280 21.32 -1.78 -14.05
CA PHE F 280 20.91 -3.18 -13.96
C PHE F 280 21.78 -3.97 -12.99
N THR F 281 23.11 -3.79 -13.03
CA THR F 281 23.92 -4.55 -12.08
C THR F 281 23.66 -4.10 -10.64
N ALA F 282 23.19 -2.85 -10.44
CA ALA F 282 22.84 -2.42 -9.09
C ALA F 282 21.82 -3.37 -8.47
N GLN F 283 20.90 -3.88 -9.28
CA GLN F 283 19.90 -4.80 -8.79
C GLN F 283 20.50 -6.18 -8.51
N SER F 284 21.23 -6.75 -9.47
CA SER F 284 21.73 -8.12 -9.23
C SER F 284 22.71 -8.18 -8.05
N GLN F 285 23.48 -7.11 -7.83
CA GLN F 285 24.41 -7.07 -6.70
C GLN F 285 23.68 -6.86 -5.39
N THR F 286 22.64 -6.00 -5.38
CA THR F 286 21.80 -5.90 -4.20
C THR F 286 21.20 -7.26 -3.90
N TYR F 287 20.71 -7.95 -4.94
CA TYR F 287 20.09 -9.27 -4.69
C TYR F 287 21.11 -10.28 -4.17
N PHE F 288 22.34 -10.24 -4.71
CA PHE F 288 23.39 -11.14 -4.24
C PHE F 288 23.65 -10.93 -2.76
N GLN F 289 23.73 -9.67 -2.32
CA GLN F 289 24.05 -9.46 -0.90
C GLN F 289 22.90 -9.85 0.00
N THR F 290 21.65 -9.65 -0.44
CA THR F 290 20.53 -10.11 0.39
C THR F 290 20.53 -11.63 0.47
N THR F 291 20.71 -12.29 -0.66
CA THR F 291 20.77 -13.75 -0.66
C THR F 291 21.90 -14.25 0.24
N ARG F 292 23.05 -13.58 0.16
CA ARG F 292 24.21 -14.00 0.93
C ARG F 292 23.92 -13.96 2.43
N GLY F 293 23.20 -12.94 2.90
CA GLY F 293 22.90 -12.88 4.32
C GLY F 293 22.13 -14.10 4.80
N ALA F 294 21.17 -14.56 3.99
CA ALA F 294 20.39 -15.75 4.38
C ALA F 294 21.21 -17.04 4.23
N ILE F 295 21.91 -17.20 3.09
CA ILE F 295 22.78 -18.35 2.89
C ILE F 295 23.83 -18.43 3.99
N ASP F 296 24.41 -17.30 4.36
CA ASP F 296 25.39 -17.25 5.45
C ASP F 296 24.80 -17.81 6.75
N ASP F 297 23.57 -17.39 7.10
CA ASP F 297 22.97 -17.85 8.34
C ASP F 297 22.75 -19.35 8.34
N LEU F 298 22.21 -19.87 7.23
CA LEU F 298 21.95 -21.31 7.16
C LEU F 298 23.23 -22.12 7.30
N PHE F 299 24.26 -21.78 6.54
CA PHE F 299 25.44 -22.65 6.52
C PHE F 299 26.45 -22.34 7.60
N VAL F 300 26.55 -21.08 8.07
CA VAL F 300 27.55 -20.75 9.09
C VAL F 300 26.93 -20.83 10.48
N TYR F 301 25.94 -19.98 10.75
CA TYR F 301 25.35 -19.97 12.09
C TYR F 301 24.68 -21.31 12.40
N CYS F 302 23.83 -21.82 11.49
CA CYS F 302 23.08 -23.03 11.83
C CYS F 302 23.88 -24.33 11.60
N LEU F 303 24.50 -24.49 10.43
CA LEU F 303 25.00 -25.84 10.13
C LEU F 303 26.47 -26.04 10.53
N ALA F 304 27.36 -25.10 10.18
CA ALA F 304 28.76 -25.30 10.52
C ALA F 304 29.04 -25.15 12.01
N ASN F 305 28.09 -24.63 12.78
CA ASN F 305 28.23 -24.46 14.21
C ASN F 305 27.10 -25.12 14.98
N ASP F 306 26.32 -25.98 14.33
CA ASP F 306 25.33 -26.80 15.05
C ASP F 306 26.01 -27.52 16.22
N SER F 307 25.40 -27.45 17.41
CA SER F 307 26.15 -27.85 18.60
C SER F 307 26.58 -29.32 18.56
N GLU F 308 25.81 -30.15 17.87
CA GLU F 308 26.14 -31.57 17.79
C GLU F 308 26.76 -31.96 16.45
N PHE F 309 26.42 -31.28 15.35
CA PHE F 309 26.85 -31.74 14.03
C PHE F 309 27.76 -30.76 13.30
N GLY F 310 28.22 -29.71 13.96
CA GLY F 310 29.02 -28.70 13.27
C GLY F 310 30.25 -29.26 12.58
N ALA F 311 31.11 -30.00 13.28
CA ALA F 311 32.28 -30.55 12.60
C ALA F 311 31.87 -31.57 11.54
N HIS F 312 30.85 -32.38 11.82
CA HIS F 312 30.31 -33.31 10.83
C HIS F 312 29.89 -32.57 9.57
N ASN F 313 29.16 -31.47 9.73
CA ASN F 313 28.75 -30.69 8.56
C ASN F 313 29.94 -30.03 7.87
N ARG F 314 30.92 -29.53 8.63
CA ARG F 314 32.08 -28.96 7.95
C ARG F 314 32.82 -30.00 7.13
N THR F 315 32.82 -31.27 7.57
CA THR F 315 33.45 -32.30 6.74
C THR F 315 32.83 -32.34 5.33
N PHE F 316 31.50 -32.29 5.24
CA PHE F 316 30.89 -32.28 3.91
C PHE F 316 31.09 -30.93 3.22
N LEU F 317 30.91 -29.81 3.96
CA LEU F 317 31.05 -28.50 3.34
C LEU F 317 32.47 -28.30 2.80
N ASN F 318 33.47 -28.84 3.49
N ASN F 318 33.48 -28.84 3.50
CA ASN F 318 34.84 -28.76 3.02
CA ASN F 318 34.86 -28.75 3.02
C ASN F 318 35.02 -29.54 1.73
C ASN F 318 35.03 -29.54 1.74
N ALA F 319 34.49 -30.76 1.70
CA ALA F 319 34.58 -31.59 0.50
C ALA F 319 33.84 -30.96 -0.67
N TRP F 320 32.65 -30.43 -0.43
CA TRP F 320 31.95 -29.71 -1.50
C TRP F 320 32.74 -28.50 -1.95
N THR F 321 33.29 -27.73 -1.00
CA THR F 321 34.00 -26.52 -1.38
C THR F 321 35.21 -26.84 -2.25
N GLU F 322 35.97 -27.84 -1.85
CA GLU F 322 37.13 -28.23 -2.64
C GLU F 322 36.73 -28.55 -4.08
N HIS F 323 35.65 -29.29 -4.25
CA HIS F 323 35.22 -29.67 -5.58
C HIS F 323 34.68 -28.47 -6.37
N TYR F 324 33.74 -27.71 -5.80
CA TYR F 324 33.16 -26.64 -6.59
C TYR F 324 34.05 -25.42 -6.70
N LEU F 325 35.00 -25.23 -5.76
CA LEU F 325 36.00 -24.19 -5.96
C LEU F 325 36.88 -24.52 -7.16
N ALA F 326 37.32 -25.78 -7.28
CA ALA F 326 38.06 -26.18 -8.48
C ALA F 326 37.22 -25.96 -9.73
N SER F 327 35.92 -26.26 -9.68
CA SER F 327 35.07 -26.00 -10.86
C SER F 327 35.02 -24.51 -11.18
N SER F 328 34.98 -23.66 -10.16
CA SER F 328 34.82 -22.23 -10.38
C SER F 328 36.12 -21.58 -10.86
N VAL F 329 37.25 -22.03 -10.29
CA VAL F 329 38.57 -21.57 -10.75
C VAL F 329 38.76 -21.89 -12.23
N ALA F 330 38.36 -23.09 -12.65
CA ALA F 330 38.36 -23.44 -14.08
C ALA F 330 37.41 -22.53 -14.87
N ALA F 331 36.21 -22.29 -14.34
CA ALA F 331 35.29 -21.36 -14.99
C ALA F 331 35.91 -19.98 -15.14
N LEU F 332 36.62 -19.51 -14.11
CA LEU F 332 37.25 -18.18 -14.17
C LEU F 332 38.44 -18.19 -15.13
N LYS F 333 39.25 -19.25 -15.09
CA LYS F 333 40.34 -19.38 -16.06
C LYS F 333 39.81 -19.27 -17.49
N ASP F 334 38.70 -19.96 -17.80
CA ASP F 334 38.08 -19.79 -19.13
C ASP F 334 37.65 -18.35 -19.34
N PHE F 335 36.98 -17.79 -18.34
CA PHE F 335 36.29 -16.51 -18.54
C PHE F 335 37.27 -15.37 -18.83
N VAL F 336 38.44 -15.37 -18.19
CA VAL F 336 39.35 -14.23 -18.33
C VAL F 336 39.95 -14.15 -19.72
N GLY F 337 39.77 -15.19 -20.54
CA GLY F 337 40.02 -15.07 -21.96
C GLY F 337 39.21 -13.99 -22.64
N LEU F 338 38.10 -13.55 -22.05
CA LEU F 338 37.34 -12.47 -22.65
C LEU F 338 38.14 -11.17 -22.67
N TYR F 339 39.06 -11.00 -21.73
CA TYR F 339 39.86 -9.79 -21.70
C TYR F 339 40.69 -9.62 -22.97
N ALA F 340 40.97 -10.73 -23.69
CA ALA F 340 41.69 -10.63 -24.94
C ALA F 340 40.91 -9.85 -26.01
N LYS F 341 39.60 -9.66 -25.83
CA LYS F 341 38.76 -8.99 -26.81
C LYS F 341 38.40 -7.57 -26.44
N VAL F 342 38.82 -7.07 -25.28
CA VAL F 342 38.40 -5.74 -24.87
C VAL F 342 39.52 -4.75 -25.13
N GLU F 343 39.13 -3.49 -25.26
CA GLU F 343 40.09 -2.41 -25.39
C GLU F 343 40.87 -2.28 -24.08
N LYS F 344 42.18 -2.11 -24.20
CA LYS F 344 43.01 -2.14 -23.01
C LYS F 344 42.86 -0.85 -22.23
N VAL F 345 42.77 -0.99 -20.91
CA VAL F 345 42.67 0.15 -20.00
C VAL F 345 43.55 -0.17 -18.79
N ALA F 346 44.60 0.64 -18.60
CA ALA F 346 45.57 0.36 -17.55
C ALA F 346 44.88 0.33 -16.21
N GLY F 347 45.21 -0.69 -15.42
CA GLY F 347 44.64 -0.84 -14.11
C GLY F 347 43.28 -1.50 -14.09
N ALA F 348 42.68 -1.73 -15.24
CA ALA F 348 41.39 -2.42 -15.32
C ALA F 348 41.49 -3.71 -16.11
N THR F 349 42.05 -3.67 -17.34
CA THR F 349 42.06 -4.80 -18.24
C THR F 349 43.46 -5.35 -18.50
N ASP F 350 44.50 -4.71 -17.98
CA ASP F 350 45.84 -5.25 -18.07
C ASP F 350 45.99 -6.38 -17.06
N ARG F 351 47.17 -7.00 -17.03
CA ARG F 351 47.35 -8.13 -16.14
C ARG F 351 47.27 -7.70 -14.68
N ALA F 352 47.82 -6.53 -14.37
CA ALA F 352 47.71 -6.01 -13.00
C ALA F 352 46.25 -5.73 -12.64
N GLY F 353 45.45 -5.26 -13.60
CA GLY F 353 44.05 -4.98 -13.33
C GLY F 353 43.25 -6.23 -13.03
N VAL F 354 43.44 -7.27 -13.83
CA VAL F 354 42.70 -8.52 -13.64
C VAL F 354 43.17 -9.23 -12.36
N SER F 355 44.46 -9.16 -12.07
CA SER F 355 44.97 -9.78 -10.85
C SER F 355 44.34 -9.14 -9.60
N GLU F 356 44.25 -7.81 -9.56
CA GLU F 356 43.63 -7.17 -8.40
C GLU F 356 42.15 -7.52 -8.33
N ALA F 357 41.45 -7.59 -9.47
CA ALA F 357 40.06 -8.05 -9.45
C ALA F 357 39.94 -9.47 -8.88
N LEU F 358 40.84 -10.37 -9.27
CA LEU F 358 40.78 -11.73 -8.73
C LEU F 358 41.17 -11.76 -7.25
N GLN F 359 42.06 -10.87 -6.84
CA GLN F 359 42.41 -10.78 -5.43
C GLN F 359 41.20 -10.34 -4.60
N ARG F 360 40.40 -9.39 -5.11
CA ARG F 360 39.19 -9.00 -4.39
C ARG F 360 38.21 -10.16 -4.30
N VAL F 361 37.96 -10.85 -5.41
CA VAL F 361 36.95 -11.91 -5.41
C VAL F 361 37.37 -13.06 -4.49
N PHE F 362 38.59 -13.57 -4.67
CA PHE F 362 39.03 -14.72 -3.88
C PHE F 362 39.33 -14.31 -2.45
N GLY F 363 39.90 -13.13 -2.25
CA GLY F 363 40.09 -12.62 -0.89
C GLY F 363 38.81 -12.32 -0.15
N ASP F 364 37.83 -11.65 -0.80
CA ASP F 364 36.52 -11.48 -0.17
C ASP F 364 35.89 -12.84 0.15
N TRP F 365 35.98 -13.78 -0.79
CA TRP F 365 35.35 -15.07 -0.58
C TRP F 365 35.99 -15.78 0.60
N LYS F 366 37.31 -15.65 0.77
CA LYS F 366 37.98 -16.30 1.90
C LYS F 366 37.42 -15.80 3.22
N ILE F 367 37.22 -14.48 3.33
CA ILE F 367 36.64 -13.91 4.54
C ILE F 367 35.17 -14.30 4.67
N ASP F 368 34.40 -14.21 3.57
CA ASP F 368 32.95 -14.33 3.71
C ASP F 368 32.48 -15.76 3.89
N TYR F 369 33.21 -16.75 3.35
CA TYR F 369 32.79 -18.14 3.44
C TYR F 369 33.89 -19.10 3.93
N ALA F 370 35.05 -19.10 3.28
CA ALA F 370 36.06 -20.12 3.61
C ALA F 370 36.46 -20.07 5.09
N ASP F 371 36.83 -18.88 5.60
CA ASP F 371 37.26 -18.77 6.99
C ASP F 371 36.19 -19.25 7.98
N LYS F 372 34.91 -19.14 7.60
CA LYS F 372 33.83 -19.43 8.53
C LYS F 372 33.53 -20.92 8.68
N ILE F 373 33.98 -21.74 7.73
CA ILE F 373 33.80 -23.19 7.79
C ILE F 373 35.14 -23.91 7.94
N GLY F 374 36.25 -23.19 8.11
CA GLY F 374 37.55 -23.81 8.28
C GLY F 374 38.17 -24.35 7.01
N PHE F 375 37.81 -23.81 5.86
CA PHE F 375 38.34 -24.26 4.58
C PHE F 375 39.62 -23.49 4.29
N ARG F 376 40.76 -24.18 4.23
CA ARG F 376 42.00 -23.49 3.93
C ARG F 376 42.07 -23.17 2.44
N VAL F 377 42.48 -21.95 2.12
CA VAL F 377 42.62 -21.55 0.73
C VAL F 377 43.78 -20.56 0.68
N ASP F 378 44.66 -20.76 -0.28
CA ASP F 378 45.74 -19.82 -0.61
C ASP F 378 45.23 -18.90 -1.71
N VAL F 379 44.97 -17.64 -1.37
CA VAL F 379 44.37 -16.71 -2.34
C VAL F 379 45.29 -16.51 -3.55
N ASP F 380 46.58 -16.26 -3.29
CA ASP F 380 47.52 -16.06 -4.39
C ASP F 380 47.56 -17.25 -5.33
N GLN F 381 47.51 -18.47 -4.79
CA GLN F 381 47.48 -19.65 -5.66
C GLN F 381 46.27 -19.66 -6.59
N LYS F 382 45.07 -19.32 -6.06
CA LYS F 382 43.90 -19.35 -6.93
C LYS F 382 43.95 -18.21 -7.94
N VAL F 383 44.47 -17.05 -7.52
CA VAL F 383 44.64 -15.96 -8.47
C VAL F 383 45.55 -16.38 -9.61
N ASP F 384 46.71 -16.97 -9.28
CA ASP F 384 47.64 -17.38 -10.32
C ASP F 384 47.06 -18.48 -11.20
N ALA F 385 46.30 -19.42 -10.61
CA ALA F 385 45.65 -20.44 -11.43
C ALA F 385 44.75 -19.80 -12.49
N VAL F 386 43.99 -18.75 -12.13
CA VAL F 386 43.12 -18.11 -13.11
C VAL F 386 43.93 -17.31 -14.12
N LEU F 387 44.96 -16.61 -13.64
CA LEU F 387 45.76 -15.79 -14.54
C LEU F 387 46.47 -16.62 -15.60
N ALA F 388 46.56 -17.95 -15.42
CA ALA F 388 47.13 -18.77 -16.49
C ALA F 388 46.26 -18.77 -17.72
N GLY F 389 44.96 -18.47 -17.58
CA GLY F 389 44.14 -18.25 -18.75
C GLY F 389 44.14 -16.84 -19.29
N TYR F 390 44.84 -15.89 -18.66
CA TYR F 390 44.85 -14.52 -19.13
C TYR F 390 45.91 -14.36 -20.22
N LYS F 391 45.51 -13.91 -21.40
CA LYS F 391 46.41 -13.76 -22.53
C LYS F 391 46.98 -12.35 -22.56
N ASN F 392 48.25 -12.19 -22.21
CA ASN F 392 48.93 -10.90 -22.36
C ASN F 392 49.93 -10.95 -23.50
N ALA G 1 -2.54 -52.64 25.91
CA ALA G 1 -1.24 -52.15 26.32
C ALA G 1 -1.38 -50.67 26.69
N LYS G 2 -0.41 -50.13 27.41
CA LYS G 2 -0.39 -48.70 27.72
C LYS G 2 0.87 -48.10 27.11
N ARG G 3 0.71 -47.28 26.09
CA ARG G 3 1.85 -46.57 25.54
C ARG G 3 2.40 -45.58 26.57
N GLU G 4 3.72 -45.42 26.53
CA GLU G 4 4.37 -44.36 27.29
C GLU G 4 4.21 -43.02 26.55
N PRO G 5 4.64 -41.88 27.17
CA PRO G 5 4.55 -40.58 26.47
C PRO G 5 5.20 -40.60 25.10
N ILE G 6 4.79 -39.69 24.20
CA ILE G 6 5.15 -39.77 22.79
C ILE G 6 6.65 -39.59 22.59
N HIS G 7 7.23 -38.54 23.19
CA HIS G 7 8.54 -38.05 22.76
C HIS G 7 9.65 -38.35 23.75
N ASP G 8 9.32 -38.96 24.88
CA ASP G 8 10.33 -39.28 25.90
C ASP G 8 9.82 -40.53 26.57
N ASN G 9 10.50 -41.66 26.38
CA ASN G 9 9.96 -42.90 26.93
C ASN G 9 11.07 -43.95 27.06
N SER G 10 10.72 -45.05 27.70
CA SER G 10 11.77 -45.99 28.07
C SER G 10 12.34 -46.70 26.84
N ILE G 11 11.51 -46.92 25.83
CA ILE G 11 11.99 -47.58 24.62
C ILE G 11 13.01 -46.72 23.89
N ARG G 12 12.69 -45.44 23.67
CA ARG G 12 13.65 -44.56 23.00
C ARG G 12 14.93 -44.42 23.80
N THR G 13 14.81 -44.30 25.13
CA THR G 13 15.98 -44.16 25.98
C THR G 13 16.85 -45.41 25.91
N GLU G 14 16.20 -46.59 25.89
CA GLU G 14 16.97 -47.83 25.83
C GLU G 14 17.70 -47.95 24.51
N TRP G 15 17.03 -47.60 23.41
CA TRP G 15 17.71 -47.68 22.12
C TRP G 15 18.81 -46.64 21.97
N GLU G 16 18.64 -45.44 22.54
CA GLU G 16 19.75 -44.49 22.52
C GLU G 16 20.98 -45.06 23.22
N ALA G 17 20.77 -45.73 24.35
CA ALA G 17 21.87 -46.40 25.05
C ALA G 17 22.57 -47.42 24.15
N LYS G 18 21.80 -48.23 23.40
CA LYS G 18 22.42 -49.14 22.45
C LYS G 18 23.22 -48.38 21.40
N ILE G 19 22.65 -47.30 20.88
CA ILE G 19 23.31 -46.56 19.82
C ILE G 19 24.63 -45.99 20.29
N ALA G 20 24.68 -45.58 21.56
CA ALA G 20 25.90 -44.97 22.10
C ALA G 20 27.09 -45.93 22.11
N LYS G 21 26.86 -47.23 22.00
CA LYS G 21 27.96 -48.18 22.04
C LYS G 21 28.56 -48.44 20.66
N LEU G 22 28.00 -47.89 19.59
CA LEU G 22 28.57 -48.08 18.26
C LEU G 22 29.82 -47.24 18.10
N THR G 23 30.93 -47.88 17.71
CA THR G 23 32.18 -47.17 17.63
C THR G 23 32.85 -47.23 16.26
N SER G 24 32.29 -47.93 15.29
CA SER G 24 32.92 -48.01 13.98
C SER G 24 31.86 -47.96 12.89
N VAL G 25 32.29 -47.58 11.68
CA VAL G 25 31.39 -47.54 10.53
C VAL G 25 30.81 -48.93 10.26
N ASP G 26 31.65 -49.97 10.32
CA ASP G 26 31.17 -51.32 10.02
C ASP G 26 30.10 -51.73 11.01
N GLN G 27 30.38 -51.53 12.30
CA GLN G 27 29.41 -51.85 13.33
C GLN G 27 28.12 -51.06 13.15
N ALA G 28 28.22 -49.76 12.90
CA ALA G 28 27.01 -48.96 12.76
C ALA G 28 26.23 -49.34 11.51
N THR G 29 26.93 -49.74 10.44
CA THR G 29 26.21 -50.12 9.21
C THR G 29 25.44 -51.42 9.40
N LYS G 30 26.06 -52.39 10.05
CA LYS G 30 25.35 -53.62 10.39
C LYS G 30 24.17 -53.33 11.31
N PHE G 31 24.38 -52.49 12.34
CA PHE G 31 23.29 -52.12 13.24
C PHE G 31 22.12 -51.47 12.46
N ILE G 32 22.42 -50.55 11.53
CA ILE G 32 21.31 -49.81 10.92
C ILE G 32 20.62 -50.67 9.85
N GLN G 33 21.36 -51.54 9.15
CA GLN G 33 20.71 -52.42 8.18
C GLN G 33 19.83 -53.45 8.88
N ASP G 34 20.32 -54.04 9.98
CA ASP G 34 19.49 -54.94 10.77
C ASP G 34 18.26 -54.23 11.33
N PHE G 35 18.45 -53.00 11.84
CA PHE G 35 17.31 -52.24 12.37
C PHE G 35 16.25 -52.02 11.30
N ARG G 36 16.65 -51.59 10.10
CA ARG G 36 15.66 -51.29 9.08
C ARG G 36 14.99 -52.54 8.57
N LEU G 37 15.72 -53.66 8.51
CA LEU G 37 15.10 -54.92 8.10
C LEU G 37 14.13 -55.39 9.17
N ALA G 38 14.46 -55.15 10.43
CA ALA G 38 13.63 -55.67 11.51
C ALA G 38 12.40 -54.83 11.76
N TYR G 39 12.48 -53.50 11.56
CA TYR G 39 11.45 -52.65 12.12
C TYR G 39 10.78 -51.67 11.19
N THR G 40 11.13 -51.63 9.90
CA THR G 40 10.56 -50.67 8.96
C THR G 40 9.98 -51.39 7.75
N SER G 41 8.96 -50.74 7.10
CA SER G 41 8.22 -51.17 5.91
C SER G 41 7.15 -52.18 6.28
N PRO G 42 6.19 -52.43 5.37
CA PRO G 42 5.16 -53.46 5.64
C PRO G 42 5.74 -54.87 5.80
N PHE G 43 6.97 -55.10 5.35
CA PHE G 43 7.61 -56.41 5.47
C PHE G 43 8.59 -56.45 6.61
N ARG G 44 8.47 -55.52 7.55
CA ARG G 44 9.28 -55.56 8.75
C ARG G 44 9.03 -56.84 9.53
N LYS G 45 10.00 -57.22 10.36
CA LYS G 45 9.85 -58.43 11.18
C LYS G 45 9.11 -58.17 12.48
N SER G 46 9.02 -56.92 12.92
CA SER G 46 8.41 -56.66 14.22
C SER G 46 7.81 -55.27 14.29
N TYR G 47 6.59 -55.18 14.83
CA TYR G 47 5.93 -53.94 15.16
C TYR G 47 6.08 -53.59 16.63
N ASP G 48 7.00 -54.27 17.33
CA ASP G 48 7.11 -54.09 18.78
C ASP G 48 7.53 -52.68 19.16
N ILE G 49 8.12 -51.93 18.24
CA ILE G 49 8.52 -50.56 18.56
C ILE G 49 7.92 -49.60 17.54
N ASP G 50 6.68 -49.89 17.08
CA ASP G 50 6.12 -49.17 15.94
C ASP G 50 6.10 -47.64 16.15
N VAL G 51 5.73 -47.15 17.34
CA VAL G 51 5.56 -45.71 17.52
C VAL G 51 6.87 -45.01 17.88
N ASP G 52 7.98 -45.76 18.00
CA ASP G 52 9.29 -45.22 18.29
C ASP G 52 10.33 -45.45 17.21
N TYR G 53 10.06 -46.30 16.20
CA TYR G 53 11.15 -46.75 15.36
C TYR G 53 11.64 -45.65 14.44
N GLN G 54 10.74 -44.72 14.06
CA GLN G 54 11.19 -43.65 13.19
C GLN G 54 12.16 -42.72 13.90
N TYR G 55 11.86 -42.37 15.15
CA TYR G 55 12.81 -41.52 15.88
C TYR G 55 14.12 -42.28 16.12
N ILE G 56 14.03 -43.54 16.53
CA ILE G 56 15.24 -44.31 16.79
C ILE G 56 16.09 -44.43 15.53
N GLU G 57 15.44 -44.67 14.38
CA GLU G 57 16.17 -44.74 13.12
C GLU G 57 16.97 -43.45 12.87
N ARG G 58 16.32 -42.29 13.01
CA ARG G 58 17.03 -41.02 12.95
C ARG G 58 18.29 -41.02 13.84
N LYS G 59 18.15 -41.46 15.07
CA LYS G 59 19.30 -41.49 15.98
C LYS G 59 20.40 -42.45 15.50
N ILE G 60 20.04 -43.60 14.93
CA ILE G 60 21.09 -44.45 14.33
C ILE G 60 21.78 -43.72 13.18
N GLU G 61 21.00 -43.10 12.29
CA GLU G 61 21.56 -42.36 11.17
C GLU G 61 22.54 -41.31 11.66
N GLU G 62 22.20 -40.60 12.73
CA GLU G 62 23.08 -39.55 13.21
C GLU G 62 24.40 -40.13 13.70
N LYS G 63 24.32 -41.24 14.43
CA LYS G 63 25.53 -41.92 14.91
C LYS G 63 26.39 -42.38 13.74
N LEU G 64 25.80 -43.13 12.81
CA LEU G 64 26.57 -43.61 11.67
C LEU G 64 27.18 -42.46 10.87
N SER G 65 26.41 -41.37 10.64
CA SER G 65 26.93 -40.27 9.84
C SER G 65 28.15 -39.63 10.51
N VAL G 66 28.11 -39.44 11.82
CA VAL G 66 29.26 -38.84 12.50
C VAL G 66 30.46 -39.79 12.46
N LEU G 67 30.22 -41.09 12.61
CA LEU G 67 31.28 -42.08 12.47
C LEU G 67 31.90 -42.05 11.07
N LYS G 68 31.09 -41.87 10.02
CA LYS G 68 31.65 -41.75 8.68
C LYS G 68 32.55 -40.52 8.55
N THR G 69 32.12 -39.38 9.10
CA THR G 69 32.91 -38.17 8.90
C THR G 69 34.17 -38.19 9.76
N GLU G 70 34.14 -38.88 10.89
CA GLU G 70 35.32 -38.96 11.74
C GLU G 70 36.40 -39.87 11.13
N LYS G 71 36.00 -40.96 10.50
N LYS G 71 36.01 -40.94 10.44
CA LYS G 71 36.89 -42.04 10.11
CA LYS G 71 36.94 -42.02 10.12
C LYS G 71 37.21 -42.08 8.62
C LYS G 71 37.11 -42.33 8.63
N LEU G 72 36.22 -41.86 7.75
CA LEU G 72 36.42 -42.30 6.38
C LEU G 72 37.09 -41.23 5.54
N PRO G 73 37.86 -41.62 4.54
CA PRO G 73 38.40 -40.62 3.61
C PRO G 73 37.29 -39.99 2.79
N VAL G 74 37.52 -38.73 2.40
CA VAL G 74 36.51 -37.93 1.71
C VAL G 74 35.98 -38.66 0.50
N ALA G 75 36.88 -39.27 -0.29
CA ALA G 75 36.43 -39.97 -1.48
C ALA G 75 35.38 -41.02 -1.16
N ASP G 76 35.53 -41.74 -0.03
CA ASP G 76 34.55 -42.75 0.32
C ASP G 76 33.18 -42.15 0.61
N LEU G 77 33.15 -40.93 1.17
CA LEU G 77 31.87 -40.29 1.45
C LEU G 77 31.09 -40.04 0.18
N ILE G 78 31.79 -39.84 -0.92
CA ILE G 78 31.17 -39.46 -2.18
C ILE G 78 30.83 -40.67 -3.03
N THR G 79 31.68 -41.70 -3.02
CA THR G 79 31.64 -42.74 -4.05
C THR G 79 31.36 -44.15 -3.53
N LYS G 80 31.28 -44.36 -2.22
CA LYS G 80 31.12 -45.70 -1.68
C LYS G 80 29.95 -45.78 -0.72
N ALA G 81 29.29 -46.94 -0.72
CA ALA G 81 28.41 -47.25 0.38
C ALA G 81 29.22 -47.61 1.62
N THR G 82 28.60 -47.47 2.80
CA THR G 82 29.38 -47.87 3.98
C THR G 82 29.46 -49.40 4.14
N THR G 83 28.85 -50.16 3.24
CA THR G 83 29.15 -51.58 3.10
C THR G 83 30.54 -51.82 2.51
N GLY G 84 31.18 -50.81 1.95
CA GLY G 84 32.36 -50.99 1.13
C GLY G 84 32.07 -51.03 -0.37
N GLU G 85 30.83 -51.26 -0.76
CA GLU G 85 30.52 -51.32 -2.19
C GLU G 85 30.71 -49.98 -2.89
N ASP G 86 31.00 -50.05 -4.18
CA ASP G 86 30.99 -48.86 -5.01
C ASP G 86 29.54 -48.37 -5.17
N ALA G 87 29.33 -47.08 -4.91
CA ALA G 87 27.95 -46.57 -4.92
C ALA G 87 27.34 -46.72 -6.30
N ALA G 88 28.08 -46.35 -7.35
CA ALA G 88 27.57 -46.46 -8.71
C ALA G 88 27.19 -47.88 -9.07
N ALA G 89 28.00 -48.86 -8.63
CA ALA G 89 27.65 -50.26 -8.84
C ALA G 89 26.38 -50.63 -8.10
N VAL G 90 26.20 -50.09 -6.89
CA VAL G 90 24.96 -50.39 -6.15
C VAL G 90 23.77 -49.88 -6.94
N GLU G 91 23.89 -48.70 -7.53
CA GLU G 91 22.80 -48.15 -8.34
C GLU G 91 22.47 -49.07 -9.50
N ALA G 92 23.48 -49.46 -10.29
CA ALA G 92 23.22 -50.23 -11.50
C ALA G 92 22.64 -51.60 -11.16
N THR G 93 23.13 -52.21 -10.06
CA THR G 93 22.61 -53.51 -9.61
C THR G 93 21.14 -53.44 -9.24
N TRP G 94 20.71 -52.36 -8.60
CA TRP G 94 19.33 -52.36 -8.13
C TRP G 94 18.36 -51.86 -9.18
N ILE G 95 18.78 -50.95 -10.07
CA ILE G 95 17.92 -50.64 -11.21
C ILE G 95 17.73 -51.87 -12.09
N ALA G 96 18.80 -52.65 -12.29
CA ALA G 96 18.69 -53.87 -13.10
C ALA G 96 17.74 -54.85 -12.45
N LYS G 97 17.83 -55.00 -11.13
CA LYS G 97 16.94 -55.89 -10.41
C LYS G 97 15.47 -55.52 -10.61
N ILE G 98 15.13 -54.24 -10.51
CA ILE G 98 13.71 -53.94 -10.55
C ILE G 98 13.19 -53.96 -11.99
N LYS G 99 14.04 -53.70 -12.98
CA LYS G 99 13.59 -53.79 -14.36
C LYS G 99 13.38 -55.23 -14.80
N ALA G 100 14.06 -56.16 -14.17
CA ALA G 100 13.85 -57.59 -14.41
C ALA G 100 12.66 -58.14 -13.65
N ALA G 101 12.02 -57.35 -12.79
CA ALA G 101 10.95 -57.89 -11.95
C ALA G 101 9.75 -58.28 -12.82
N LYS G 102 9.13 -59.40 -12.47
CA LYS G 102 8.10 -59.93 -13.34
C LYS G 102 6.71 -59.45 -12.98
N SER G 103 6.51 -58.95 -11.75
CA SER G 103 5.21 -58.47 -11.30
C SER G 103 5.41 -57.25 -10.40
N LYS G 104 4.34 -56.49 -10.21
CA LYS G 104 4.37 -55.44 -9.18
C LYS G 104 4.69 -55.98 -7.79
N TYR G 105 4.43 -57.27 -7.51
CA TYR G 105 4.76 -57.78 -6.19
C TYR G 105 6.25 -58.07 -6.04
N GLU G 106 6.92 -58.51 -7.12
CA GLU G 106 8.38 -58.63 -7.08
C GLU G 106 9.02 -57.26 -7.03
N ALA G 107 8.56 -56.35 -7.90
CA ALA G 107 9.13 -55.00 -7.97
C ALA G 107 9.00 -54.27 -6.65
N GLU G 108 7.83 -54.37 -6.00
CA GLU G 108 7.64 -53.59 -4.77
C GLU G 108 8.62 -54.04 -3.71
N ARG G 109 8.84 -55.35 -3.57
CA ARG G 109 9.75 -55.82 -2.54
C ARG G 109 11.19 -55.42 -2.83
N ILE G 110 11.58 -55.37 -4.10
CA ILE G 110 12.91 -54.93 -4.47
C ILE G 110 13.12 -53.47 -4.07
N HIS G 111 12.18 -52.60 -4.43
CA HIS G 111 12.29 -51.19 -4.03
C HIS G 111 12.36 -51.06 -2.52
N ILE G 112 11.43 -51.70 -1.81
CA ILE G 112 11.38 -51.58 -0.36
C ILE G 112 12.69 -52.04 0.27
N GLU G 113 13.25 -53.14 -0.23
CA GLU G 113 14.47 -53.67 0.36
C GLU G 113 15.67 -52.81 0.01
N PHE G 114 15.69 -52.21 -1.19
CA PHE G 114 16.75 -51.26 -1.49
C PHE G 114 16.84 -50.18 -0.43
N ARG G 115 15.67 -49.66 0.01
CA ARG G 115 15.66 -48.58 0.99
C ARG G 115 16.06 -49.08 2.38
N GLN G 116 15.54 -50.24 2.79
CA GLN G 116 15.98 -50.85 4.04
C GLN G 116 17.49 -51.01 4.12
N LEU G 117 18.13 -51.37 3.01
CA LEU G 117 19.57 -51.68 3.03
C LEU G 117 20.45 -50.48 2.74
N TYR G 118 20.00 -49.54 1.91
CA TYR G 118 20.88 -48.51 1.38
C TYR G 118 20.46 -47.08 1.70
N LYS G 119 19.40 -46.88 2.48
CA LYS G 119 19.01 -45.54 2.90
C LYS G 119 20.23 -44.82 3.49
N PRO G 120 20.49 -43.57 3.11
CA PRO G 120 21.54 -42.78 3.78
C PRO G 120 21.40 -42.87 5.27
N PRO G 121 22.52 -42.92 6.04
CA PRO G 121 23.88 -42.73 5.54
C PRO G 121 24.59 -43.94 4.90
N VAL G 122 23.92 -45.06 4.62
CA VAL G 122 24.64 -46.19 4.03
C VAL G 122 25.13 -45.85 2.64
N LEU G 123 24.21 -45.41 1.76
CA LEU G 123 24.62 -44.96 0.44
C LEU G 123 24.74 -43.43 0.41
N PRO G 124 25.67 -42.84 -0.35
CA PRO G 124 25.67 -41.37 -0.50
C PRO G 124 24.34 -40.85 -1.00
N VAL G 125 23.98 -39.65 -0.50
CA VAL G 125 22.63 -39.10 -0.71
C VAL G 125 22.33 -38.93 -2.21
N ASN G 126 23.24 -38.33 -2.97
CA ASN G 126 22.96 -38.08 -4.38
C ASN G 126 22.70 -39.38 -5.15
N VAL G 127 23.52 -40.40 -4.92
CA VAL G 127 23.32 -41.68 -5.59
C VAL G 127 22.01 -42.29 -5.14
N PHE G 128 21.77 -42.31 -3.83
CA PHE G 128 20.55 -42.93 -3.31
C PHE G 128 19.32 -42.29 -3.89
N LEU G 129 19.26 -40.94 -3.89
CA LEU G 129 18.05 -40.29 -4.35
C LEU G 129 17.78 -40.58 -5.82
N ARG G 130 18.81 -40.59 -6.67
CA ARG G 130 18.52 -40.86 -8.06
C ARG G 130 18.24 -42.34 -8.31
N THR G 131 18.85 -43.25 -7.53
CA THR G 131 18.44 -44.65 -7.63
C THR G 131 16.98 -44.84 -7.20
N ASP G 132 16.62 -44.27 -6.04
CA ASP G 132 15.25 -44.38 -5.52
C ASP G 132 14.22 -43.82 -6.52
N ALA G 133 14.56 -42.72 -7.20
CA ALA G 133 13.65 -42.22 -8.23
C ALA G 133 13.53 -43.22 -9.39
N ALA G 134 14.66 -43.79 -9.81
CA ALA G 134 14.63 -44.72 -10.96
C ALA G 134 13.75 -45.92 -10.64
N LEU G 135 13.90 -46.45 -9.44
CA LEU G 135 13.12 -47.61 -9.00
C LEU G 135 11.66 -47.26 -8.84
N GLY G 136 11.38 -46.06 -8.29
CA GLY G 136 10.01 -45.65 -8.13
C GLY G 136 9.29 -45.47 -9.44
N THR G 137 9.99 -45.01 -10.47
CA THR G 137 9.40 -44.91 -11.79
C THR G 137 8.91 -46.27 -12.28
N VAL G 138 9.77 -47.28 -12.19
CA VAL G 138 9.40 -48.64 -12.58
C VAL G 138 8.21 -49.12 -11.78
N LEU G 139 8.31 -48.98 -10.46
CA LEU G 139 7.26 -49.50 -9.57
C LEU G 139 5.92 -48.86 -9.86
N MET G 140 5.90 -47.53 -10.06
CA MET G 140 4.63 -46.85 -10.33
C MET G 140 4.03 -47.32 -11.63
N GLU G 141 4.87 -47.48 -12.66
CA GLU G 141 4.40 -47.89 -13.98
C GLU G 141 3.79 -49.28 -13.93
N ILE G 142 4.40 -50.21 -13.21
CA ILE G 142 3.85 -51.57 -13.19
C ILE G 142 2.59 -51.63 -12.31
N ARG G 143 2.51 -50.85 -11.23
CA ARG G 143 1.31 -50.82 -10.41
C ARG G 143 0.16 -50.11 -11.12
N ASN G 144 0.45 -49.06 -11.85
CA ASN G 144 -0.60 -48.27 -12.51
C ASN G 144 -1.00 -48.83 -13.86
N THR G 145 -0.61 -50.07 -14.14
CA THR G 145 -1.06 -50.81 -15.30
C THR G 145 -2.26 -51.65 -14.88
N ASP G 146 -3.42 -51.39 -15.49
CA ASP G 146 -4.70 -52.06 -15.16
C ASP G 146 -4.99 -51.98 -13.67
N TYR G 147 -4.96 -50.76 -13.14
CA TYR G 147 -5.05 -50.55 -11.69
C TYR G 147 -6.32 -51.14 -11.11
N TYR G 148 -7.43 -51.07 -11.86
CA TYR G 148 -8.73 -51.51 -11.37
C TYR G 148 -9.07 -52.91 -11.84
N GLY G 149 -8.11 -53.63 -12.42
CA GLY G 149 -8.43 -54.85 -13.14
C GLY G 149 -8.73 -56.03 -12.24
N THR G 150 -8.09 -56.08 -11.08
CA THR G 150 -8.31 -57.16 -10.12
C THR G 150 -9.38 -56.75 -9.13
N PRO G 151 -10.44 -57.54 -8.95
CA PRO G 151 -11.42 -57.24 -7.90
C PRO G 151 -10.77 -57.25 -6.52
N LEU G 152 -11.42 -56.55 -5.57
CA LEU G 152 -10.88 -56.46 -4.22
C LEU G 152 -10.66 -57.85 -3.60
N GLU G 153 -11.58 -58.79 -3.86
CA GLU G 153 -11.43 -60.12 -3.31
C GLU G 153 -10.15 -60.78 -3.82
N GLY G 154 -9.83 -60.53 -5.09
CA GLY G 154 -8.60 -61.08 -5.63
C GLY G 154 -7.36 -60.38 -5.09
N LEU G 155 -7.41 -59.05 -4.97
CA LEU G 155 -6.31 -58.29 -4.39
C LEU G 155 -6.01 -58.71 -2.96
N ARG G 156 -7.06 -58.98 -2.18
CA ARG G 156 -6.82 -59.41 -0.80
C ARG G 156 -6.02 -60.71 -0.77
N LYS G 157 -6.32 -61.63 -1.70
CA LYS G 157 -5.58 -62.88 -1.78
C LYS G 157 -4.18 -62.68 -2.34
N GLU G 158 -4.03 -61.82 -3.36
CA GLU G 158 -2.69 -61.55 -3.89
C GLU G 158 -1.82 -60.90 -2.84
N ARG G 159 -2.39 -59.99 -2.04
CA ARG G 159 -1.60 -59.36 -0.98
C ARG G 159 -1.27 -60.36 0.13
N GLY G 160 -2.18 -61.29 0.42
CA GLY G 160 -1.97 -62.26 1.48
C GLY G 160 -2.47 -61.84 2.85
N VAL G 161 -3.50 -61.00 2.92
CA VAL G 161 -4.03 -60.61 4.22
C VAL G 161 -4.81 -61.78 4.82
N LYS G 162 -4.88 -61.81 6.14
CA LYS G 162 -5.91 -62.55 6.86
C LYS G 162 -7.08 -61.59 7.00
N VAL G 163 -8.20 -61.89 6.35
CA VAL G 163 -9.35 -61.02 6.47
C VAL G 163 -10.00 -61.27 7.83
N LEU G 164 -10.04 -60.25 8.68
CA LEU G 164 -10.62 -60.41 10.01
C LEU G 164 -12.06 -59.93 10.09
N HIS G 165 -12.46 -59.01 9.21
CA HIS G 165 -13.82 -58.52 9.27
C HIS G 165 -14.14 -57.83 7.96
N LEU G 166 -15.32 -58.14 7.41
CA LEU G 166 -15.90 -57.43 6.28
C LEU G 166 -17.33 -57.07 6.64
N GLN G 167 -17.60 -55.78 6.79
CA GLN G 167 -18.96 -55.33 7.06
C GLN G 167 -19.88 -55.72 5.91
N ALA G 168 -21.09 -56.14 6.24
CA ALA G 168 -22.09 -56.47 5.21
C ALA G 168 -22.57 -55.23 4.47
N SER H 1 -27.92 -21.39 -20.90
CA SER H 1 -29.01 -20.41 -21.00
C SER H 1 -29.04 -19.50 -19.77
N SER H 2 -29.74 -18.38 -19.91
CA SER H 2 -29.90 -17.45 -18.80
C SER H 2 -30.49 -18.15 -17.57
N ALA H 3 -31.59 -18.90 -17.74
CA ALA H 3 -32.20 -19.61 -16.62
C ALA H 3 -31.24 -20.65 -16.05
N ALA H 4 -30.51 -21.35 -16.92
CA ALA H 4 -29.60 -22.41 -16.48
C ALA H 4 -28.37 -21.85 -15.77
N ASN H 5 -28.05 -20.57 -15.97
CA ASN H 5 -26.89 -19.95 -15.34
C ASN H 5 -27.20 -19.29 -14.00
N ALA H 6 -28.44 -19.41 -13.53
CA ALA H 6 -28.77 -18.97 -12.18
C ALA H 6 -28.05 -19.86 -11.17
N TYR H 7 -27.54 -19.23 -10.10
CA TYR H 7 -26.87 -20.00 -9.05
C TYR H 7 -27.78 -21.09 -8.50
N ASN H 8 -29.06 -20.78 -8.28
CA ASN H 8 -30.04 -21.73 -7.76
C ASN H 8 -30.90 -22.36 -8.86
N ALA H 9 -30.32 -22.62 -10.03
CA ALA H 9 -31.07 -23.21 -11.14
C ALA H 9 -31.31 -24.70 -10.90
N GLY H 10 -32.41 -25.20 -11.49
CA GLY H 10 -32.62 -26.63 -11.53
C GLY H 10 -32.80 -27.22 -10.14
N ILE H 11 -32.02 -28.27 -9.84
CA ILE H 11 -32.13 -28.98 -8.56
C ILE H 11 -31.93 -28.03 -7.39
N MET H 12 -31.13 -26.98 -7.58
CA MET H 12 -30.89 -26.02 -6.50
C MET H 12 -32.17 -25.32 -6.05
N GLN H 13 -33.25 -25.38 -6.84
CA GLN H 13 -34.54 -24.84 -6.38
C GLN H 13 -35.23 -25.77 -5.38
N LYS H 14 -34.94 -27.05 -5.46
CA LYS H 14 -35.65 -28.04 -4.66
C LYS H 14 -35.09 -28.10 -3.25
N THR H 15 -35.93 -28.51 -2.30
CA THR H 15 -35.55 -28.66 -0.90
C THR H 15 -36.02 -30.01 -0.39
N GLY H 16 -35.50 -30.39 0.78
CA GLY H 16 -35.97 -31.58 1.47
C GLY H 16 -35.87 -32.83 0.60
N LYS H 17 -36.91 -33.66 0.66
CA LYS H 17 -36.91 -34.93 -0.08
C LYS H 17 -36.89 -34.72 -1.59
N ALA H 18 -37.59 -33.67 -2.07
CA ALA H 18 -37.53 -33.31 -3.49
C ALA H 18 -36.08 -33.15 -3.94
N PHE H 19 -35.27 -32.45 -3.15
CA PHE H 19 -33.86 -32.31 -3.50
C PHE H 19 -33.15 -33.66 -3.50
N ALA H 20 -33.34 -34.45 -2.44
CA ALA H 20 -32.62 -35.72 -2.35
C ALA H 20 -32.95 -36.64 -3.52
N ASP H 21 -34.22 -36.65 -3.96
CA ASP H 21 -34.64 -37.55 -5.03
C ASP H 21 -33.92 -37.25 -6.34
N GLU H 22 -33.78 -35.96 -6.70
CA GLU H 22 -33.03 -35.66 -7.91
C GLU H 22 -31.53 -35.84 -7.69
N PHE H 23 -31.03 -35.44 -6.52
CA PHE H 23 -29.60 -35.53 -6.22
C PHE H 23 -29.11 -36.97 -6.35
N PHE H 24 -29.93 -37.94 -5.95
CA PHE H 24 -29.54 -39.35 -6.00
C PHE H 24 -30.14 -40.09 -7.19
N ALA H 25 -30.73 -39.38 -8.14
CA ALA H 25 -31.25 -40.02 -9.33
C ALA H 25 -30.11 -40.65 -10.12
N GLU H 26 -30.41 -41.81 -10.73
CA GLU H 26 -29.39 -42.59 -11.42
C GLU H 26 -28.62 -41.75 -12.44
N GLU H 27 -29.33 -40.94 -13.24
CA GLU H 27 -28.71 -40.18 -14.32
C GLU H 27 -27.82 -39.04 -13.81
N ASN H 28 -27.91 -38.68 -12.53
CA ASN H 28 -27.06 -37.64 -11.95
C ASN H 28 -25.90 -38.25 -11.14
N GLN H 29 -25.48 -39.47 -11.46
CA GLN H 29 -24.32 -40.09 -10.85
C GLN H 29 -23.06 -40.00 -11.71
N VAL H 30 -23.15 -39.34 -12.87
CA VAL H 30 -22.01 -39.01 -13.71
C VAL H 30 -22.10 -37.52 -14.05
N VAL H 31 -20.95 -36.90 -14.34
CA VAL H 31 -20.93 -35.48 -14.68
C VAL H 31 -21.62 -35.28 -16.04
N HIS H 32 -22.16 -34.09 -16.24
CA HIS H 32 -22.78 -33.71 -17.52
C HIS H 32 -22.04 -32.52 -18.08
N GLU H 33 -21.53 -32.67 -19.30
CA GLU H 33 -20.84 -31.57 -19.99
C GLU H 33 -21.65 -30.29 -19.89
N SER H 34 -20.96 -29.20 -19.57
CA SER H 34 -21.56 -27.89 -19.49
C SER H 34 -20.81 -26.94 -20.44
N ASN H 35 -21.57 -26.07 -21.12
CA ASN H 35 -21.00 -25.04 -21.99
C ASN H 35 -20.79 -23.71 -21.27
N ALA H 36 -20.97 -23.69 -19.95
CA ALA H 36 -20.90 -22.47 -19.17
C ALA H 36 -19.48 -22.21 -18.69
N VAL H 37 -19.24 -20.97 -18.28
CA VAL H 37 -18.05 -20.60 -17.51
C VAL H 37 -18.52 -19.87 -16.26
N VAL H 38 -17.70 -19.91 -15.21
CA VAL H 38 -17.98 -19.18 -13.99
C VAL H 38 -16.80 -18.26 -13.71
N LEU H 39 -17.10 -17.00 -13.40
CA LEU H 39 -16.09 -16.00 -13.08
C LEU H 39 -16.48 -15.34 -11.77
N VAL H 40 -15.55 -15.29 -10.84
CA VAL H 40 -15.75 -14.69 -9.53
C VAL H 40 -14.91 -13.43 -9.47
N LEU H 41 -15.55 -12.30 -9.16
CA LEU H 41 -14.85 -11.03 -8.98
C LEU H 41 -15.02 -10.59 -7.54
N MET H 42 -13.91 -10.43 -6.82
CA MET H 42 -14.06 -9.95 -5.45
C MET H 42 -14.45 -8.48 -5.45
N LYS H 43 -15.31 -8.10 -4.52
CA LYS H 43 -15.86 -6.76 -4.51
C LYS H 43 -14.80 -5.73 -4.13
N SER H 44 -14.77 -4.64 -4.90
CA SER H 44 -13.93 -3.47 -4.64
C SER H 44 -14.50 -2.32 -5.47
N ASP H 45 -13.99 -1.13 -5.19
CA ASP H 45 -14.41 0.05 -5.94
C ASP H 45 -14.29 -0.19 -7.45
N GLU H 46 -13.11 -0.66 -7.89
CA GLU H 46 -12.86 -0.85 -9.32
C GLU H 46 -13.73 -1.96 -9.91
N ILE H 47 -13.89 -3.06 -9.17
CA ILE H 47 -14.67 -4.19 -9.69
C ILE H 47 -16.15 -3.84 -9.77
N ASP H 48 -16.66 -3.12 -8.76
CA ASP H 48 -18.06 -2.73 -8.76
C ASP H 48 -18.36 -1.82 -9.96
N ALA H 49 -17.41 -0.96 -10.33
CA ALA H 49 -17.55 -0.16 -11.56
C ALA H 49 -17.56 -1.04 -12.80
N ILE H 50 -16.66 -2.03 -12.84
CA ILE H 50 -16.55 -2.94 -13.98
C ILE H 50 -17.85 -3.73 -14.15
N ILE H 51 -18.37 -4.28 -13.06
CA ILE H 51 -19.62 -5.04 -13.11
C ILE H 51 -20.75 -4.22 -13.73
N GLU H 52 -20.98 -3.02 -13.18
CA GLU H 52 -22.15 -2.24 -13.57
C GLU H 52 -22.05 -1.74 -15.00
N ASP H 53 -20.88 -1.20 -15.38
CA ASP H 53 -20.74 -0.45 -16.63
C ASP H 53 -20.09 -1.25 -17.77
N ILE H 54 -19.57 -2.45 -17.50
CA ILE H 54 -18.99 -3.25 -18.57
C ILE H 54 -19.70 -4.59 -18.65
N VAL H 55 -19.59 -5.42 -17.61
CA VAL H 55 -20.19 -6.77 -17.66
C VAL H 55 -21.70 -6.68 -17.88
N LEU H 56 -22.37 -5.81 -17.13
CA LEU H 56 -23.82 -5.71 -17.17
C LEU H 56 -24.33 -4.83 -18.31
N LYS H 57 -23.43 -4.13 -19.02
CA LYS H 57 -23.83 -3.30 -20.15
C LYS H 57 -23.36 -3.97 -21.41
N GLY H 58 -22.17 -3.63 -21.94
CA GLY H 58 -21.72 -4.23 -23.19
C GLY H 58 -21.56 -5.73 -23.11
N GLY H 59 -21.11 -6.24 -21.95
CA GLY H 59 -20.94 -7.67 -21.80
C GLY H 59 -22.22 -8.44 -22.03
N LYS H 60 -23.30 -8.03 -21.34
CA LYS H 60 -24.57 -8.72 -21.46
C LYS H 60 -25.26 -8.41 -22.79
N ALA H 61 -25.00 -7.24 -23.37
CA ALA H 61 -25.42 -6.98 -24.75
C ALA H 61 -24.86 -8.05 -25.68
N LYS H 62 -23.55 -8.29 -25.61
CA LYS H 62 -22.96 -9.30 -26.48
C LYS H 62 -23.34 -10.72 -26.06
N ASN H 63 -23.47 -10.98 -24.75
CA ASN H 63 -23.77 -12.30 -24.22
C ASN H 63 -24.96 -12.22 -23.27
N PRO H 64 -26.19 -12.29 -23.80
CA PRO H 64 -27.37 -12.16 -22.92
C PRO H 64 -27.53 -13.28 -21.89
N SER H 65 -26.80 -14.41 -22.02
CA SER H 65 -26.89 -15.47 -21.03
C SER H 65 -26.17 -15.17 -19.72
N ILE H 66 -25.46 -14.03 -19.63
CA ILE H 66 -24.74 -13.66 -18.41
C ILE H 66 -25.70 -13.52 -17.24
N VAL H 67 -25.35 -14.15 -16.12
CA VAL H 67 -26.02 -13.97 -14.84
C VAL H 67 -24.98 -13.51 -13.82
N VAL H 68 -25.29 -12.44 -13.09
CA VAL H 68 -24.45 -11.91 -12.02
C VAL H 68 -25.24 -12.03 -10.72
N GLU H 69 -24.65 -12.67 -9.71
CA GLU H 69 -25.30 -12.74 -8.39
C GLU H 69 -24.43 -12.12 -7.30
N ASP H 70 -25.10 -11.53 -6.32
CA ASP H 70 -24.46 -10.90 -5.18
C ASP H 70 -24.18 -11.98 -4.13
N LYS H 71 -22.89 -12.23 -3.86
CA LYS H 71 -22.50 -13.24 -2.86
C LYS H 71 -21.77 -12.62 -1.66
N ALA H 72 -22.14 -11.38 -1.31
CA ALA H 72 -21.69 -10.63 -0.14
C ALA H 72 -20.32 -10.04 -0.40
N GLY H 73 -19.26 -10.85 -0.33
CA GLY H 73 -17.94 -10.35 -0.59
C GLY H 73 -17.46 -10.46 -2.02
N PHE H 74 -18.17 -11.21 -2.87
CA PHE H 74 -17.78 -11.34 -4.27
C PHE H 74 -19.02 -11.29 -5.16
N TRP H 75 -18.78 -11.03 -6.46
CA TRP H 75 -19.76 -11.22 -7.52
C TRP H 75 -19.52 -12.59 -8.16
N TRP H 76 -20.59 -13.37 -8.29
CA TRP H 76 -20.58 -14.66 -8.97
C TRP H 76 -21.17 -14.44 -10.35
N ILE H 77 -20.41 -14.76 -11.39
CA ILE H 77 -20.84 -14.54 -12.78
C ILE H 77 -20.83 -15.88 -13.50
N LYS H 78 -21.94 -16.21 -14.15
CA LYS H 78 -22.00 -17.42 -14.96
C LYS H 78 -22.60 -17.06 -16.31
N ALA H 79 -21.99 -17.60 -17.37
CA ALA H 79 -22.42 -17.27 -18.72
C ALA H 79 -22.13 -18.44 -19.64
N ASP H 80 -22.85 -18.49 -20.76
CA ASP H 80 -22.60 -19.49 -21.80
C ASP H 80 -21.42 -19.06 -22.66
N GLY H 81 -20.56 -20.02 -22.98
CA GLY H 81 -19.49 -19.75 -23.91
C GLY H 81 -18.24 -19.13 -23.32
N ALA H 82 -18.31 -17.85 -22.93
CA ALA H 82 -17.12 -17.13 -22.53
C ALA H 82 -17.52 -15.78 -21.93
N ILE H 83 -16.68 -15.27 -21.04
CA ILE H 83 -16.78 -13.93 -20.49
C ILE H 83 -15.46 -13.23 -20.78
N GLU H 84 -15.52 -11.97 -21.22
CA GLU H 84 -14.29 -11.21 -21.45
C GLU H 84 -14.39 -9.87 -20.76
N ILE H 85 -13.24 -9.35 -20.35
CA ILE H 85 -13.15 -8.00 -19.79
C ILE H 85 -11.88 -7.35 -20.34
N ASP H 86 -12.04 -6.21 -21.01
CA ASP H 86 -10.92 -5.48 -21.60
C ASP H 86 -10.39 -4.50 -20.57
N ALA H 87 -9.15 -4.75 -20.10
CA ALA H 87 -8.58 -3.90 -19.07
C ALA H 87 -8.48 -2.44 -19.52
N ALA H 88 -8.22 -2.20 -20.81
CA ALA H 88 -8.15 -0.82 -21.28
C ALA H 88 -9.50 -0.12 -21.16
N GLU H 89 -10.60 -0.83 -21.45
CA GLU H 89 -11.93 -0.25 -21.28
C GLU H 89 -12.19 0.07 -19.81
N ALA H 90 -11.79 -0.83 -18.91
CA ALA H 90 -11.91 -0.56 -17.48
C ALA H 90 -11.08 0.65 -17.05
N GLY H 91 -9.85 0.77 -17.55
CA GLY H 91 -9.01 1.90 -17.20
C GLY H 91 -9.60 3.22 -17.67
N GLU H 92 -10.25 3.20 -18.84
CA GLU H 92 -11.02 4.36 -19.30
C GLU H 92 -12.13 4.69 -18.31
N LEU H 93 -12.79 3.68 -17.78
CA LEU H 93 -13.90 3.92 -16.87
C LEU H 93 -13.38 4.47 -15.54
N LEU H 94 -12.22 4.02 -15.08
CA LEU H 94 -11.72 4.37 -13.76
C LEU H 94 -10.90 5.66 -13.74
N GLY H 95 -10.36 6.07 -14.87
CA GLY H 95 -9.54 7.28 -14.90
C GLY H 95 -8.14 7.14 -14.30
N LYS H 96 -7.59 5.94 -14.20
CA LYS H 96 -6.27 5.74 -13.60
C LYS H 96 -5.57 4.58 -14.29
N PRO H 97 -4.24 4.49 -14.18
CA PRO H 97 -3.51 3.38 -14.84
C PRO H 97 -4.12 2.03 -14.49
N PHE H 98 -4.31 1.17 -15.51
CA PHE H 98 -5.03 -0.09 -15.30
C PHE H 98 -4.66 -1.10 -16.40
N SER H 99 -3.57 -1.83 -16.18
CA SER H 99 -3.19 -2.89 -17.10
C SER H 99 -4.05 -4.14 -16.85
N VAL H 100 -3.84 -5.15 -17.71
CA VAL H 100 -4.51 -6.44 -17.49
C VAL H 100 -4.03 -7.08 -16.19
N TYR H 101 -2.78 -6.82 -15.78
CA TYR H 101 -2.31 -7.35 -14.50
C TYR H 101 -3.02 -6.67 -13.34
N ASP H 102 -3.27 -5.36 -13.46
CA ASP H 102 -4.05 -4.64 -12.45
C ASP H 102 -5.47 -5.19 -12.37
N LEU H 103 -6.07 -5.52 -13.52
CA LEU H 103 -7.41 -6.13 -13.53
C LEU H 103 -7.44 -7.41 -12.71
N LEU H 104 -6.35 -8.18 -12.75
CA LEU H 104 -6.27 -9.44 -12.03
C LEU H 104 -6.21 -9.28 -10.51
N ILE H 105 -5.98 -8.07 -10.00
CA ILE H 105 -5.90 -7.85 -8.55
C ILE H 105 -7.16 -8.34 -7.84
N ASN H 106 -8.32 -8.25 -8.49
CA ASN H 106 -9.58 -8.64 -7.86
C ASN H 106 -10.37 -9.66 -8.69
N VAL H 107 -9.75 -10.30 -9.68
CA VAL H 107 -10.37 -11.47 -10.33
C VAL H 107 -10.04 -12.67 -9.47
N SER H 108 -11.03 -13.17 -8.71
CA SER H 108 -10.73 -14.16 -7.68
C SER H 108 -10.71 -15.58 -8.23
N SER H 109 -11.73 -15.99 -8.98
CA SER H 109 -11.79 -17.39 -9.39
C SER H 109 -12.41 -17.54 -10.77
N THR H 110 -12.16 -18.71 -11.37
CA THR H 110 -12.52 -19.04 -12.74
C THR H 110 -12.86 -20.52 -12.82
N VAL H 111 -14.03 -20.84 -13.38
CA VAL H 111 -14.33 -22.22 -13.73
C VAL H 111 -14.41 -22.25 -15.24
N GLY H 112 -13.34 -22.72 -15.87
CA GLY H 112 -13.18 -22.59 -17.30
C GLY H 112 -11.74 -22.32 -17.68
N ARG H 113 -11.48 -22.16 -18.97
CA ARG H 113 -10.15 -21.89 -19.49
C ARG H 113 -9.93 -20.37 -19.52
N ALA H 114 -9.06 -19.86 -18.65
CA ALA H 114 -8.78 -18.44 -18.53
C ALA H 114 -7.39 -18.13 -19.06
N TYR H 115 -7.22 -16.89 -19.52
CA TYR H 115 -5.96 -16.44 -20.12
C TYR H 115 -6.06 -14.95 -20.41
N THR H 116 -4.91 -14.32 -20.63
CA THR H 116 -4.86 -12.94 -21.07
C THR H 116 -4.33 -12.87 -22.50
N LEU H 117 -4.75 -11.84 -23.22
CA LEU H 117 -4.32 -11.62 -24.59
C LEU H 117 -4.36 -10.11 -24.85
N GLY H 118 -3.19 -9.48 -24.81
CA GLY H 118 -3.13 -8.03 -24.92
C GLY H 118 -3.62 -7.36 -23.66
N THR H 119 -4.60 -6.48 -23.79
CA THR H 119 -5.23 -5.85 -22.63
C THR H 119 -6.46 -6.61 -22.13
N LYS H 120 -6.81 -7.73 -22.75
CA LYS H 120 -8.10 -8.38 -22.53
C LYS H 120 -7.93 -9.67 -21.72
N PHE H 121 -8.77 -9.82 -20.72
CA PHE H 121 -8.89 -11.05 -19.95
C PHE H 121 -10.08 -11.85 -20.45
N THR H 122 -9.90 -13.16 -20.59
CA THR H 122 -10.93 -14.04 -21.16
C THR H 122 -11.03 -15.33 -20.36
N ILE H 123 -12.26 -15.75 -20.05
CA ILE H 123 -12.52 -17.09 -19.56
C ILE H 123 -13.52 -17.74 -20.51
N THR H 124 -13.19 -18.93 -21.01
CA THR H 124 -13.91 -19.52 -22.12
C THR H 124 -14.20 -21.00 -21.85
N SER H 125 -15.31 -21.46 -22.43
CA SER H 125 -15.65 -22.88 -22.36
C SER H 125 -14.75 -23.72 -23.27
N GLU H 126 -14.08 -23.09 -24.22
CA GLU H 126 -13.24 -23.81 -25.18
C GLU H 126 -12.10 -24.52 -24.47
N LEU H 127 -11.73 -25.69 -24.99
CA LEU H 127 -10.57 -26.44 -24.53
C LEU H 127 -9.43 -26.21 -25.53
N MET H 128 -8.73 -25.08 -25.36
CA MET H 128 -7.63 -24.77 -26.26
C MET H 128 -6.57 -25.87 -26.19
N GLY H 129 -6.02 -26.21 -27.36
CA GLY H 129 -5.14 -27.33 -27.49
C GLY H 129 -5.83 -28.65 -27.77
N LEU H 130 -7.15 -28.71 -27.57
CA LEU H 130 -7.95 -29.87 -27.99
C LEU H 130 -8.99 -29.47 -29.03
N ASP H 131 -9.89 -28.53 -28.71
CA ASP H 131 -10.80 -28.00 -29.70
C ASP H 131 -10.02 -27.39 -30.87
N ARG H 132 -10.48 -27.67 -32.08
CA ARG H 132 -9.82 -27.13 -33.28
C ARG H 132 -10.35 -25.75 -33.65
FE FE I . -3.96 20.88 6.00
FE FE J . -1.68 22.54 7.99
C1 EDO K . -27.25 31.76 28.26
O1 EDO K . -28.66 31.53 28.29
C2 EDO K . -26.98 33.24 28.09
O2 EDO K . -27.64 33.70 26.92
C1 EDO L . -44.82 38.12 1.56
O1 EDO L . -43.85 38.61 0.61
C2 EDO L . -44.28 36.89 2.30
O2 EDO L . -44.09 35.87 1.32
C1 EDO M . -26.44 20.22 6.76
O1 EDO M . -26.50 18.83 6.38
C2 EDO M . -26.01 21.15 5.62
O2 EDO M . -25.02 20.50 4.80
C1 EDO N . -36.55 48.57 2.24
O1 EDO N . -37.00 47.72 3.33
C2 EDO N . -36.71 47.87 0.88
O2 EDO N . -35.70 46.85 0.67
C BEZ O . -4.55 23.60 7.43
O1 BEZ O . -4.65 22.85 6.43
O2 BEZ O . -3.44 23.76 8.02
C1 BEZ O . -5.77 24.26 7.97
C2 BEZ O . -7.01 23.87 7.49
C3 BEZ O . -8.17 24.46 8.01
C4 BEZ O . -8.05 25.44 9.01
C5 BEZ O . -6.80 25.83 9.48
C6 BEZ O . -5.64 25.23 8.98
C1 EDO P . -5.69 37.49 9.16
O1 EDO P . -5.82 37.25 10.57
C2 EDO P . -6.55 38.67 8.72
O2 EDO P . -7.93 38.43 9.02
C1 EDO Q . -26.98 24.75 3.03
O1 EDO Q . -26.21 23.83 3.84
C2 EDO Q . -27.58 25.84 3.91
O2 EDO Q . -28.25 26.84 3.10
C1 EDO R . -16.29 42.40 24.80
O1 EDO R . -15.34 42.35 25.87
C2 EDO R . -17.71 42.22 25.32
O2 EDO R . -18.63 42.78 24.36
C1 EDO S . -7.14 42.11 9.80
O1 EDO S . -7.99 43.05 9.14
C2 EDO S . -6.21 42.92 10.70
O2 EDO S . -5.39 43.77 9.90
C1 EDO T . 0.06 -2.24 5.32
O1 EDO T . 1.31 -2.97 5.25
C2 EDO T . -0.09 -1.52 6.66
O2 EDO T . 1.05 -0.68 6.90
C1 EDO U . -6.96 35.04 -31.99
O1 EDO U . -7.62 33.77 -32.01
C2 EDO U . -7.74 35.99 -31.08
O2 EDO U . -7.07 37.27 -31.07
C1 EDO V . -6.33 6.22 -6.21
O1 EDO V . -7.51 5.51 -6.63
C2 EDO V . -5.61 5.53 -5.06
O2 EDO V . -4.88 4.39 -5.53
C1 EDO W . 9.28 9.86 -19.67
O1 EDO W . 7.88 9.54 -19.73
C2 EDO W . 9.42 11.34 -19.33
O2 EDO W . 8.86 11.56 -18.01
C1 EDO X . -1.28 5.78 -7.70
O1 EDO X . -2.20 6.75 -8.29
C2 EDO X . -0.69 4.84 -8.76
O2 EDO X . -0.23 5.61 -9.90
C1 EDO Y . -7.63 21.51 -25.27
O1 EDO Y . -8.71 22.44 -25.17
C2 EDO Y . -7.38 20.79 -23.93
O2 EDO Y . -8.43 19.82 -23.70
C1 EDO Z . 45.01 15.72 -13.67
O1 EDO Z . 45.60 14.97 -12.61
C2 EDO Z . 45.76 17.04 -13.81
O2 EDO Z . 45.40 17.67 -15.05
C1 EDO AA . -23.55 46.90 -12.22
O1 EDO AA . -22.24 46.52 -12.70
C2 EDO AA . -23.45 47.62 -10.89
O2 EDO AA . -23.07 46.70 -9.83
C1 EDO BA . 5.09 56.48 -24.88
O1 EDO BA . 4.40 57.47 -24.10
C2 EDO BA . 4.82 55.10 -24.30
O2 EDO BA . 5.20 54.12 -25.28
C1 EDO CA . 2.37 2.62 11.81
O1 EDO CA . 1.20 2.83 12.63
C2 EDO CA . 2.22 1.41 10.90
O2 EDO CA . 3.42 0.62 10.86
C1 EDO DA . -12.84 -0.42 19.22
O1 EDO DA . -11.68 0.41 19.40
C2 EDO DA . -13.83 0.14 18.20
O2 EDO DA . -14.30 1.46 18.54
C1 EDO EA . 1.65 -6.55 7.97
O1 EDO EA . 2.63 -6.11 8.92
C2 EDO EA . 1.98 -5.98 6.60
O2 EDO EA . 2.05 -4.56 6.72
FE FE FA . -2.70 -21.62 -2.69
FE FE GA . -2.66 -22.95 -5.90
C1 EDO HA . 0.98 -23.48 30.32
O1 EDO HA . 2.35 -23.10 30.49
C2 EDO HA . 0.54 -23.22 28.91
O2 EDO HA . 1.23 -24.03 27.92
C1 EDO IA . 18.91 14.27 -32.11
O1 EDO IA . 18.59 13.06 -32.83
C2 EDO IA . 18.63 14.02 -30.64
O2 EDO IA . 17.28 13.53 -30.52
C1 EDO JA . -12.97 -50.31 24.76
O1 EDO JA . -13.81 -49.65 25.71
C2 EDO JA . -13.57 -50.22 23.35
O2 EDO JA . -12.62 -50.58 22.33
C BEZ KA . -3.67 -24.52 -3.40
O1 BEZ KA . -3.38 -24.57 -4.63
O2 BEZ KA . -3.18 -23.64 -2.65
C1 BEZ KA . -4.66 -25.50 -2.86
C2 BEZ KA . -5.13 -26.52 -3.66
C3 BEZ KA . -6.06 -27.42 -3.17
C4 BEZ KA . -6.52 -27.31 -1.85
C5 BEZ KA . -6.05 -26.26 -1.04
C6 BEZ KA . -5.11 -25.35 -1.55
C1 EDO LA . -13.15 -31.84 17.05
O1 EDO LA . -12.64 -30.67 17.73
C2 EDO LA . -12.92 -33.19 17.73
O2 EDO LA . -11.57 -33.72 17.63
C1 EDO MA . -29.26 -20.07 10.58
O1 EDO MA . -29.29 -19.64 9.18
C2 EDO MA . -30.33 -21.12 10.85
O2 EDO MA . -29.99 -21.95 11.96
C1 EDO NA . -30.65 -42.63 20.35
O1 EDO NA . -29.63 -42.00 21.13
C2 EDO NA . -31.96 -42.23 21.03
O2 EDO NA . -31.57 -41.12 21.86
C1 EDO OA . 26.20 0.16 -9.93
O1 EDO OA . 25.54 1.43 -9.85
C2 EDO OA . 26.58 -0.27 -8.50
O2 EDO OA . 25.96 -1.52 -8.21
C1 EDO PA . 22.83 -5.96 2.64
O1 EDO PA . 22.83 -6.13 4.07
C2 EDO PA . 21.84 -6.94 1.99
O2 EDO PA . 21.39 -6.45 0.70
C1 EDO QA . -22.82 -14.95 26.43
O1 EDO QA . -22.23 -13.74 26.89
C2 EDO QA . -21.73 -16.02 26.33
O2 EDO QA . -21.07 -16.13 27.61
C1 EDO RA . 40.24 -5.46 -29.66
O1 EDO RA . 41.35 -6.05 -28.93
C2 EDO RA . 40.00 -4.05 -29.14
O2 EDO RA . 39.06 -3.42 -30.01
C1 EDO SA . 32.98 -29.54 -13.87
O1 EDO SA . 33.75 -28.37 -14.17
C2 EDO SA . 31.60 -29.10 -13.39
O2 EDO SA . 31.62 -28.80 -11.97
C1 EDO TA . 31.05 -32.66 -4.74
O1 EDO TA . 31.06 -33.66 -3.73
C2 EDO TA . 30.45 -33.20 -6.04
O2 EDO TA . 29.03 -33.54 -5.92
C1 EDO UA . 5.77 -49.19 21.13
O1 EDO UA . 6.87 -48.51 20.49
C2 EDO UA . 4.85 -49.91 20.13
O2 EDO UA . 4.23 -48.97 19.22
C1 EDO VA . 33.77 -50.36 4.49
O1 EDO VA . 34.22 -51.18 5.58
C2 EDO VA . 33.37 -49.02 5.06
O2 EDO VA . 34.39 -48.59 5.96
C1 EDO WA . -22.00 -4.24 -1.27
O1 EDO WA . -22.27 -4.76 -2.59
C2 EDO WA . -22.96 -4.81 -0.21
O2 EDO WA . -22.73 -6.21 -0.01
#